data_1EFQ
# 
_entry.id   1EFQ 
# 
_audit_conform.dict_name       mmcif_pdbx.dic 
_audit_conform.dict_version    5.398 
_audit_conform.dict_location   http://mmcif.pdb.org/dictionaries/ascii/mmcif_pdbx.dic 
# 
loop_
_database_2.database_id 
_database_2.database_code 
_database_2.pdbx_database_accession 
_database_2.pdbx_DOI 
PDB   1EFQ         pdb_00001efq 10.2210/pdb1efq/pdb 
RCSB  RCSB010532   ?            ?                   
WWPDB D_1000010532 ?            ?                   
# 
loop_
_pdbx_audit_revision_history.ordinal 
_pdbx_audit_revision_history.data_content_type 
_pdbx_audit_revision_history.major_revision 
_pdbx_audit_revision_history.minor_revision 
_pdbx_audit_revision_history.revision_date 
1 'Structure model' 1 0 2001-02-09 
2 'Structure model' 1 1 2008-04-27 
3 'Structure model' 1 2 2011-07-13 
4 'Structure model' 1 3 2021-11-03 
5 'Structure model' 1 4 2024-10-30 
# 
_pdbx_audit_revision_details.ordinal             1 
_pdbx_audit_revision_details.revision_ordinal    1 
_pdbx_audit_revision_details.data_content_type   'Structure model' 
_pdbx_audit_revision_details.provider            repository 
_pdbx_audit_revision_details.type                'Initial release' 
_pdbx_audit_revision_details.description         ? 
_pdbx_audit_revision_details.details             ? 
# 
loop_
_pdbx_audit_revision_group.ordinal 
_pdbx_audit_revision_group.revision_ordinal 
_pdbx_audit_revision_group.data_content_type 
_pdbx_audit_revision_group.group 
1 2 'Structure model' 'Version format compliance' 
2 3 'Structure model' 'Version format compliance' 
3 4 'Structure model' 'Database references'       
4 4 'Structure model' 'Derived calculations'      
5 5 'Structure model' 'Data collection'           
6 5 'Structure model' 'Structure summary'         
# 
loop_
_pdbx_audit_revision_category.ordinal 
_pdbx_audit_revision_category.revision_ordinal 
_pdbx_audit_revision_category.data_content_type 
_pdbx_audit_revision_category.category 
1 4 'Structure model' database_2                
2 4 'Structure model' pdbx_struct_conn_angle    
3 4 'Structure model' struct_conn               
4 4 'Structure model' struct_ref_seq_dif        
5 4 'Structure model' struct_site               
6 5 'Structure model' chem_comp_atom            
7 5 'Structure model' chem_comp_bond            
8 5 'Structure model' pdbx_entry_details        
9 5 'Structure model' pdbx_modification_feature 
# 
loop_
_pdbx_audit_revision_item.ordinal 
_pdbx_audit_revision_item.revision_ordinal 
_pdbx_audit_revision_item.data_content_type 
_pdbx_audit_revision_item.item 
1  4 'Structure model' '_database_2.pdbx_DOI'                         
2  4 'Structure model' '_database_2.pdbx_database_accession'          
3  4 'Structure model' '_pdbx_struct_conn_angle.ptnr1_auth_comp_id'   
4  4 'Structure model' '_pdbx_struct_conn_angle.ptnr1_auth_seq_id'    
5  4 'Structure model' '_pdbx_struct_conn_angle.ptnr1_label_atom_id'  
6  4 'Structure model' '_pdbx_struct_conn_angle.ptnr1_label_comp_id'  
7  4 'Structure model' '_pdbx_struct_conn_angle.ptnr1_label_seq_id'   
8  4 'Structure model' '_pdbx_struct_conn_angle.ptnr1_symmetry'       
9  4 'Structure model' '_pdbx_struct_conn_angle.ptnr3_auth_comp_id'   
10 4 'Structure model' '_pdbx_struct_conn_angle.ptnr3_auth_seq_id'    
11 4 'Structure model' '_pdbx_struct_conn_angle.ptnr3_label_atom_id'  
12 4 'Structure model' '_pdbx_struct_conn_angle.ptnr3_label_comp_id'  
13 4 'Structure model' '_pdbx_struct_conn_angle.ptnr3_label_seq_id'   
14 4 'Structure model' '_pdbx_struct_conn_angle.ptnr3_symmetry'       
15 4 'Structure model' '_pdbx_struct_conn_angle.value'                
16 4 'Structure model' '_struct_conn.pdbx_dist_value'                 
17 4 'Structure model' '_struct_conn.ptnr1_auth_comp_id'              
18 4 'Structure model' '_struct_conn.ptnr1_auth_seq_id'               
19 4 'Structure model' '_struct_conn.ptnr1_label_asym_id'             
20 4 'Structure model' '_struct_conn.ptnr1_label_atom_id'             
21 4 'Structure model' '_struct_conn.ptnr1_label_comp_id'             
22 4 'Structure model' '_struct_conn.ptnr1_label_seq_id'              
23 4 'Structure model' '_struct_conn.ptnr1_symmetry'                  
24 4 'Structure model' '_struct_conn.ptnr2_auth_comp_id'              
25 4 'Structure model' '_struct_conn.ptnr2_auth_seq_id'               
26 4 'Structure model' '_struct_conn.ptnr2_label_asym_id'             
27 4 'Structure model' '_struct_conn.ptnr2_label_atom_id'             
28 4 'Structure model' '_struct_conn.ptnr2_label_comp_id'             
29 4 'Structure model' '_struct_conn.ptnr2_label_seq_id'              
30 4 'Structure model' '_struct_conn.ptnr2_symmetry'                  
31 4 'Structure model' '_struct_ref_seq_dif.details'                  
32 4 'Structure model' '_struct_site.pdbx_auth_asym_id'               
33 4 'Structure model' '_struct_site.pdbx_auth_comp_id'               
34 4 'Structure model' '_struct_site.pdbx_auth_seq_id'                
35 5 'Structure model' '_pdbx_entry_details.has_protein_modification' 
# 
_pdbx_database_status.status_code                     REL 
_pdbx_database_status.entry_id                        1EFQ 
_pdbx_database_status.recvd_initial_deposition_date   2000-02-09 
_pdbx_database_status.deposit_site                    RCSB 
_pdbx_database_status.process_site                    RCSB 
_pdbx_database_status.status_code_sf                  REL 
_pdbx_database_status.status_code_mr                  ? 
_pdbx_database_status.SG_entry                        ? 
_pdbx_database_status.pdb_format_compatible           Y 
_pdbx_database_status.status_code_cs                  ? 
_pdbx_database_status.status_code_nmr_data            ? 
_pdbx_database_status.methods_development_category    ? 
# 
loop_
_pdbx_database_related.db_name 
_pdbx_database_related.db_id 
_pdbx_database_related.details 
_pdbx_database_related.content_type 
PDB 1EEU 
;Effect of Aspartic Acid in Beta-sheet Regions  
on Protein Stability
;
unspecified 
PDB 1LVE 
;Native Len in orthorhombic  
crystal form
;
unspecified 
PDB 2LVE 
;recombinant Len in hexagonal 
crystal form
;
unspecified 
# 
loop_
_audit_author.name 
_audit_author.pdbx_ordinal 
'Pokkuluri, P.R.' 1 
'Cai, X.'         2 
'Gu, M.'          3 
'Stevens, F.J.'   4 
'Schiffer, M.'    5 
# 
_citation.id                        primary 
_citation.title                     
'Factors contributing to decreased protein stability when aspartic acid residues are in beta-sheet regions.' 
_citation.journal_abbrev            'Protein Sci.' 
_citation.journal_volume            11 
_citation.page_first                1687 
_citation.page_last                 1694 
_citation.year                      2002 
_citation.journal_id_ASTM           PRCIEI 
_citation.country                   US 
_citation.journal_id_ISSN           0961-8368 
_citation.journal_id_CSD            0795 
_citation.book_publisher            ? 
_citation.pdbx_database_id_PubMed   12070321 
_citation.pdbx_database_id_DOI      10.1110/ps.4920102 
# 
loop_
_citation_author.citation_id 
_citation_author.name 
_citation_author.ordinal 
_citation_author.identifier_ORCID 
primary 'Pokkuluri, P.R.' 1 ? 
primary 'Gu, M.'          2 ? 
primary 'Cai, X.'         3 ? 
primary 'Raffen, R.'      4 ? 
primary 'Stevens, F.J.'   5 ? 
primary 'Schiffer, M.'    6 ? 
# 
loop_
_entity.id 
_entity.type 
_entity.src_method 
_entity.pdbx_description 
_entity.formula_weight 
_entity.pdbx_number_of_molecules 
_entity.pdbx_ec 
_entity.pdbx_mutation 
_entity.pdbx_fragment 
_entity.details 
1 polymer     man 'KAPPA-4 IMMUNOGLOBULIN (LIGHT CHAIN)' 12636.971 1   ? Q38D ? ? 
2 non-polymer syn 'URANYL (VI) ION'                      270.028   1   ? ?    ? ? 
3 non-polymer syn 'ZINC ION'                             65.409    1   ? ?    ? ? 
4 water       nat water                                  18.015    101 ? ?    ? ? 
# 
_entity_poly.entity_id                      1 
_entity_poly.type                           'polypeptide(L)' 
_entity_poly.nstd_linkage                   no 
_entity_poly.nstd_monomer                   no 
_entity_poly.pdbx_seq_one_letter_code       
;DIVMTQSPDSLAVSLGERATINCKSSQSVLYSSNSKNYLAWYQDKPGQPPKLLIYWASTRESGVPDRFSGSGSGTDFTLT
ISSLQAEDVAVYYCQQYYSTPYSFGQGTKLEIKR
;
_entity_poly.pdbx_seq_one_letter_code_can   
;DIVMTQSPDSLAVSLGERATINCKSSQSVLYSSNSKNYLAWYQDKPGQPPKLLIYWASTRESGVPDRFSGSGSGTDFTLT
ISSLQAEDVAVYYCQQYYSTPYSFGQGTKLEIKR
;
_entity_poly.pdbx_strand_id                 A 
_entity_poly.pdbx_target_identifier         ? 
# 
loop_
_pdbx_entity_nonpoly.entity_id 
_pdbx_entity_nonpoly.name 
_pdbx_entity_nonpoly.comp_id 
2 'URANYL (VI) ION' IUM 
3 'ZINC ION'        ZN  
4 water             HOH 
# 
loop_
_entity_poly_seq.entity_id 
_entity_poly_seq.num 
_entity_poly_seq.mon_id 
_entity_poly_seq.hetero 
1 1   ASP n 
1 2   ILE n 
1 3   VAL n 
1 4   MET n 
1 5   THR n 
1 6   GLN n 
1 7   SER n 
1 8   PRO n 
1 9   ASP n 
1 10  SER n 
1 11  LEU n 
1 12  ALA n 
1 13  VAL n 
1 14  SER n 
1 15  LEU n 
1 16  GLY n 
1 17  GLU n 
1 18  ARG n 
1 19  ALA n 
1 20  THR n 
1 21  ILE n 
1 22  ASN n 
1 23  CYS n 
1 24  LYS n 
1 25  SER n 
1 26  SER n 
1 27  GLN n 
1 28  SER n 
1 29  VAL n 
1 30  LEU n 
1 31  TYR n 
1 32  SER n 
1 33  SER n 
1 34  ASN n 
1 35  SER n 
1 36  LYS n 
1 37  ASN n 
1 38  TYR n 
1 39  LEU n 
1 40  ALA n 
1 41  TRP n 
1 42  TYR n 
1 43  GLN n 
1 44  ASP n 
1 45  LYS n 
1 46  PRO n 
1 47  GLY n 
1 48  GLN n 
1 49  PRO n 
1 50  PRO n 
1 51  LYS n 
1 52  LEU n 
1 53  LEU n 
1 54  ILE n 
1 55  TYR n 
1 56  TRP n 
1 57  ALA n 
1 58  SER n 
1 59  THR n 
1 60  ARG n 
1 61  GLU n 
1 62  SER n 
1 63  GLY n 
1 64  VAL n 
1 65  PRO n 
1 66  ASP n 
1 67  ARG n 
1 68  PHE n 
1 69  SER n 
1 70  GLY n 
1 71  SER n 
1 72  GLY n 
1 73  SER n 
1 74  GLY n 
1 75  THR n 
1 76  ASP n 
1 77  PHE n 
1 78  THR n 
1 79  LEU n 
1 80  THR n 
1 81  ILE n 
1 82  SER n 
1 83  SER n 
1 84  LEU n 
1 85  GLN n 
1 86  ALA n 
1 87  GLU n 
1 88  ASP n 
1 89  VAL n 
1 90  ALA n 
1 91  VAL n 
1 92  TYR n 
1 93  TYR n 
1 94  CYS n 
1 95  GLN n 
1 96  GLN n 
1 97  TYR n 
1 98  TYR n 
1 99  SER n 
1 100 THR n 
1 101 PRO n 
1 102 TYR n 
1 103 SER n 
1 104 PHE n 
1 105 GLY n 
1 106 GLN n 
1 107 GLY n 
1 108 THR n 
1 109 LYS n 
1 110 LEU n 
1 111 GLU n 
1 112 ILE n 
1 113 LYS n 
1 114 ARG n 
# 
_entity_src_gen.entity_id                          1 
_entity_src_gen.pdbx_src_id                        1 
_entity_src_gen.pdbx_alt_source_flag               sample 
_entity_src_gen.pdbx_seq_type                      ? 
_entity_src_gen.pdbx_beg_seq_num                   ? 
_entity_src_gen.pdbx_end_seq_num                   ? 
_entity_src_gen.gene_src_common_name               human 
_entity_src_gen.gene_src_genus                     Homo 
_entity_src_gen.pdbx_gene_src_gene                 ? 
_entity_src_gen.gene_src_species                   ? 
_entity_src_gen.gene_src_strain                    ? 
_entity_src_gen.gene_src_tissue                    ? 
_entity_src_gen.gene_src_tissue_fraction           ? 
_entity_src_gen.gene_src_details                   ? 
_entity_src_gen.pdbx_gene_src_fragment             ? 
_entity_src_gen.pdbx_gene_src_scientific_name      'Homo sapiens' 
_entity_src_gen.pdbx_gene_src_ncbi_taxonomy_id     9606 
_entity_src_gen.pdbx_gene_src_variant              ? 
_entity_src_gen.pdbx_gene_src_cell_line            ? 
_entity_src_gen.pdbx_gene_src_atcc                 ? 
_entity_src_gen.pdbx_gene_src_organ                ? 
_entity_src_gen.pdbx_gene_src_organelle            ? 
_entity_src_gen.pdbx_gene_src_cell                 ? 
_entity_src_gen.pdbx_gene_src_cellular_location    ? 
_entity_src_gen.host_org_common_name               ? 
_entity_src_gen.pdbx_host_org_scientific_name      'Escherichia coli' 
_entity_src_gen.pdbx_host_org_ncbi_taxonomy_id     562 
_entity_src_gen.host_org_genus                     Escherichia 
_entity_src_gen.pdbx_host_org_gene                 ? 
_entity_src_gen.pdbx_host_org_organ                ? 
_entity_src_gen.host_org_species                   ? 
_entity_src_gen.pdbx_host_org_tissue               ? 
_entity_src_gen.pdbx_host_org_tissue_fraction      ? 
_entity_src_gen.pdbx_host_org_strain               ? 
_entity_src_gen.pdbx_host_org_variant              ? 
_entity_src_gen.pdbx_host_org_cell_line            ? 
_entity_src_gen.pdbx_host_org_atcc                 ? 
_entity_src_gen.pdbx_host_org_culture_collection   ? 
_entity_src_gen.pdbx_host_org_cell                 ? 
_entity_src_gen.pdbx_host_org_organelle            ? 
_entity_src_gen.pdbx_host_org_cellular_location    ? 
_entity_src_gen.pdbx_host_org_vector_type          ? 
_entity_src_gen.pdbx_host_org_vector               ? 
_entity_src_gen.host_org_details                   ? 
_entity_src_gen.expression_system_id               ? 
_entity_src_gen.plasmid_name                       PASK40 
_entity_src_gen.plasmid_details                    ? 
_entity_src_gen.pdbx_description                   ? 
# 
loop_
_chem_comp.id 
_chem_comp.type 
_chem_comp.mon_nstd_flag 
_chem_comp.name 
_chem_comp.pdbx_synonyms 
_chem_comp.formula 
_chem_comp.formula_weight 
ALA 'L-peptide linking' y ALANINE           ? 'C3 H7 N O2'     89.093  
ARG 'L-peptide linking' y ARGININE          ? 'C6 H15 N4 O2 1' 175.209 
ASN 'L-peptide linking' y ASPARAGINE        ? 'C4 H8 N2 O3'    132.118 
ASP 'L-peptide linking' y 'ASPARTIC ACID'   ? 'C4 H7 N O4'     133.103 
CYS 'L-peptide linking' y CYSTEINE          ? 'C3 H7 N O2 S'   121.158 
GLN 'L-peptide linking' y GLUTAMINE         ? 'C5 H10 N2 O3'   146.144 
GLU 'L-peptide linking' y 'GLUTAMIC ACID'   ? 'C5 H9 N O4'     147.129 
GLY 'peptide linking'   y GLYCINE           ? 'C2 H5 N O2'     75.067  
HOH non-polymer         . WATER             ? 'H2 O'           18.015  
ILE 'L-peptide linking' y ISOLEUCINE        ? 'C6 H13 N O2'    131.173 
IUM non-polymer         . 'URANYL (VI) ION' ? 'O2 U 2'         270.028 
LEU 'L-peptide linking' y LEUCINE           ? 'C6 H13 N O2'    131.173 
LYS 'L-peptide linking' y LYSINE            ? 'C6 H15 N2 O2 1' 147.195 
MET 'L-peptide linking' y METHIONINE        ? 'C5 H11 N O2 S'  149.211 
PHE 'L-peptide linking' y PHENYLALANINE     ? 'C9 H11 N O2'    165.189 
PRO 'L-peptide linking' y PROLINE           ? 'C5 H9 N O2'     115.130 
SER 'L-peptide linking' y SERINE            ? 'C3 H7 N O3'     105.093 
THR 'L-peptide linking' y THREONINE         ? 'C4 H9 N O3'     119.119 
TRP 'L-peptide linking' y TRYPTOPHAN        ? 'C11 H12 N2 O2'  204.225 
TYR 'L-peptide linking' y TYROSINE          ? 'C9 H11 N O3'    181.189 
VAL 'L-peptide linking' y VALINE            ? 'C5 H11 N O2'    117.146 
ZN  non-polymer         . 'ZINC ION'        ? 'Zn 2'           65.409  
# 
loop_
_pdbx_poly_seq_scheme.asym_id 
_pdbx_poly_seq_scheme.entity_id 
_pdbx_poly_seq_scheme.seq_id 
_pdbx_poly_seq_scheme.mon_id 
_pdbx_poly_seq_scheme.ndb_seq_num 
_pdbx_poly_seq_scheme.pdb_seq_num 
_pdbx_poly_seq_scheme.auth_seq_num 
_pdbx_poly_seq_scheme.pdb_mon_id 
_pdbx_poly_seq_scheme.auth_mon_id 
_pdbx_poly_seq_scheme.pdb_strand_id 
_pdbx_poly_seq_scheme.pdb_ins_code 
_pdbx_poly_seq_scheme.hetero 
A 1 1   ASP 1   1   1   ASP ASP A . n 
A 1 2   ILE 2   2   2   ILE ILE A . n 
A 1 3   VAL 3   3   3   VAL VAL A . n 
A 1 4   MET 4   4   4   MET MET A . n 
A 1 5   THR 5   5   5   THR THR A . n 
A 1 6   GLN 6   6   6   GLN GLN A . n 
A 1 7   SER 7   7   7   SER SER A . n 
A 1 8   PRO 8   8   8   PRO PRO A . n 
A 1 9   ASP 9   9   9   ASP ASP A . n 
A 1 10  SER 10  10  10  SER SER A . n 
A 1 11  LEU 11  11  11  LEU LEU A . n 
A 1 12  ALA 12  12  12  ALA ALA A . n 
A 1 13  VAL 13  13  13  VAL VAL A . n 
A 1 14  SER 14  14  14  SER SER A . n 
A 1 15  LEU 15  15  15  LEU LEU A . n 
A 1 16  GLY 16  16  16  GLY GLY A . n 
A 1 17  GLU 17  17  17  GLU GLU A . n 
A 1 18  ARG 18  18  18  ARG ARG A . n 
A 1 19  ALA 19  19  19  ALA ALA A . n 
A 1 20  THR 20  20  20  THR THR A . n 
A 1 21  ILE 21  21  21  ILE ILE A . n 
A 1 22  ASN 22  22  22  ASN ASN A . n 
A 1 23  CYS 23  23  23  CYS CYS A . n 
A 1 24  LYS 24  24  24  LYS LYS A . n 
A 1 25  SER 25  25  25  SER SER A . n 
A 1 26  SER 26  26  26  SER SER A . n 
A 1 27  GLN 27  27  27  GLN GLN A . n 
A 1 28  SER 28  27  27  SER SER A A n 
A 1 29  VAL 29  27  27  VAL VAL A B n 
A 1 30  LEU 30  27  27  LEU LEU A C n 
A 1 31  TYR 31  27  27  TYR TYR A D n 
A 1 32  SER 32  27  27  SER SER A E n 
A 1 33  SER 33  27  27  SER SER A F n 
A 1 34  ASN 34  28  28  ASN ASN A . n 
A 1 35  SER 35  29  29  SER SER A . n 
A 1 36  LYS 36  30  30  LYS LYS A . n 
A 1 37  ASN 37  31  31  ASN ASN A . n 
A 1 38  TYR 38  32  32  TYR TYR A . n 
A 1 39  LEU 39  33  33  LEU LEU A . n 
A 1 40  ALA 40  34  34  ALA ALA A . n 
A 1 41  TRP 41  35  35  TRP TRP A . n 
A 1 42  TYR 42  36  36  TYR TYR A . n 
A 1 43  GLN 43  37  37  GLN GLN A . n 
A 1 44  ASP 44  38  38  ASP ASP A . n 
A 1 45  LYS 45  39  39  LYS LYS A . n 
A 1 46  PRO 46  40  40  PRO PRO A . n 
A 1 47  GLY 47  41  41  GLY GLY A . n 
A 1 48  GLN 48  42  42  GLN GLN A . n 
A 1 49  PRO 49  43  43  PRO PRO A . n 
A 1 50  PRO 50  44  44  PRO PRO A . n 
A 1 51  LYS 51  45  45  LYS LYS A . n 
A 1 52  LEU 52  46  46  LEU LEU A . n 
A 1 53  LEU 53  47  47  LEU LEU A . n 
A 1 54  ILE 54  48  48  ILE ILE A . n 
A 1 55  TYR 55  49  49  TYR TYR A . n 
A 1 56  TRP 56  50  50  TRP TRP A . n 
A 1 57  ALA 57  51  51  ALA ALA A . n 
A 1 58  SER 58  52  52  SER SER A . n 
A 1 59  THR 59  53  53  THR THR A . n 
A 1 60  ARG 60  54  54  ARG ARG A . n 
A 1 61  GLU 61  55  55  GLU GLU A . n 
A 1 62  SER 62  56  56  SER SER A . n 
A 1 63  GLY 63  57  57  GLY GLY A . n 
A 1 64  VAL 64  58  58  VAL VAL A . n 
A 1 65  PRO 65  59  59  PRO PRO A . n 
A 1 66  ASP 66  60  60  ASP ASP A . n 
A 1 67  ARG 67  61  61  ARG ARG A . n 
A 1 68  PHE 68  62  62  PHE PHE A . n 
A 1 69  SER 69  63  63  SER SER A . n 
A 1 70  GLY 70  64  64  GLY GLY A . n 
A 1 71  SER 71  65  65  SER SER A . n 
A 1 72  GLY 72  66  66  GLY GLY A . n 
A 1 73  SER 73  67  67  SER SER A . n 
A 1 74  GLY 74  68  68  GLY GLY A . n 
A 1 75  THR 75  69  69  THR THR A . n 
A 1 76  ASP 76  70  70  ASP ASP A . n 
A 1 77  PHE 77  71  71  PHE PHE A . n 
A 1 78  THR 78  72  72  THR THR A . n 
A 1 79  LEU 79  73  73  LEU LEU A . n 
A 1 80  THR 80  74  74  THR THR A . n 
A 1 81  ILE 81  75  75  ILE ILE A . n 
A 1 82  SER 82  76  76  SER SER A . n 
A 1 83  SER 83  77  77  SER SER A . n 
A 1 84  LEU 84  78  78  LEU LEU A . n 
A 1 85  GLN 85  79  79  GLN GLN A . n 
A 1 86  ALA 86  80  80  ALA ALA A . n 
A 1 87  GLU 87  81  81  GLU GLU A . n 
A 1 88  ASP 88  82  82  ASP ASP A . n 
A 1 89  VAL 89  83  83  VAL VAL A . n 
A 1 90  ALA 90  84  84  ALA ALA A . n 
A 1 91  VAL 91  85  85  VAL VAL A . n 
A 1 92  TYR 92  86  86  TYR TYR A . n 
A 1 93  TYR 93  87  87  TYR TYR A . n 
A 1 94  CYS 94  88  88  CYS CYS A . n 
A 1 95  GLN 95  89  89  GLN GLN A . n 
A 1 96  GLN 96  90  90  GLN GLN A . n 
A 1 97  TYR 97  91  91  TYR TYR A . n 
A 1 98  TYR 98  92  92  TYR TYR A . n 
A 1 99  SER 99  93  93  SER SER A . n 
A 1 100 THR 100 94  94  THR THR A . n 
A 1 101 PRO 101 95  95  PRO PRO A . n 
A 1 102 TYR 102 96  96  TYR TYR A . n 
A 1 103 SER 103 97  97  SER SER A . n 
A 1 104 PHE 104 98  98  PHE PHE A . n 
A 1 105 GLY 105 99  99  GLY GLY A . n 
A 1 106 GLN 106 100 100 GLN GLN A . n 
A 1 107 GLY 107 101 101 GLY GLY A . n 
A 1 108 THR 108 102 102 THR THR A . n 
A 1 109 LYS 109 103 103 LYS LYS A . n 
A 1 110 LEU 110 104 104 LEU LEU A . n 
A 1 111 GLU 111 105 105 GLU GLU A . n 
A 1 112 ILE 112 106 106 ILE ILE A . n 
A 1 113 LYS 113 107 107 LYS LYS A . n 
A 1 114 ARG 114 108 ?   ?   ?   A . n 
# 
loop_
_pdbx_nonpoly_scheme.asym_id 
_pdbx_nonpoly_scheme.entity_id 
_pdbx_nonpoly_scheme.mon_id 
_pdbx_nonpoly_scheme.ndb_seq_num 
_pdbx_nonpoly_scheme.pdb_seq_num 
_pdbx_nonpoly_scheme.auth_seq_num 
_pdbx_nonpoly_scheme.pdb_mon_id 
_pdbx_nonpoly_scheme.auth_mon_id 
_pdbx_nonpoly_scheme.pdb_strand_id 
_pdbx_nonpoly_scheme.pdb_ins_code 
B 2 IUM 1   199 199 IUM IUM A . 
C 3 ZN  1   200 200 ZN  ZN  A . 
D 4 HOH 1   201 201 HOH WAT A . 
D 4 HOH 2   202 202 HOH WAT A . 
D 4 HOH 3   203 203 HOH WAT A . 
D 4 HOH 4   204 204 HOH WAT A . 
D 4 HOH 5   205 205 HOH WAT A . 
D 4 HOH 6   206 206 HOH WAT A . 
D 4 HOH 7   207 207 HOH WAT A . 
D 4 HOH 8   208 208 HOH WAT A . 
D 4 HOH 9   209 209 HOH WAT A . 
D 4 HOH 10  210 210 HOH WAT A . 
D 4 HOH 11  211 211 HOH WAT A . 
D 4 HOH 12  212 212 HOH WAT A . 
D 4 HOH 13  213 213 HOH WAT A . 
D 4 HOH 14  214 214 HOH WAT A . 
D 4 HOH 15  215 215 HOH WAT A . 
D 4 HOH 16  216 216 HOH WAT A . 
D 4 HOH 17  217 217 HOH WAT A . 
D 4 HOH 18  218 218 HOH WAT A . 
D 4 HOH 19  219 219 HOH WAT A . 
D 4 HOH 20  220 220 HOH WAT A . 
D 4 HOH 21  221 221 HOH WAT A . 
D 4 HOH 22  222 222 HOH WAT A . 
D 4 HOH 23  223 223 HOH WAT A . 
D 4 HOH 24  224 224 HOH WAT A . 
D 4 HOH 25  225 225 HOH WAT A . 
D 4 HOH 26  226 226 HOH WAT A . 
D 4 HOH 27  227 227 HOH WAT A . 
D 4 HOH 28  228 228 HOH WAT A . 
D 4 HOH 29  229 229 HOH WAT A . 
D 4 HOH 30  230 230 HOH WAT A . 
D 4 HOH 31  231 231 HOH WAT A . 
D 4 HOH 32  232 232 HOH WAT A . 
D 4 HOH 33  233 233 HOH WAT A . 
D 4 HOH 34  234 234 HOH WAT A . 
D 4 HOH 35  235 235 HOH WAT A . 
D 4 HOH 36  236 236 HOH WAT A . 
D 4 HOH 37  237 237 HOH WAT A . 
D 4 HOH 38  238 238 HOH WAT A . 
D 4 HOH 39  239 239 HOH WAT A . 
D 4 HOH 40  240 240 HOH WAT A . 
D 4 HOH 41  241 241 HOH WAT A . 
D 4 HOH 42  242 242 HOH WAT A . 
D 4 HOH 43  243 243 HOH WAT A . 
D 4 HOH 44  244 244 HOH WAT A . 
D 4 HOH 45  245 245 HOH WAT A . 
D 4 HOH 46  246 246 HOH WAT A . 
D 4 HOH 47  247 247 HOH WAT A . 
D 4 HOH 48  248 248 HOH WAT A . 
D 4 HOH 49  249 249 HOH WAT A . 
D 4 HOH 50  250 250 HOH WAT A . 
D 4 HOH 51  251 251 HOH WAT A . 
D 4 HOH 52  252 252 HOH WAT A . 
D 4 HOH 53  253 253 HOH WAT A . 
D 4 HOH 54  254 254 HOH WAT A . 
D 4 HOH 55  255 255 HOH WAT A . 
D 4 HOH 56  256 256 HOH WAT A . 
D 4 HOH 57  257 257 HOH WAT A . 
D 4 HOH 58  258 258 HOH WAT A . 
D 4 HOH 59  259 259 HOH WAT A . 
D 4 HOH 60  260 260 HOH WAT A . 
D 4 HOH 61  261 261 HOH WAT A . 
D 4 HOH 62  262 262 HOH WAT A . 
D 4 HOH 63  263 263 HOH WAT A . 
D 4 HOH 64  264 264 HOH WAT A . 
D 4 HOH 65  265 265 HOH WAT A . 
D 4 HOH 66  266 266 HOH WAT A . 
D 4 HOH 67  267 267 HOH WAT A . 
D 4 HOH 68  268 268 HOH WAT A . 
D 4 HOH 69  269 269 HOH WAT A . 
D 4 HOH 70  270 270 HOH WAT A . 
D 4 HOH 71  271 271 HOH WAT A . 
D 4 HOH 72  272 272 HOH WAT A . 
D 4 HOH 73  273 273 HOH WAT A . 
D 4 HOH 74  274 274 HOH WAT A . 
D 4 HOH 75  275 275 HOH WAT A . 
D 4 HOH 76  276 276 HOH WAT A . 
D 4 HOH 77  277 277 HOH WAT A . 
D 4 HOH 78  278 278 HOH WAT A . 
D 4 HOH 79  279 279 HOH WAT A . 
D 4 HOH 80  280 280 HOH WAT A . 
D 4 HOH 81  281 281 HOH WAT A . 
D 4 HOH 82  282 282 HOH WAT A . 
D 4 HOH 83  283 283 HOH WAT A . 
D 4 HOH 84  284 284 HOH WAT A . 
D 4 HOH 85  285 285 HOH WAT A . 
D 4 HOH 86  286 286 HOH WAT A . 
D 4 HOH 87  287 287 HOH WAT A . 
D 4 HOH 88  288 288 HOH WAT A . 
D 4 HOH 89  289 289 HOH WAT A . 
D 4 HOH 90  290 290 HOH WAT A . 
D 4 HOH 91  291 291 HOH WAT A . 
D 4 HOH 92  292 292 HOH WAT A . 
D 4 HOH 93  293 293 HOH WAT A . 
D 4 HOH 94  294 294 HOH WAT A . 
D 4 HOH 95  295 295 HOH WAT A . 
D 4 HOH 96  296 296 HOH WAT A . 
D 4 HOH 97  297 297 HOH WAT A . 
D 4 HOH 98  298 298 HOH WAT A . 
D 4 HOH 99  299 299 HOH WAT A . 
D 4 HOH 100 300 300 HOH WAT A . 
D 4 HOH 101 301 301 HOH WAT A . 
# 
loop_
_pdbx_unobs_or_zero_occ_atoms.id 
_pdbx_unobs_or_zero_occ_atoms.PDB_model_num 
_pdbx_unobs_or_zero_occ_atoms.polymer_flag 
_pdbx_unobs_or_zero_occ_atoms.occupancy_flag 
_pdbx_unobs_or_zero_occ_atoms.auth_asym_id 
_pdbx_unobs_or_zero_occ_atoms.auth_comp_id 
_pdbx_unobs_or_zero_occ_atoms.auth_seq_id 
_pdbx_unobs_or_zero_occ_atoms.PDB_ins_code 
_pdbx_unobs_or_zero_occ_atoms.auth_atom_id 
_pdbx_unobs_or_zero_occ_atoms.label_alt_id 
_pdbx_unobs_or_zero_occ_atoms.label_asym_id 
_pdbx_unobs_or_zero_occ_atoms.label_comp_id 
_pdbx_unobs_or_zero_occ_atoms.label_seq_id 
_pdbx_unobs_or_zero_occ_atoms.label_atom_id 
1  1 Y 1 A ASP 9   ? CG  ? A ASP 9   CG  
2  1 Y 1 A ASP 9   ? OD1 ? A ASP 9   OD1 
3  1 Y 1 A ASP 9   ? OD2 ? A ASP 9   OD2 
4  1 Y 1 A SER 10  ? OG  ? A SER 10  OG  
5  1 Y 1 A VAL 13  ? CG1 ? A VAL 13  CG1 
6  1 Y 1 A VAL 13  ? CG2 ? A VAL 13  CG2 
7  1 Y 1 A ARG 18  ? CG  ? A ARG 18  CG  
8  1 Y 1 A ARG 18  ? CD  ? A ARG 18  CD  
9  1 Y 1 A ARG 18  ? NE  ? A ARG 18  NE  
10 1 Y 1 A ARG 18  ? CZ  ? A ARG 18  CZ  
11 1 Y 1 A ARG 18  ? NH1 ? A ARG 18  NH1 
12 1 Y 1 A ARG 18  ? NH2 ? A ARG 18  NH2 
13 1 Y 1 A THR 20  ? OG1 ? A THR 20  OG1 
14 1 Y 1 A THR 20  ? CG2 ? A THR 20  CG2 
15 1 Y 1 A SER 56  ? OG  ? A SER 62  OG  
16 1 Y 1 A LEU 78  ? CG  ? A LEU 84  CG  
17 1 Y 1 A LEU 78  ? CD1 ? A LEU 84  CD1 
18 1 Y 1 A LEU 78  ? CD2 ? A LEU 84  CD2 
19 1 Y 1 A ILE 106 ? CG1 ? A ILE 112 CG1 
20 1 Y 1 A ILE 106 ? CG2 ? A ILE 112 CG2 
21 1 Y 1 A ILE 106 ? CD1 ? A ILE 112 CD1 
# 
loop_
_software.name 
_software.classification 
_software.version 
_software.citation_id 
_software.pdbx_ordinal 
DENZO     'data reduction' .   ? 1 
SCALEPACK 'data scaling'   .   ? 2 
AMoRE     phasing          .   ? 3 
X-PLOR    refinement       3.1 ? 4 
# 
_cell.entry_id           1EFQ 
_cell.length_a           65.8 
_cell.length_b           65.8 
_cell.length_c           48.1 
_cell.angle_alpha        90.0 
_cell.angle_beta         90.0 
_cell.angle_gamma        120.0 
_cell.Z_PDB              6 
_cell.pdbx_unique_axis   ? 
# 
_symmetry.entry_id                         1EFQ 
_symmetry.space_group_name_H-M             'P 63' 
_symmetry.pdbx_full_space_group_name_H-M   ? 
_symmetry.cell_setting                     ? 
_symmetry.Int_Tables_number                173 
_symmetry.space_group_name_Hall            ? 
# 
_exptl.entry_id          1EFQ 
_exptl.method            'X-RAY DIFFRACTION' 
_exptl.crystals_number   1 
# 
_exptl_crystal.id                    1 
_exptl_crystal.density_meas          ? 
_exptl_crystal.density_Matthews      2.38 
_exptl_crystal.density_percent_sol   48.27 
_exptl_crystal.description           ? 
_exptl_crystal.F_000                 ? 
_exptl_crystal.preparation           ? 
# 
_exptl_crystal_grow.crystal_id      1 
_exptl_crystal_grow.method          'VAPOR DIFFUSION, HANGING DROP' 
_exptl_crystal_grow.temp            298 
_exptl_crystal_grow.temp_details    ? 
_exptl_crystal_grow.pH              6.5 
_exptl_crystal_grow.pdbx_details    
;25% PEG monomethylether 550, 
0.01 M zinc sulfate, 0.1 M MES pH 6.5, 
0.001M Uranyl Acetate, VAPOR DIFFUSION, HANGING DROP, temperature 298K
;
_exptl_crystal_grow.pdbx_pH_range   . 
# 
_diffrn.id                     1 
_diffrn.ambient_temp           100 
_diffrn.ambient_temp_details   ? 
_diffrn.crystal_id             1 
# 
_diffrn_detector.diffrn_id              1 
_diffrn_detector.detector               CCD 
_diffrn_detector.type                   CUSTOM-MADE 
_diffrn_detector.pdbx_collection_date   1998-02-19 
_diffrn_detector.details                ? 
# 
_diffrn_radiation.diffrn_id                        1 
_diffrn_radiation.wavelength_id                    1 
_diffrn_radiation.pdbx_monochromatic_or_laue_m_l   M 
_diffrn_radiation.monochromator                    ? 
_diffrn_radiation.pdbx_diffrn_protocol             'SINGLE WAVELENGTH' 
_diffrn_radiation.pdbx_scattering_type             x-ray 
# 
_diffrn_radiation_wavelength.id           1 
_diffrn_radiation_wavelength.wavelength   1.0332 
_diffrn_radiation_wavelength.wt           1.0 
# 
_diffrn_source.diffrn_id                   1 
_diffrn_source.source                      SYNCHROTRON 
_diffrn_source.type                        'APS BEAMLINE 19-ID' 
_diffrn_source.pdbx_synchrotron_site       APS 
_diffrn_source.pdbx_synchrotron_beamline   19-ID 
_diffrn_source.pdbx_wavelength             1.0332 
_diffrn_source.pdbx_wavelength_list        ? 
# 
_reflns.entry_id                     1EFQ 
_reflns.observed_criterion_sigma_I   -3 
_reflns.observed_criterion_sigma_F   ? 
_reflns.d_resolution_low             15.0 
_reflns.d_resolution_high            1.6 
_reflns.number_obs                   15317 
_reflns.number_all                   15773 
_reflns.percent_possible_obs         97.3 
_reflns.pdbx_Rmerge_I_obs            0.074 
_reflns.pdbx_Rsym_value              ? 
_reflns.pdbx_netI_over_sigmaI        16.5 
_reflns.B_iso_Wilson_estimate        ? 
_reflns.pdbx_redundancy              16 
_reflns.R_free_details               ? 
_reflns.limit_h_max                  ? 
_reflns.limit_h_min                  ? 
_reflns.limit_k_max                  ? 
_reflns.limit_k_min                  ? 
_reflns.limit_l_max                  ? 
_reflns.limit_l_min                  ? 
_reflns.observed_criterion_F_max     ? 
_reflns.observed_criterion_F_min     ? 
_reflns.pdbx_chi_squared             ? 
_reflns.pdbx_scaling_rejects         ? 
_reflns.pdbx_diffrn_id               1 
_reflns.pdbx_ordinal                 1 
# 
_reflns_shell.d_res_high             1.60 
_reflns_shell.d_res_low              1.64 
_reflns_shell.percent_possible_all   99.7 
_reflns_shell.Rmerge_I_obs           0.204 
_reflns_shell.pdbx_Rsym_value        ? 
_reflns_shell.meanI_over_sigI_obs    ? 
_reflns_shell.pdbx_redundancy        4.0 
_reflns_shell.percent_possible_obs   ? 
_reflns_shell.number_unique_all      1009 
_reflns_shell.number_measured_all    ? 
_reflns_shell.number_measured_obs    ? 
_reflns_shell.number_unique_obs      ? 
_reflns_shell.pdbx_chi_squared       ? 
_reflns_shell.pdbx_diffrn_id         ? 
_reflns_shell.pdbx_ordinal           1 
# 
_refine.entry_id                                 1EFQ 
_refine.ls_number_reflns_obs                     14410 
_refine.ls_number_reflns_all                     15121 
_refine.pdbx_ls_sigma_I                          ? 
_refine.pdbx_ls_sigma_F                          3.0 
_refine.pdbx_data_cutoff_high_absF               ? 
_refine.pdbx_data_cutoff_low_absF                ? 
_refine.ls_d_res_low                             8.00 
_refine.ls_d_res_high                            1.60 
_refine.ls_percent_reflns_obs                    10 
_refine.ls_R_factor_obs                          ? 
_refine.ls_R_factor_all                          ? 
_refine.ls_R_factor_R_work                       0.2303 
_refine.ls_R_factor_R_free                       0.2885 
_refine.ls_R_factor_R_free_error                 ? 
_refine.ls_R_factor_R_free_error_details         ? 
_refine.ls_percent_reflns_R_free                 ? 
_refine.ls_number_reflns_R_free                  1471 
_refine.ls_number_parameters                     ? 
_refine.ls_number_restraints                     ? 
_refine.occupancy_min                            ? 
_refine.occupancy_max                            ? 
_refine.B_iso_mean                               ? 
_refine.aniso_B[1][1]                            ? 
_refine.aniso_B[2][2]                            ? 
_refine.aniso_B[3][3]                            ? 
_refine.aniso_B[1][2]                            ? 
_refine.aniso_B[1][3]                            ? 
_refine.aniso_B[2][3]                            ? 
_refine.solvent_model_details                    ? 
_refine.solvent_model_param_ksol                 ? 
_refine.solvent_model_param_bsol                 ? 
_refine.pdbx_ls_cross_valid_method               ? 
_refine.details                                  
;Due to the presence of uranyl  
ion in the crystal there is  
significant anomalous contribution to   
the diffraction at 1 Angstrom   
wavelength. When Friedel pairs are not  
averaged, the anomalous difference  
Patterson map calculated clearly showed  
the position of uranium atom.  
Using the anomalous data the final  
model has an R-factor of 0.231 and  
R-free of 0.264.  THE ELECTRON DENSITY INDICATED ANISOROPIC MOTION OF THE URANIUM
ATOM. THE POSITIONS OF URANYL OXYGENS WERE NOT CLEAR IN THE
ELECTRON DENSITY MAPS. THE OXYGEN ATOMS WERE PLACED ACCORDING
TO THE EXPECTED GEOMETRY AROUND THE URANIUM ATOM AND SEEM TO
IMPROVE BOTH R-FACTORS.
;
_refine.pdbx_starting_model                      ? 
_refine.pdbx_method_to_determine_struct          ? 
_refine.pdbx_isotropic_thermal_model             ? 
_refine.pdbx_stereochemistry_target_values       'ENGH & HUBER' 
_refine.pdbx_stereochem_target_val_spec_case     ? 
_refine.pdbx_R_Free_selection_details            RANDOM 
_refine.pdbx_overall_ESU_R_Free                  ? 
_refine.overall_SU_B                             ? 
_refine.ls_redundancy_reflns_obs                 ? 
_refine.B_iso_min                                ? 
_refine.B_iso_max                                ? 
_refine.overall_SU_ML                            ? 
_refine.pdbx_overall_ESU_R                       ? 
_refine.pdbx_data_cutoff_high_rms_absF           ? 
_refine.correlation_coeff_Fo_to_Fc               ? 
_refine.correlation_coeff_Fo_to_Fc_free          ? 
_refine.overall_SU_R_Cruickshank_DPI             ? 
_refine.overall_SU_R_free                        ? 
_refine.pdbx_solvent_vdw_probe_radii             ? 
_refine.pdbx_solvent_ion_probe_radii             ? 
_refine.pdbx_solvent_shrinkage_radii             ? 
_refine.ls_wR_factor_R_free                      ? 
_refine.ls_wR_factor_R_work                      ? 
_refine.overall_FOM_free_R_set                   ? 
_refine.overall_FOM_work_R_set                   ? 
_refine.pdbx_refine_id                           'X-RAY DIFFRACTION' 
_refine.pdbx_diffrn_id                           1 
_refine.pdbx_TLS_residual_ADP_flag               ? 
_refine.pdbx_overall_phase_error                 ? 
_refine.pdbx_overall_SU_R_free_Cruickshank_DPI   ? 
_refine.pdbx_overall_SU_R_Blow_DPI               ? 
_refine.pdbx_overall_SU_R_free_Blow_DPI          ? 
# 
_refine_hist.pdbx_refine_id                   'X-RAY DIFFRACTION' 
_refine_hist.cycle_id                         LAST 
_refine_hist.pdbx_number_atoms_protein        857 
_refine_hist.pdbx_number_atoms_nucleic_acid   0 
_refine_hist.pdbx_number_atoms_ligand         4 
_refine_hist.number_atoms_solvent             101 
_refine_hist.number_atoms_total               962 
_refine_hist.d_res_high                       1.60 
_refine_hist.d_res_low                        8.00 
# 
loop_
_refine_ls_restr.type 
_refine_ls_restr.dev_ideal 
_refine_ls_restr.dev_ideal_target 
_refine_ls_restr.weight 
_refine_ls_restr.number 
_refine_ls_restr.pdbx_refine_id 
_refine_ls_restr.pdbx_restraint_function 
x_bond_d           0.009 ? ? ? 'X-RAY DIFFRACTION' ? 
x_angle_deg        1.57  ? ? ? 'X-RAY DIFFRACTION' ? 
x_torsion_deg      28.3  ? ? ? 'X-RAY DIFFRACTION' ? 
x_torsion_impr_deg 1.3   ? ? ? 'X-RAY DIFFRACTION' ? 
# 
_struct.entry_id                  1EFQ 
_struct.title                     'Q38D mutant of LEN' 
_struct.pdbx_model_details        ? 
_struct.pdbx_CASP_flag            ? 
_struct.pdbx_model_type_details   ? 
# 
_struct_keywords.entry_id        1EFQ 
_struct_keywords.pdbx_keywords   'IMMUNE SYSTEM' 
_struct_keywords.text            
;Human Kappa-4 Immunoglobulin Light Chain, Mutant, Monomer, Uranyl ion in crystal contact, Aspartic Acid in beta-sheet, Protein Stability, IMMUNE SYSTEM
;
# 
loop_
_struct_asym.id 
_struct_asym.pdbx_blank_PDB_chainid_flag 
_struct_asym.pdbx_modified 
_struct_asym.entity_id 
_struct_asym.details 
A N N 1 ? 
B N N 2 ? 
C N N 3 ? 
D N N 4 ? 
# 
_struct_ref.id                         1 
_struct_ref.db_name                    UNP 
_struct_ref.db_code                    KV4A_HUMAN 
_struct_ref.entity_id                  1 
_struct_ref.pdbx_db_accession          P01625 
_struct_ref.pdbx_align_begin           1 
_struct_ref.pdbx_seq_one_letter_code   
;DIVMTQSPDSLAVSLGERATINCKSSQSVLYSSNSKNYLAWYQQKPGQPPKLLIYWASTRESGVPDRFSGSGSGTDFTLT
ISSLQAEDVAVYYCQQYYSTPYSFGQGTKLEIKR
;
_struct_ref.pdbx_db_isoform            ? 
# 
_struct_ref_seq.align_id                      1 
_struct_ref_seq.ref_id                        1 
_struct_ref_seq.pdbx_PDB_id_code              1EFQ 
_struct_ref_seq.pdbx_strand_id                A 
_struct_ref_seq.seq_align_beg                 1 
_struct_ref_seq.pdbx_seq_align_beg_ins_code   ? 
_struct_ref_seq.seq_align_end                 114 
_struct_ref_seq.pdbx_seq_align_end_ins_code   ? 
_struct_ref_seq.pdbx_db_accession             P01625 
_struct_ref_seq.db_align_beg                  1 
_struct_ref_seq.pdbx_db_align_beg_ins_code    ? 
_struct_ref_seq.db_align_end                  114 
_struct_ref_seq.pdbx_db_align_end_ins_code    ? 
_struct_ref_seq.pdbx_auth_seq_align_beg       1 
_struct_ref_seq.pdbx_auth_seq_align_end       108 
# 
_struct_ref_seq_dif.align_id                     1 
_struct_ref_seq_dif.pdbx_pdb_id_code             1EFQ 
_struct_ref_seq_dif.mon_id                       ASP 
_struct_ref_seq_dif.pdbx_pdb_strand_id           A 
_struct_ref_seq_dif.seq_num                      44 
_struct_ref_seq_dif.pdbx_pdb_ins_code            ? 
_struct_ref_seq_dif.pdbx_seq_db_name             UNP 
_struct_ref_seq_dif.pdbx_seq_db_accession_code   P01625 
_struct_ref_seq_dif.db_mon_id                    GLN 
_struct_ref_seq_dif.pdbx_seq_db_seq_num          44 
_struct_ref_seq_dif.details                      'engineered mutation' 
_struct_ref_seq_dif.pdbx_auth_seq_num            38 
_struct_ref_seq_dif.pdbx_ordinal                 1 
# 
_pdbx_struct_assembly.id                   1 
_pdbx_struct_assembly.details              author_defined_assembly 
_pdbx_struct_assembly.method_details       ? 
_pdbx_struct_assembly.oligomeric_details   monomeric 
_pdbx_struct_assembly.oligomeric_count     1 
# 
_pdbx_struct_assembly_gen.assembly_id       1 
_pdbx_struct_assembly_gen.oper_expression   1 
_pdbx_struct_assembly_gen.asym_id_list      A,B,C,D 
# 
_pdbx_struct_oper_list.id                   1 
_pdbx_struct_oper_list.type                 'identity operation' 
_pdbx_struct_oper_list.name                 1_555 
_pdbx_struct_oper_list.symmetry_operation   x,y,z 
_pdbx_struct_oper_list.matrix[1][1]         1.0000000000 
_pdbx_struct_oper_list.matrix[1][2]         0.0000000000 
_pdbx_struct_oper_list.matrix[1][3]         0.0000000000 
_pdbx_struct_oper_list.vector[1]            0.0000000000 
_pdbx_struct_oper_list.matrix[2][1]         0.0000000000 
_pdbx_struct_oper_list.matrix[2][2]         1.0000000000 
_pdbx_struct_oper_list.matrix[2][3]         0.0000000000 
_pdbx_struct_oper_list.vector[2]            0.0000000000 
_pdbx_struct_oper_list.matrix[3][1]         0.0000000000 
_pdbx_struct_oper_list.matrix[3][2]         0.0000000000 
_pdbx_struct_oper_list.matrix[3][3]         1.0000000000 
_pdbx_struct_oper_list.vector[3]            0.0000000000 
# 
_struct_biol.id                    1 
_struct_biol.details               
;Native Len is a homo-dimer, Whereas the  
Q38D mutant reported in this entry 
appears to be a monomer in the crystal. 
In solution, the association constant of 
Q38D is 66 times lower than the native Len.
;
_struct_biol.pdbx_parent_biol_id   ? 
# 
_struct_conf.conf_type_id            HELX_P 
_struct_conf.id                      HELX_P1 
_struct_conf.pdbx_PDB_helix_id       1 
_struct_conf.beg_label_comp_id       GLN 
_struct_conf.beg_label_asym_id       A 
_struct_conf.beg_label_seq_id        85 
_struct_conf.pdbx_beg_PDB_ins_code   ? 
_struct_conf.end_label_comp_id       VAL 
_struct_conf.end_label_asym_id       A 
_struct_conf.end_label_seq_id        89 
_struct_conf.pdbx_end_PDB_ins_code   ? 
_struct_conf.beg_auth_comp_id        GLN 
_struct_conf.beg_auth_asym_id        A 
_struct_conf.beg_auth_seq_id         79 
_struct_conf.end_auth_comp_id        VAL 
_struct_conf.end_auth_asym_id        A 
_struct_conf.end_auth_seq_id         83 
_struct_conf.pdbx_PDB_helix_class    5 
_struct_conf.details                 ? 
_struct_conf.pdbx_PDB_helix_length   5 
# 
_struct_conf_type.id          HELX_P 
_struct_conf_type.criteria    ? 
_struct_conf_type.reference   ? 
# 
loop_
_struct_conn.id 
_struct_conn.conn_type_id 
_struct_conn.pdbx_leaving_atom_flag 
_struct_conn.pdbx_PDB_id 
_struct_conn.ptnr1_label_asym_id 
_struct_conn.ptnr1_label_comp_id 
_struct_conn.ptnr1_label_seq_id 
_struct_conn.ptnr1_label_atom_id 
_struct_conn.pdbx_ptnr1_label_alt_id 
_struct_conn.pdbx_ptnr1_PDB_ins_code 
_struct_conn.pdbx_ptnr1_standard_comp_id 
_struct_conn.ptnr1_symmetry 
_struct_conn.ptnr2_label_asym_id 
_struct_conn.ptnr2_label_comp_id 
_struct_conn.ptnr2_label_seq_id 
_struct_conn.ptnr2_label_atom_id 
_struct_conn.pdbx_ptnr2_label_alt_id 
_struct_conn.pdbx_ptnr2_PDB_ins_code 
_struct_conn.ptnr1_auth_asym_id 
_struct_conn.ptnr1_auth_comp_id 
_struct_conn.ptnr1_auth_seq_id 
_struct_conn.ptnr2_auth_asym_id 
_struct_conn.ptnr2_auth_comp_id 
_struct_conn.ptnr2_auth_seq_id 
_struct_conn.ptnr2_symmetry 
_struct_conn.pdbx_ptnr3_label_atom_id 
_struct_conn.pdbx_ptnr3_label_seq_id 
_struct_conn.pdbx_ptnr3_label_comp_id 
_struct_conn.pdbx_ptnr3_label_asym_id 
_struct_conn.pdbx_ptnr3_label_alt_id 
_struct_conn.pdbx_ptnr3_PDB_ins_code 
_struct_conn.details 
_struct_conn.pdbx_dist_value 
_struct_conn.pdbx_value_order 
_struct_conn.pdbx_role 
disulf1 disulf ? ? A CYS 23 SG  ? ? ? 1_555 A CYS 94 SG ? ? A CYS 23 A CYS 88  1_555 ? ? ? ? ? ? ? 2.034 ? ? 
metalc1 metalc ? ? A ASP 1  N   ? ? ? 6_654 C ZN  .  ZN ? ? A ASP 1  A ZN  200 1_555 ? ? ? ? ? ? ? 2.236 ? ? 
metalc2 metalc ? ? A ASP 1  OD1 ? ? ? 6_654 C ZN  .  ZN ? ? A ASP 1  A ZN  200 1_555 ? ? ? ? ? ? ? 2.066 ? ? 
metalc3 metalc ? ? A GLU 61 OE1 ? ? ? 3_665 C ZN  .  ZN ? ? A GLU 55 A ZN  200 1_555 ? ? ? ? ? ? ? 2.090 ? ? 
metalc4 metalc ? ? A GLU 61 OE2 ? ? ? 3_665 C ZN  .  ZN ? ? A GLU 55 A ZN  200 1_555 ? ? ? ? ? ? ? 2.561 ? ? 
metalc5 metalc ? ? A ASP 66 OD2 ? ? ? 1_555 C ZN  .  ZN ? ? A ASP 60 A ZN  200 1_555 ? ? ? ? ? ? ? 2.067 ? ? 
# 
loop_
_struct_conn_type.id 
_struct_conn_type.criteria 
_struct_conn_type.reference 
disulf ? ? 
metalc ? ? 
# 
loop_
_pdbx_struct_conn_angle.id 
_pdbx_struct_conn_angle.ptnr1_label_atom_id 
_pdbx_struct_conn_angle.ptnr1_label_alt_id 
_pdbx_struct_conn_angle.ptnr1_label_asym_id 
_pdbx_struct_conn_angle.ptnr1_label_comp_id 
_pdbx_struct_conn_angle.ptnr1_label_seq_id 
_pdbx_struct_conn_angle.ptnr1_auth_atom_id 
_pdbx_struct_conn_angle.ptnr1_auth_asym_id 
_pdbx_struct_conn_angle.ptnr1_auth_comp_id 
_pdbx_struct_conn_angle.ptnr1_auth_seq_id 
_pdbx_struct_conn_angle.ptnr1_PDB_ins_code 
_pdbx_struct_conn_angle.ptnr1_symmetry 
_pdbx_struct_conn_angle.ptnr2_label_atom_id 
_pdbx_struct_conn_angle.ptnr2_label_alt_id 
_pdbx_struct_conn_angle.ptnr2_label_asym_id 
_pdbx_struct_conn_angle.ptnr2_label_comp_id 
_pdbx_struct_conn_angle.ptnr2_label_seq_id 
_pdbx_struct_conn_angle.ptnr2_auth_atom_id 
_pdbx_struct_conn_angle.ptnr2_auth_asym_id 
_pdbx_struct_conn_angle.ptnr2_auth_comp_id 
_pdbx_struct_conn_angle.ptnr2_auth_seq_id 
_pdbx_struct_conn_angle.ptnr2_PDB_ins_code 
_pdbx_struct_conn_angle.ptnr2_symmetry 
_pdbx_struct_conn_angle.ptnr3_label_atom_id 
_pdbx_struct_conn_angle.ptnr3_label_alt_id 
_pdbx_struct_conn_angle.ptnr3_label_asym_id 
_pdbx_struct_conn_angle.ptnr3_label_comp_id 
_pdbx_struct_conn_angle.ptnr3_label_seq_id 
_pdbx_struct_conn_angle.ptnr3_auth_atom_id 
_pdbx_struct_conn_angle.ptnr3_auth_asym_id 
_pdbx_struct_conn_angle.ptnr3_auth_comp_id 
_pdbx_struct_conn_angle.ptnr3_auth_seq_id 
_pdbx_struct_conn_angle.ptnr3_PDB_ins_code 
_pdbx_struct_conn_angle.ptnr3_symmetry 
_pdbx_struct_conn_angle.value 
_pdbx_struct_conn_angle.value_esd 
1  N   ? A ASP 1  ? A ASP 1  ? 6_654 ZN ? C ZN . ? A ZN 200 ? 1_555 OD1 ? A ASP 1  ? A ASP 1  ? 6_654 90.0  ? 
2  N   ? A ASP 1  ? A ASP 1  ? 6_654 ZN ? C ZN . ? A ZN 200 ? 1_555 OE1 ? A GLU 61 ? A GLU 55 ? 3_665 126.4 ? 
3  OD1 ? A ASP 1  ? A ASP 1  ? 6_654 ZN ? C ZN . ? A ZN 200 ? 1_555 OE1 ? A GLU 61 ? A GLU 55 ? 3_665 87.6  ? 
4  N   ? A ASP 1  ? A ASP 1  ? 6_654 ZN ? C ZN . ? A ZN 200 ? 1_555 OE2 ? A GLU 61 ? A GLU 55 ? 3_665 93.9  ? 
5  OD1 ? A ASP 1  ? A ASP 1  ? 6_654 ZN ? C ZN . ? A ZN 200 ? 1_555 OE2 ? A GLU 61 ? A GLU 55 ? 3_665 135.6 ? 
6  OE1 ? A GLU 61 ? A GLU 55 ? 3_665 ZN ? C ZN . ? A ZN 200 ? 1_555 OE2 ? A GLU 61 ? A GLU 55 ? 3_665 55.2  ? 
7  N   ? A ASP 1  ? A ASP 1  ? 6_654 ZN ? C ZN . ? A ZN 200 ? 1_555 OD2 ? A ASP 66 ? A ASP 60 ? 1_555 121.6 ? 
8  OD1 ? A ASP 1  ? A ASP 1  ? 6_654 ZN ? C ZN . ? A ZN 200 ? 1_555 OD2 ? A ASP 66 ? A ASP 60 ? 1_555 107.5 ? 
9  OE1 ? A GLU 61 ? A GLU 55 ? 3_665 ZN ? C ZN . ? A ZN 200 ? 1_555 OD2 ? A ASP 66 ? A ASP 60 ? 1_555 110.1 ? 
10 OE2 ? A GLU 61 ? A GLU 55 ? 3_665 ZN ? C ZN . ? A ZN 200 ? 1_555 OD2 ? A ASP 66 ? A ASP 60 ? 1_555 107.7 ? 
# 
_pdbx_modification_feature.ordinal                            1 
_pdbx_modification_feature.label_comp_id                      CYS 
_pdbx_modification_feature.label_asym_id                      A 
_pdbx_modification_feature.label_seq_id                       23 
_pdbx_modification_feature.label_alt_id                       ? 
_pdbx_modification_feature.modified_residue_label_comp_id     CYS 
_pdbx_modification_feature.modified_residue_label_asym_id     A 
_pdbx_modification_feature.modified_residue_label_seq_id      94 
_pdbx_modification_feature.modified_residue_label_alt_id      ? 
_pdbx_modification_feature.auth_comp_id                       CYS 
_pdbx_modification_feature.auth_asym_id                       A 
_pdbx_modification_feature.auth_seq_id                        23 
_pdbx_modification_feature.PDB_ins_code                       ? 
_pdbx_modification_feature.symmetry                           1_555 
_pdbx_modification_feature.modified_residue_auth_comp_id      CYS 
_pdbx_modification_feature.modified_residue_auth_asym_id      A 
_pdbx_modification_feature.modified_residue_auth_seq_id       88 
_pdbx_modification_feature.modified_residue_PDB_ins_code      ? 
_pdbx_modification_feature.modified_residue_symmetry          1_555 
_pdbx_modification_feature.comp_id_linking_atom               SG 
_pdbx_modification_feature.modified_residue_id_linking_atom   SG 
_pdbx_modification_feature.modified_residue_id                . 
_pdbx_modification_feature.ref_pcm_id                         . 
_pdbx_modification_feature.ref_comp_id                        . 
_pdbx_modification_feature.type                               None 
_pdbx_modification_feature.category                           'Disulfide bridge' 
# 
loop_
_struct_mon_prot_cis.pdbx_id 
_struct_mon_prot_cis.label_comp_id 
_struct_mon_prot_cis.label_seq_id 
_struct_mon_prot_cis.label_asym_id 
_struct_mon_prot_cis.label_alt_id 
_struct_mon_prot_cis.pdbx_PDB_ins_code 
_struct_mon_prot_cis.auth_comp_id 
_struct_mon_prot_cis.auth_seq_id 
_struct_mon_prot_cis.auth_asym_id 
_struct_mon_prot_cis.pdbx_label_comp_id_2 
_struct_mon_prot_cis.pdbx_label_seq_id_2 
_struct_mon_prot_cis.pdbx_label_asym_id_2 
_struct_mon_prot_cis.pdbx_PDB_ins_code_2 
_struct_mon_prot_cis.pdbx_auth_comp_id_2 
_struct_mon_prot_cis.pdbx_auth_seq_id_2 
_struct_mon_prot_cis.pdbx_auth_asym_id_2 
_struct_mon_prot_cis.pdbx_PDB_model_num 
_struct_mon_prot_cis.pdbx_omega_angle 
1 SER 7   A . ? SER 7  A PRO 8   A ? PRO 8  A 1 -0.44 
2 THR 100 A . ? THR 94 A PRO 101 A ? PRO 95 A 1 -0.16 
# 
loop_
_struct_sheet.id 
_struct_sheet.type 
_struct_sheet.number_strands 
_struct_sheet.details 
A ? 4 ? 
B ? 5 ? 
C ? 6 ? 
# 
loop_
_struct_sheet_order.sheet_id 
_struct_sheet_order.range_id_1 
_struct_sheet_order.range_id_2 
_struct_sheet_order.offset 
_struct_sheet_order.sense 
A 1 2 ? anti-parallel 
A 2 3 ? anti-parallel 
A 3 4 ? anti-parallel 
B 1 2 ? anti-parallel 
B 2 3 ? anti-parallel 
B 3 4 ? anti-parallel 
B 4 5 ? anti-parallel 
C 1 2 ? anti-parallel 
C 2 3 ? anti-parallel 
C 3 4 ? anti-parallel 
C 4 5 ? anti-parallel 
C 5 6 ? parallel      
# 
loop_
_struct_sheet_range.sheet_id 
_struct_sheet_range.id 
_struct_sheet_range.beg_label_comp_id 
_struct_sheet_range.beg_label_asym_id 
_struct_sheet_range.beg_label_seq_id 
_struct_sheet_range.pdbx_beg_PDB_ins_code 
_struct_sheet_range.end_label_comp_id 
_struct_sheet_range.end_label_asym_id 
_struct_sheet_range.end_label_seq_id 
_struct_sheet_range.pdbx_end_PDB_ins_code 
_struct_sheet_range.beg_auth_comp_id 
_struct_sheet_range.beg_auth_asym_id 
_struct_sheet_range.beg_auth_seq_id 
_struct_sheet_range.end_auth_comp_id 
_struct_sheet_range.end_auth_asym_id 
_struct_sheet_range.end_auth_seq_id 
A 1 MET A 4   ? SER A 7   ? MET A 4   SER A 7   
A 2 ALA A 19  ? SER A 25  ? ALA A 19  SER A 25  
A 3 ASP A 76  ? ILE A 81  ? ASP A 70  ILE A 75  
A 4 PHE A 68  ? SER A 73  ? PHE A 62  SER A 67  
B 1 THR A 59  ? ARG A 60  ? THR A 53  ARG A 54  
B 2 LYS A 51  ? TYR A 55  ? LYS A 45  TYR A 49  
B 3 LEU A 39  ? ASP A 44  ? LEU A 33  ASP A 38  
B 4 ALA A 90  ? GLN A 96  ? ALA A 84  GLN A 90  
B 5 SER A 103 ? PHE A 104 ? SER A 97  PHE A 98  
C 1 THR A 59  ? ARG A 60  ? THR A 53  ARG A 54  
C 2 LYS A 51  ? TYR A 55  ? LYS A 45  TYR A 49  
C 3 LEU A 39  ? ASP A 44  ? LEU A 33  ASP A 38  
C 4 ALA A 90  ? GLN A 96  ? ALA A 84  GLN A 90  
C 5 THR A 108 ? ILE A 112 ? THR A 102 ILE A 106 
C 6 SER A 10  ? VAL A 13  ? SER A 10  VAL A 13  
# 
loop_
_pdbx_struct_sheet_hbond.sheet_id 
_pdbx_struct_sheet_hbond.range_id_1 
_pdbx_struct_sheet_hbond.range_id_2 
_pdbx_struct_sheet_hbond.range_1_label_atom_id 
_pdbx_struct_sheet_hbond.range_1_label_comp_id 
_pdbx_struct_sheet_hbond.range_1_label_asym_id 
_pdbx_struct_sheet_hbond.range_1_label_seq_id 
_pdbx_struct_sheet_hbond.range_1_PDB_ins_code 
_pdbx_struct_sheet_hbond.range_1_auth_atom_id 
_pdbx_struct_sheet_hbond.range_1_auth_comp_id 
_pdbx_struct_sheet_hbond.range_1_auth_asym_id 
_pdbx_struct_sheet_hbond.range_1_auth_seq_id 
_pdbx_struct_sheet_hbond.range_2_label_atom_id 
_pdbx_struct_sheet_hbond.range_2_label_comp_id 
_pdbx_struct_sheet_hbond.range_2_label_asym_id 
_pdbx_struct_sheet_hbond.range_2_label_seq_id 
_pdbx_struct_sheet_hbond.range_2_PDB_ins_code 
_pdbx_struct_sheet_hbond.range_2_auth_atom_id 
_pdbx_struct_sheet_hbond.range_2_auth_comp_id 
_pdbx_struct_sheet_hbond.range_2_auth_asym_id 
_pdbx_struct_sheet_hbond.range_2_auth_seq_id 
A 1 2 O SER A 7   ? O SER A 7   N ASN A 22  ? N ASN A 22  
A 2 3 O CYS A 23  ? O CYS A 23  N PHE A 77  ? N PHE A 71  
A 3 4 N THR A 80  ? N THR A 74  O SER A 69  ? O SER A 63  
B 1 2 O THR A 59  ? O THR A 53  N TYR A 55  ? N TYR A 49  
B 2 3 N LEU A 53  ? N LEU A 47  O TRP A 41  ? O TRP A 35  
B 3 4 N ASP A 44  ? N ASP A 38  O VAL A 91  ? O VAL A 85  
B 4 5 N GLN A 96  ? N GLN A 90  O SER A 103 ? O SER A 97  
C 1 2 O THR A 59  ? O THR A 53  N TYR A 55  ? N TYR A 49  
C 2 3 N LEU A 53  ? N LEU A 47  O TRP A 41  ? O TRP A 35  
C 3 4 N ASP A 44  ? N ASP A 38  O VAL A 91  ? O VAL A 85  
C 4 5 N TYR A 92  ? N TYR A 86  O THR A 108 ? O THR A 102 
C 5 6 N GLU A 111 ? N GLU A 105 O LEU A 11  ? O LEU A 11  
# 
loop_
_struct_site.id 
_struct_site.pdbx_evidence_code 
_struct_site.pdbx_auth_asym_id 
_struct_site.pdbx_auth_comp_id 
_struct_site.pdbx_auth_seq_id 
_struct_site.pdbx_auth_ins_code 
_struct_site.pdbx_num_residues 
_struct_site.details 
AC1 Software A IUM 199 ? 8 'BINDING SITE FOR RESIDUE IUM A 199' 
AC2 Software A ZN  200 ? 4 'BINDING SITE FOR RESIDUE ZN A 200'  
# 
loop_
_struct_site_gen.id 
_struct_site_gen.site_id 
_struct_site_gen.pdbx_num_res 
_struct_site_gen.label_comp_id 
_struct_site_gen.label_asym_id 
_struct_site_gen.label_seq_id 
_struct_site_gen.pdbx_auth_ins_code 
_struct_site_gen.auth_comp_id 
_struct_site_gen.auth_asym_id 
_struct_site_gen.auth_seq_id 
_struct_site_gen.label_atom_id 
_struct_site_gen.label_alt_id 
_struct_site_gen.symmetry 
_struct_site_gen.details 
1  AC1 8 TYR A 31 D TYR A 27  . ? 4_664 ? 
2  AC1 8 ASP A 44 ? ASP A 38  . ? 1_555 ? 
3  AC1 8 LYS A 45 ? LYS A 39  . ? 1_555 ? 
4  AC1 8 GLY A 47 ? GLY A 41  . ? 1_555 ? 
5  AC1 8 GLN A 48 ? GLN A 42  . ? 1_555 ? 
6  AC1 8 PRO A 50 ? PRO A 44  . ? 1_555 ? 
7  AC1 8 HOH D .  ? HOH A 224 . ? 1_555 ? 
8  AC1 8 HOH D .  ? HOH A 265 . ? 1_555 ? 
9  AC2 4 ASP A 1  ? ASP A 1   . ? 6_654 ? 
10 AC2 4 GLU A 61 ? GLU A 55  . ? 3_665 ? 
11 AC2 4 ASP A 66 ? ASP A 60  . ? 1_555 ? 
12 AC2 4 HOH D .  ? HOH A 240 . ? 3_665 ? 
# 
_pdbx_entry_details.entry_id                   1EFQ 
_pdbx_entry_details.compound_details           
;Native Len is a homo-dimer, whereas the Q38D mutant
reported in this entry appears to be a monomer in the
crystal. In solution, the association constant of
Q38D is 66 times lower than the native Len.
;
_pdbx_entry_details.source_details             ? 
_pdbx_entry_details.nonpolymer_details         ? 
_pdbx_entry_details.sequence_details           ? 
_pdbx_entry_details.has_ligand_of_interest     ? 
_pdbx_entry_details.has_protein_modification   Y 
# 
loop_
_pdbx_validate_torsion.id 
_pdbx_validate_torsion.PDB_model_num 
_pdbx_validate_torsion.auth_comp_id 
_pdbx_validate_torsion.auth_asym_id 
_pdbx_validate_torsion.auth_seq_id 
_pdbx_validate_torsion.PDB_ins_code 
_pdbx_validate_torsion.label_alt_id 
_pdbx_validate_torsion.phi 
_pdbx_validate_torsion.psi 
1 1 ALA A 51 ? ? 67.97  -28.25 
2 1 ASP A 60 ? ? -65.84 0.32   
3 1 SER A 77 ? ? 61.36  82.57  
# 
_pdbx_unobs_or_zero_occ_residues.id               1 
_pdbx_unobs_or_zero_occ_residues.PDB_model_num    1 
_pdbx_unobs_or_zero_occ_residues.polymer_flag     Y 
_pdbx_unobs_or_zero_occ_residues.occupancy_flag   1 
_pdbx_unobs_or_zero_occ_residues.auth_asym_id     A 
_pdbx_unobs_or_zero_occ_residues.auth_comp_id     ARG 
_pdbx_unobs_or_zero_occ_residues.auth_seq_id      108 
_pdbx_unobs_or_zero_occ_residues.PDB_ins_code     ? 
_pdbx_unobs_or_zero_occ_residues.label_asym_id    A 
_pdbx_unobs_or_zero_occ_residues.label_comp_id    ARG 
_pdbx_unobs_or_zero_occ_residues.label_seq_id     114 
# 
loop_
_chem_comp_atom.comp_id 
_chem_comp_atom.atom_id 
_chem_comp_atom.type_symbol 
_chem_comp_atom.pdbx_aromatic_flag 
_chem_comp_atom.pdbx_stereo_config 
_chem_comp_atom.pdbx_ordinal 
ALA N    N  N N 1   
ALA CA   C  N S 2   
ALA C    C  N N 3   
ALA O    O  N N 4   
ALA CB   C  N N 5   
ALA OXT  O  N N 6   
ALA H    H  N N 7   
ALA H2   H  N N 8   
ALA HA   H  N N 9   
ALA HB1  H  N N 10  
ALA HB2  H  N N 11  
ALA HB3  H  N N 12  
ALA HXT  H  N N 13  
ARG N    N  N N 14  
ARG CA   C  N S 15  
ARG C    C  N N 16  
ARG O    O  N N 17  
ARG CB   C  N N 18  
ARG CG   C  N N 19  
ARG CD   C  N N 20  
ARG NE   N  N N 21  
ARG CZ   C  N N 22  
ARG NH1  N  N N 23  
ARG NH2  N  N N 24  
ARG OXT  O  N N 25  
ARG H    H  N N 26  
ARG H2   H  N N 27  
ARG HA   H  N N 28  
ARG HB2  H  N N 29  
ARG HB3  H  N N 30  
ARG HG2  H  N N 31  
ARG HG3  H  N N 32  
ARG HD2  H  N N 33  
ARG HD3  H  N N 34  
ARG HE   H  N N 35  
ARG HH11 H  N N 36  
ARG HH12 H  N N 37  
ARG HH21 H  N N 38  
ARG HH22 H  N N 39  
ARG HXT  H  N N 40  
ASN N    N  N N 41  
ASN CA   C  N S 42  
ASN C    C  N N 43  
ASN O    O  N N 44  
ASN CB   C  N N 45  
ASN CG   C  N N 46  
ASN OD1  O  N N 47  
ASN ND2  N  N N 48  
ASN OXT  O  N N 49  
ASN H    H  N N 50  
ASN H2   H  N N 51  
ASN HA   H  N N 52  
ASN HB2  H  N N 53  
ASN HB3  H  N N 54  
ASN HD21 H  N N 55  
ASN HD22 H  N N 56  
ASN HXT  H  N N 57  
ASP N    N  N N 58  
ASP CA   C  N S 59  
ASP C    C  N N 60  
ASP O    O  N N 61  
ASP CB   C  N N 62  
ASP CG   C  N N 63  
ASP OD1  O  N N 64  
ASP OD2  O  N N 65  
ASP OXT  O  N N 66  
ASP H    H  N N 67  
ASP H2   H  N N 68  
ASP HA   H  N N 69  
ASP HB2  H  N N 70  
ASP HB3  H  N N 71  
ASP HD2  H  N N 72  
ASP HXT  H  N N 73  
CYS N    N  N N 74  
CYS CA   C  N R 75  
CYS C    C  N N 76  
CYS O    O  N N 77  
CYS CB   C  N N 78  
CYS SG   S  N N 79  
CYS OXT  O  N N 80  
CYS H    H  N N 81  
CYS H2   H  N N 82  
CYS HA   H  N N 83  
CYS HB2  H  N N 84  
CYS HB3  H  N N 85  
CYS HG   H  N N 86  
CYS HXT  H  N N 87  
GLN N    N  N N 88  
GLN CA   C  N S 89  
GLN C    C  N N 90  
GLN O    O  N N 91  
GLN CB   C  N N 92  
GLN CG   C  N N 93  
GLN CD   C  N N 94  
GLN OE1  O  N N 95  
GLN NE2  N  N N 96  
GLN OXT  O  N N 97  
GLN H    H  N N 98  
GLN H2   H  N N 99  
GLN HA   H  N N 100 
GLN HB2  H  N N 101 
GLN HB3  H  N N 102 
GLN HG2  H  N N 103 
GLN HG3  H  N N 104 
GLN HE21 H  N N 105 
GLN HE22 H  N N 106 
GLN HXT  H  N N 107 
GLU N    N  N N 108 
GLU CA   C  N S 109 
GLU C    C  N N 110 
GLU O    O  N N 111 
GLU CB   C  N N 112 
GLU CG   C  N N 113 
GLU CD   C  N N 114 
GLU OE1  O  N N 115 
GLU OE2  O  N N 116 
GLU OXT  O  N N 117 
GLU H    H  N N 118 
GLU H2   H  N N 119 
GLU HA   H  N N 120 
GLU HB2  H  N N 121 
GLU HB3  H  N N 122 
GLU HG2  H  N N 123 
GLU HG3  H  N N 124 
GLU HE2  H  N N 125 
GLU HXT  H  N N 126 
GLY N    N  N N 127 
GLY CA   C  N N 128 
GLY C    C  N N 129 
GLY O    O  N N 130 
GLY OXT  O  N N 131 
GLY H    H  N N 132 
GLY H2   H  N N 133 
GLY HA2  H  N N 134 
GLY HA3  H  N N 135 
GLY HXT  H  N N 136 
HOH O    O  N N 137 
HOH H1   H  N N 138 
HOH H2   H  N N 139 
ILE N    N  N N 140 
ILE CA   C  N S 141 
ILE C    C  N N 142 
ILE O    O  N N 143 
ILE CB   C  N S 144 
ILE CG1  C  N N 145 
ILE CG2  C  N N 146 
ILE CD1  C  N N 147 
ILE OXT  O  N N 148 
ILE H    H  N N 149 
ILE H2   H  N N 150 
ILE HA   H  N N 151 
ILE HB   H  N N 152 
ILE HG12 H  N N 153 
ILE HG13 H  N N 154 
ILE HG21 H  N N 155 
ILE HG22 H  N N 156 
ILE HG23 H  N N 157 
ILE HD11 H  N N 158 
ILE HD12 H  N N 159 
ILE HD13 H  N N 160 
ILE HXT  H  N N 161 
IUM U    U  N N 162 
IUM O1   O  N N 163 
IUM O2   O  N N 164 
LEU N    N  N N 165 
LEU CA   C  N S 166 
LEU C    C  N N 167 
LEU O    O  N N 168 
LEU CB   C  N N 169 
LEU CG   C  N N 170 
LEU CD1  C  N N 171 
LEU CD2  C  N N 172 
LEU OXT  O  N N 173 
LEU H    H  N N 174 
LEU H2   H  N N 175 
LEU HA   H  N N 176 
LEU HB2  H  N N 177 
LEU HB3  H  N N 178 
LEU HG   H  N N 179 
LEU HD11 H  N N 180 
LEU HD12 H  N N 181 
LEU HD13 H  N N 182 
LEU HD21 H  N N 183 
LEU HD22 H  N N 184 
LEU HD23 H  N N 185 
LEU HXT  H  N N 186 
LYS N    N  N N 187 
LYS CA   C  N S 188 
LYS C    C  N N 189 
LYS O    O  N N 190 
LYS CB   C  N N 191 
LYS CG   C  N N 192 
LYS CD   C  N N 193 
LYS CE   C  N N 194 
LYS NZ   N  N N 195 
LYS OXT  O  N N 196 
LYS H    H  N N 197 
LYS H2   H  N N 198 
LYS HA   H  N N 199 
LYS HB2  H  N N 200 
LYS HB3  H  N N 201 
LYS HG2  H  N N 202 
LYS HG3  H  N N 203 
LYS HD2  H  N N 204 
LYS HD3  H  N N 205 
LYS HE2  H  N N 206 
LYS HE3  H  N N 207 
LYS HZ1  H  N N 208 
LYS HZ2  H  N N 209 
LYS HZ3  H  N N 210 
LYS HXT  H  N N 211 
MET N    N  N N 212 
MET CA   C  N S 213 
MET C    C  N N 214 
MET O    O  N N 215 
MET CB   C  N N 216 
MET CG   C  N N 217 
MET SD   S  N N 218 
MET CE   C  N N 219 
MET OXT  O  N N 220 
MET H    H  N N 221 
MET H2   H  N N 222 
MET HA   H  N N 223 
MET HB2  H  N N 224 
MET HB3  H  N N 225 
MET HG2  H  N N 226 
MET HG3  H  N N 227 
MET HE1  H  N N 228 
MET HE2  H  N N 229 
MET HE3  H  N N 230 
MET HXT  H  N N 231 
PHE N    N  N N 232 
PHE CA   C  N S 233 
PHE C    C  N N 234 
PHE O    O  N N 235 
PHE CB   C  N N 236 
PHE CG   C  Y N 237 
PHE CD1  C  Y N 238 
PHE CD2  C  Y N 239 
PHE CE1  C  Y N 240 
PHE CE2  C  Y N 241 
PHE CZ   C  Y N 242 
PHE OXT  O  N N 243 
PHE H    H  N N 244 
PHE H2   H  N N 245 
PHE HA   H  N N 246 
PHE HB2  H  N N 247 
PHE HB3  H  N N 248 
PHE HD1  H  N N 249 
PHE HD2  H  N N 250 
PHE HE1  H  N N 251 
PHE HE2  H  N N 252 
PHE HZ   H  N N 253 
PHE HXT  H  N N 254 
PRO N    N  N N 255 
PRO CA   C  N S 256 
PRO C    C  N N 257 
PRO O    O  N N 258 
PRO CB   C  N N 259 
PRO CG   C  N N 260 
PRO CD   C  N N 261 
PRO OXT  O  N N 262 
PRO H    H  N N 263 
PRO HA   H  N N 264 
PRO HB2  H  N N 265 
PRO HB3  H  N N 266 
PRO HG2  H  N N 267 
PRO HG3  H  N N 268 
PRO HD2  H  N N 269 
PRO HD3  H  N N 270 
PRO HXT  H  N N 271 
SER N    N  N N 272 
SER CA   C  N S 273 
SER C    C  N N 274 
SER O    O  N N 275 
SER CB   C  N N 276 
SER OG   O  N N 277 
SER OXT  O  N N 278 
SER H    H  N N 279 
SER H2   H  N N 280 
SER HA   H  N N 281 
SER HB2  H  N N 282 
SER HB3  H  N N 283 
SER HG   H  N N 284 
SER HXT  H  N N 285 
THR N    N  N N 286 
THR CA   C  N S 287 
THR C    C  N N 288 
THR O    O  N N 289 
THR CB   C  N R 290 
THR OG1  O  N N 291 
THR CG2  C  N N 292 
THR OXT  O  N N 293 
THR H    H  N N 294 
THR H2   H  N N 295 
THR HA   H  N N 296 
THR HB   H  N N 297 
THR HG1  H  N N 298 
THR HG21 H  N N 299 
THR HG22 H  N N 300 
THR HG23 H  N N 301 
THR HXT  H  N N 302 
TRP N    N  N N 303 
TRP CA   C  N S 304 
TRP C    C  N N 305 
TRP O    O  N N 306 
TRP CB   C  N N 307 
TRP CG   C  Y N 308 
TRP CD1  C  Y N 309 
TRP CD2  C  Y N 310 
TRP NE1  N  Y N 311 
TRP CE2  C  Y N 312 
TRP CE3  C  Y N 313 
TRP CZ2  C  Y N 314 
TRP CZ3  C  Y N 315 
TRP CH2  C  Y N 316 
TRP OXT  O  N N 317 
TRP H    H  N N 318 
TRP H2   H  N N 319 
TRP HA   H  N N 320 
TRP HB2  H  N N 321 
TRP HB3  H  N N 322 
TRP HD1  H  N N 323 
TRP HE1  H  N N 324 
TRP HE3  H  N N 325 
TRP HZ2  H  N N 326 
TRP HZ3  H  N N 327 
TRP HH2  H  N N 328 
TRP HXT  H  N N 329 
TYR N    N  N N 330 
TYR CA   C  N S 331 
TYR C    C  N N 332 
TYR O    O  N N 333 
TYR CB   C  N N 334 
TYR CG   C  Y N 335 
TYR CD1  C  Y N 336 
TYR CD2  C  Y N 337 
TYR CE1  C  Y N 338 
TYR CE2  C  Y N 339 
TYR CZ   C  Y N 340 
TYR OH   O  N N 341 
TYR OXT  O  N N 342 
TYR H    H  N N 343 
TYR H2   H  N N 344 
TYR HA   H  N N 345 
TYR HB2  H  N N 346 
TYR HB3  H  N N 347 
TYR HD1  H  N N 348 
TYR HD2  H  N N 349 
TYR HE1  H  N N 350 
TYR HE2  H  N N 351 
TYR HH   H  N N 352 
TYR HXT  H  N N 353 
VAL N    N  N N 354 
VAL CA   C  N S 355 
VAL C    C  N N 356 
VAL O    O  N N 357 
VAL CB   C  N N 358 
VAL CG1  C  N N 359 
VAL CG2  C  N N 360 
VAL OXT  O  N N 361 
VAL H    H  N N 362 
VAL H2   H  N N 363 
VAL HA   H  N N 364 
VAL HB   H  N N 365 
VAL HG11 H  N N 366 
VAL HG12 H  N N 367 
VAL HG13 H  N N 368 
VAL HG21 H  N N 369 
VAL HG22 H  N N 370 
VAL HG23 H  N N 371 
VAL HXT  H  N N 372 
ZN  ZN   ZN N N 373 
# 
loop_
_chem_comp_bond.comp_id 
_chem_comp_bond.atom_id_1 
_chem_comp_bond.atom_id_2 
_chem_comp_bond.value_order 
_chem_comp_bond.pdbx_aromatic_flag 
_chem_comp_bond.pdbx_stereo_config 
_chem_comp_bond.pdbx_ordinal 
ALA N   CA   sing N N 1   
ALA N   H    sing N N 2   
ALA N   H2   sing N N 3   
ALA CA  C    sing N N 4   
ALA CA  CB   sing N N 5   
ALA CA  HA   sing N N 6   
ALA C   O    doub N N 7   
ALA C   OXT  sing N N 8   
ALA CB  HB1  sing N N 9   
ALA CB  HB2  sing N N 10  
ALA CB  HB3  sing N N 11  
ALA OXT HXT  sing N N 12  
ARG N   CA   sing N N 13  
ARG N   H    sing N N 14  
ARG N   H2   sing N N 15  
ARG CA  C    sing N N 16  
ARG CA  CB   sing N N 17  
ARG CA  HA   sing N N 18  
ARG C   O    doub N N 19  
ARG C   OXT  sing N N 20  
ARG CB  CG   sing N N 21  
ARG CB  HB2  sing N N 22  
ARG CB  HB3  sing N N 23  
ARG CG  CD   sing N N 24  
ARG CG  HG2  sing N N 25  
ARG CG  HG3  sing N N 26  
ARG CD  NE   sing N N 27  
ARG CD  HD2  sing N N 28  
ARG CD  HD3  sing N N 29  
ARG NE  CZ   sing N N 30  
ARG NE  HE   sing N N 31  
ARG CZ  NH1  sing N N 32  
ARG CZ  NH2  doub N N 33  
ARG NH1 HH11 sing N N 34  
ARG NH1 HH12 sing N N 35  
ARG NH2 HH21 sing N N 36  
ARG NH2 HH22 sing N N 37  
ARG OXT HXT  sing N N 38  
ASN N   CA   sing N N 39  
ASN N   H    sing N N 40  
ASN N   H2   sing N N 41  
ASN CA  C    sing N N 42  
ASN CA  CB   sing N N 43  
ASN CA  HA   sing N N 44  
ASN C   O    doub N N 45  
ASN C   OXT  sing N N 46  
ASN CB  CG   sing N N 47  
ASN CB  HB2  sing N N 48  
ASN CB  HB3  sing N N 49  
ASN CG  OD1  doub N N 50  
ASN CG  ND2  sing N N 51  
ASN ND2 HD21 sing N N 52  
ASN ND2 HD22 sing N N 53  
ASN OXT HXT  sing N N 54  
ASP N   CA   sing N N 55  
ASP N   H    sing N N 56  
ASP N   H2   sing N N 57  
ASP CA  C    sing N N 58  
ASP CA  CB   sing N N 59  
ASP CA  HA   sing N N 60  
ASP C   O    doub N N 61  
ASP C   OXT  sing N N 62  
ASP CB  CG   sing N N 63  
ASP CB  HB2  sing N N 64  
ASP CB  HB3  sing N N 65  
ASP CG  OD1  doub N N 66  
ASP CG  OD2  sing N N 67  
ASP OD2 HD2  sing N N 68  
ASP OXT HXT  sing N N 69  
CYS N   CA   sing N N 70  
CYS N   H    sing N N 71  
CYS N   H2   sing N N 72  
CYS CA  C    sing N N 73  
CYS CA  CB   sing N N 74  
CYS CA  HA   sing N N 75  
CYS C   O    doub N N 76  
CYS C   OXT  sing N N 77  
CYS CB  SG   sing N N 78  
CYS CB  HB2  sing N N 79  
CYS CB  HB3  sing N N 80  
CYS SG  HG   sing N N 81  
CYS OXT HXT  sing N N 82  
GLN N   CA   sing N N 83  
GLN N   H    sing N N 84  
GLN N   H2   sing N N 85  
GLN CA  C    sing N N 86  
GLN CA  CB   sing N N 87  
GLN CA  HA   sing N N 88  
GLN C   O    doub N N 89  
GLN C   OXT  sing N N 90  
GLN CB  CG   sing N N 91  
GLN CB  HB2  sing N N 92  
GLN CB  HB3  sing N N 93  
GLN CG  CD   sing N N 94  
GLN CG  HG2  sing N N 95  
GLN CG  HG3  sing N N 96  
GLN CD  OE1  doub N N 97  
GLN CD  NE2  sing N N 98  
GLN NE2 HE21 sing N N 99  
GLN NE2 HE22 sing N N 100 
GLN OXT HXT  sing N N 101 
GLU N   CA   sing N N 102 
GLU N   H    sing N N 103 
GLU N   H2   sing N N 104 
GLU CA  C    sing N N 105 
GLU CA  CB   sing N N 106 
GLU CA  HA   sing N N 107 
GLU C   O    doub N N 108 
GLU C   OXT  sing N N 109 
GLU CB  CG   sing N N 110 
GLU CB  HB2  sing N N 111 
GLU CB  HB3  sing N N 112 
GLU CG  CD   sing N N 113 
GLU CG  HG2  sing N N 114 
GLU CG  HG3  sing N N 115 
GLU CD  OE1  doub N N 116 
GLU CD  OE2  sing N N 117 
GLU OE2 HE2  sing N N 118 
GLU OXT HXT  sing N N 119 
GLY N   CA   sing N N 120 
GLY N   H    sing N N 121 
GLY N   H2   sing N N 122 
GLY CA  C    sing N N 123 
GLY CA  HA2  sing N N 124 
GLY CA  HA3  sing N N 125 
GLY C   O    doub N N 126 
GLY C   OXT  sing N N 127 
GLY OXT HXT  sing N N 128 
HOH O   H1   sing N N 129 
HOH O   H2   sing N N 130 
ILE N   CA   sing N N 131 
ILE N   H    sing N N 132 
ILE N   H2   sing N N 133 
ILE CA  C    sing N N 134 
ILE CA  CB   sing N N 135 
ILE CA  HA   sing N N 136 
ILE C   O    doub N N 137 
ILE C   OXT  sing N N 138 
ILE CB  CG1  sing N N 139 
ILE CB  CG2  sing N N 140 
ILE CB  HB   sing N N 141 
ILE CG1 CD1  sing N N 142 
ILE CG1 HG12 sing N N 143 
ILE CG1 HG13 sing N N 144 
ILE CG2 HG21 sing N N 145 
ILE CG2 HG22 sing N N 146 
ILE CG2 HG23 sing N N 147 
ILE CD1 HD11 sing N N 148 
ILE CD1 HD12 sing N N 149 
ILE CD1 HD13 sing N N 150 
ILE OXT HXT  sing N N 151 
IUM U   O1   sing N N 152 
IUM U   O2   sing N N 153 
LEU N   CA   sing N N 154 
LEU N   H    sing N N 155 
LEU N   H2   sing N N 156 
LEU CA  C    sing N N 157 
LEU CA  CB   sing N N 158 
LEU CA  HA   sing N N 159 
LEU C   O    doub N N 160 
LEU C   OXT  sing N N 161 
LEU CB  CG   sing N N 162 
LEU CB  HB2  sing N N 163 
LEU CB  HB3  sing N N 164 
LEU CG  CD1  sing N N 165 
LEU CG  CD2  sing N N 166 
LEU CG  HG   sing N N 167 
LEU CD1 HD11 sing N N 168 
LEU CD1 HD12 sing N N 169 
LEU CD1 HD13 sing N N 170 
LEU CD2 HD21 sing N N 171 
LEU CD2 HD22 sing N N 172 
LEU CD2 HD23 sing N N 173 
LEU OXT HXT  sing N N 174 
LYS N   CA   sing N N 175 
LYS N   H    sing N N 176 
LYS N   H2   sing N N 177 
LYS CA  C    sing N N 178 
LYS CA  CB   sing N N 179 
LYS CA  HA   sing N N 180 
LYS C   O    doub N N 181 
LYS C   OXT  sing N N 182 
LYS CB  CG   sing N N 183 
LYS CB  HB2  sing N N 184 
LYS CB  HB3  sing N N 185 
LYS CG  CD   sing N N 186 
LYS CG  HG2  sing N N 187 
LYS CG  HG3  sing N N 188 
LYS CD  CE   sing N N 189 
LYS CD  HD2  sing N N 190 
LYS CD  HD3  sing N N 191 
LYS CE  NZ   sing N N 192 
LYS CE  HE2  sing N N 193 
LYS CE  HE3  sing N N 194 
LYS NZ  HZ1  sing N N 195 
LYS NZ  HZ2  sing N N 196 
LYS NZ  HZ3  sing N N 197 
LYS OXT HXT  sing N N 198 
MET N   CA   sing N N 199 
MET N   H    sing N N 200 
MET N   H2   sing N N 201 
MET CA  C    sing N N 202 
MET CA  CB   sing N N 203 
MET CA  HA   sing N N 204 
MET C   O    doub N N 205 
MET C   OXT  sing N N 206 
MET CB  CG   sing N N 207 
MET CB  HB2  sing N N 208 
MET CB  HB3  sing N N 209 
MET CG  SD   sing N N 210 
MET CG  HG2  sing N N 211 
MET CG  HG3  sing N N 212 
MET SD  CE   sing N N 213 
MET CE  HE1  sing N N 214 
MET CE  HE2  sing N N 215 
MET CE  HE3  sing N N 216 
MET OXT HXT  sing N N 217 
PHE N   CA   sing N N 218 
PHE N   H    sing N N 219 
PHE N   H2   sing N N 220 
PHE CA  C    sing N N 221 
PHE CA  CB   sing N N 222 
PHE CA  HA   sing N N 223 
PHE C   O    doub N N 224 
PHE C   OXT  sing N N 225 
PHE CB  CG   sing N N 226 
PHE CB  HB2  sing N N 227 
PHE CB  HB3  sing N N 228 
PHE CG  CD1  doub Y N 229 
PHE CG  CD2  sing Y N 230 
PHE CD1 CE1  sing Y N 231 
PHE CD1 HD1  sing N N 232 
PHE CD2 CE2  doub Y N 233 
PHE CD2 HD2  sing N N 234 
PHE CE1 CZ   doub Y N 235 
PHE CE1 HE1  sing N N 236 
PHE CE2 CZ   sing Y N 237 
PHE CE2 HE2  sing N N 238 
PHE CZ  HZ   sing N N 239 
PHE OXT HXT  sing N N 240 
PRO N   CA   sing N N 241 
PRO N   CD   sing N N 242 
PRO N   H    sing N N 243 
PRO CA  C    sing N N 244 
PRO CA  CB   sing N N 245 
PRO CA  HA   sing N N 246 
PRO C   O    doub N N 247 
PRO C   OXT  sing N N 248 
PRO CB  CG   sing N N 249 
PRO CB  HB2  sing N N 250 
PRO CB  HB3  sing N N 251 
PRO CG  CD   sing N N 252 
PRO CG  HG2  sing N N 253 
PRO CG  HG3  sing N N 254 
PRO CD  HD2  sing N N 255 
PRO CD  HD3  sing N N 256 
PRO OXT HXT  sing N N 257 
SER N   CA   sing N N 258 
SER N   H    sing N N 259 
SER N   H2   sing N N 260 
SER CA  C    sing N N 261 
SER CA  CB   sing N N 262 
SER CA  HA   sing N N 263 
SER C   O    doub N N 264 
SER C   OXT  sing N N 265 
SER CB  OG   sing N N 266 
SER CB  HB2  sing N N 267 
SER CB  HB3  sing N N 268 
SER OG  HG   sing N N 269 
SER OXT HXT  sing N N 270 
THR N   CA   sing N N 271 
THR N   H    sing N N 272 
THR N   H2   sing N N 273 
THR CA  C    sing N N 274 
THR CA  CB   sing N N 275 
THR CA  HA   sing N N 276 
THR C   O    doub N N 277 
THR C   OXT  sing N N 278 
THR CB  OG1  sing N N 279 
THR CB  CG2  sing N N 280 
THR CB  HB   sing N N 281 
THR OG1 HG1  sing N N 282 
THR CG2 HG21 sing N N 283 
THR CG2 HG22 sing N N 284 
THR CG2 HG23 sing N N 285 
THR OXT HXT  sing N N 286 
TRP N   CA   sing N N 287 
TRP N   H    sing N N 288 
TRP N   H2   sing N N 289 
TRP CA  C    sing N N 290 
TRP CA  CB   sing N N 291 
TRP CA  HA   sing N N 292 
TRP C   O    doub N N 293 
TRP C   OXT  sing N N 294 
TRP CB  CG   sing N N 295 
TRP CB  HB2  sing N N 296 
TRP CB  HB3  sing N N 297 
TRP CG  CD1  doub Y N 298 
TRP CG  CD2  sing Y N 299 
TRP CD1 NE1  sing Y N 300 
TRP CD1 HD1  sing N N 301 
TRP CD2 CE2  doub Y N 302 
TRP CD2 CE3  sing Y N 303 
TRP NE1 CE2  sing Y N 304 
TRP NE1 HE1  sing N N 305 
TRP CE2 CZ2  sing Y N 306 
TRP CE3 CZ3  doub Y N 307 
TRP CE3 HE3  sing N N 308 
TRP CZ2 CH2  doub Y N 309 
TRP CZ2 HZ2  sing N N 310 
TRP CZ3 CH2  sing Y N 311 
TRP CZ3 HZ3  sing N N 312 
TRP CH2 HH2  sing N N 313 
TRP OXT HXT  sing N N 314 
TYR N   CA   sing N N 315 
TYR N   H    sing N N 316 
TYR N   H2   sing N N 317 
TYR CA  C    sing N N 318 
TYR CA  CB   sing N N 319 
TYR CA  HA   sing N N 320 
TYR C   O    doub N N 321 
TYR C   OXT  sing N N 322 
TYR CB  CG   sing N N 323 
TYR CB  HB2  sing N N 324 
TYR CB  HB3  sing N N 325 
TYR CG  CD1  doub Y N 326 
TYR CG  CD2  sing Y N 327 
TYR CD1 CE1  sing Y N 328 
TYR CD1 HD1  sing N N 329 
TYR CD2 CE2  doub Y N 330 
TYR CD2 HD2  sing N N 331 
TYR CE1 CZ   doub Y N 332 
TYR CE1 HE1  sing N N 333 
TYR CE2 CZ   sing Y N 334 
TYR CE2 HE2  sing N N 335 
TYR CZ  OH   sing N N 336 
TYR OH  HH   sing N N 337 
TYR OXT HXT  sing N N 338 
VAL N   CA   sing N N 339 
VAL N   H    sing N N 340 
VAL N   H2   sing N N 341 
VAL CA  C    sing N N 342 
VAL CA  CB   sing N N 343 
VAL CA  HA   sing N N 344 
VAL C   O    doub N N 345 
VAL C   OXT  sing N N 346 
VAL CB  CG1  sing N N 347 
VAL CB  CG2  sing N N 348 
VAL CB  HB   sing N N 349 
VAL CG1 HG11 sing N N 350 
VAL CG1 HG12 sing N N 351 
VAL CG1 HG13 sing N N 352 
VAL CG2 HG21 sing N N 353 
VAL CG2 HG22 sing N N 354 
VAL CG2 HG23 sing N N 355 
VAL OXT HXT  sing N N 356 
# 
_atom_sites.entry_id                    1EFQ 
_atom_sites.fract_transf_matrix[1][1]   0.00649468 
_atom_sites.fract_transf_matrix[1][2]   0.01560503 
_atom_sites.fract_transf_matrix[1][3]   0.00471854 
_atom_sites.fract_transf_matrix[2][1]   0.00008773 
_atom_sites.fract_transf_matrix[2][2]   0.00471973 
_atom_sites.fract_transf_matrix[2][3]   0.01690219 
_atom_sites.fract_transf_matrix[3][1]   0.01882403 
_atom_sites.fract_transf_matrix[3][2]   -0.00852462 
_atom_sites.fract_transf_matrix[3][3]   0.00228269 
_atom_sites.fract_transf_vector[1]      0.706443 
_atom_sites.fract_transf_vector[2]      0.610048 
_atom_sites.fract_transf_vector[3]      0.005021 
# 
loop_
_atom_type.symbol 
C  
N  
O  
S  
U  
ZN 
# 
loop_
_atom_site.group_PDB 
_atom_site.id 
_atom_site.type_symbol 
_atom_site.label_atom_id 
_atom_site.label_alt_id 
_atom_site.label_comp_id 
_atom_site.label_asym_id 
_atom_site.label_entity_id 
_atom_site.label_seq_id 
_atom_site.pdbx_PDB_ins_code 
_atom_site.Cartn_x 
_atom_site.Cartn_y 
_atom_site.Cartn_z 
_atom_site.occupancy 
_atom_site.B_iso_or_equiv 
_atom_site.pdbx_formal_charge 
_atom_site.auth_seq_id 
_atom_site.auth_comp_id 
_atom_site.auth_asym_id 
_atom_site.auth_atom_id 
_atom_site.pdbx_PDB_model_num 
ATOM   1   N  N   . ASP A 1 1   ? 7.412   -18.230 5.181   1.00 13.36 ? 1   ASP A N   1 
ATOM   2   C  CA  . ASP A 1 1   ? 6.261   -17.474 4.593   1.00 14.25 ? 1   ASP A CA  1 
ATOM   3   C  C   . ASP A 1 1   ? 6.823   -16.093 4.327   1.00 13.72 ? 1   ASP A C   1 
ATOM   4   O  O   . ASP A 1 1   ? 7.805   -15.717 4.961   1.00 13.03 ? 1   ASP A O   1 
ATOM   5   C  CB  . ASP A 1 1   ? 5.096   -17.377 5.593   1.00 15.67 ? 1   ASP A CB  1 
ATOM   6   C  CG  . ASP A 1 1   ? 4.235   -18.644 5.632   1.00 17.18 ? 1   ASP A CG  1 
ATOM   7   O  OD1 . ASP A 1 1   ? 4.769   -19.733 5.321   1.00 16.31 ? 1   ASP A OD1 1 
ATOM   8   O  OD2 . ASP A 1 1   ? 3.023   -18.541 5.964   1.00 17.22 ? 1   ASP A OD2 1 
ATOM   9   N  N   . ILE A 1 2   ? 6.332   -15.416 3.299   1.00 13.73 ? 2   ILE A N   1 
ATOM   10  C  CA  . ILE A 1 2   ? 6.811   -14.066 3.049   1.00 12.94 ? 2   ILE A CA  1 
ATOM   11  C  C   . ILE A 1 2   ? 5.989   -13.185 3.987   1.00 12.99 ? 2   ILE A C   1 
ATOM   12  O  O   . ILE A 1 2   ? 4.754   -13.254 4.003   1.00 13.24 ? 2   ILE A O   1 
ATOM   13  C  CB  . ILE A 1 2   ? 6.627   -13.639 1.575   1.00 12.96 ? 2   ILE A CB  1 
ATOM   14  C  CG1 . ILE A 1 2   ? 7.366   -14.620 0.652   1.00 13.32 ? 2   ILE A CG1 1 
ATOM   15  C  CG2 . ILE A 1 2   ? 7.187   -12.219 1.361   1.00 11.74 ? 2   ILE A CG2 1 
ATOM   16  C  CD1 . ILE A 1 2   ? 7.227   -14.295 -0.835  1.00 10.38 ? 2   ILE A CD1 1 
ATOM   17  N  N   . VAL A 1 3   ? 6.685   -12.469 4.863   1.00 14.20 ? 3   VAL A N   1 
ATOM   18  C  CA  . VAL A 1 3   ? 6.033   -11.594 5.828   1.00 14.42 ? 3   VAL A CA  1 
ATOM   19  C  C   . VAL A 1 3   ? 6.130   -10.129 5.402   1.00 12.81 ? 3   VAL A C   1 
ATOM   20  O  O   . VAL A 1 3   ? 7.195   -9.652  5.018   1.00 12.15 ? 3   VAL A O   1 
ATOM   21  C  CB  . VAL A 1 3   ? 6.630   -11.791 7.239   1.00 15.88 ? 3   VAL A CB  1 
ATOM   22  C  CG1 . VAL A 1 3   ? 8.108   -11.618 7.201   1.00 16.59 ? 3   VAL A CG1 1 
ATOM   23  C  CG2 . VAL A 1 3   ? 6.015   -10.818 8.228   1.00 15.79 ? 3   VAL A CG2 1 
ATOM   24  N  N   . MET A 1 4   ? 4.996   -9.447  5.409   1.00 11.84 ? 4   MET A N   1 
ATOM   25  C  CA  . MET A 1 4   ? 4.935   -8.034  5.044   1.00 10.86 ? 4   MET A CA  1 
ATOM   26  C  C   . MET A 1 4   ? 4.882   -7.179  6.321   1.00 12.37 ? 4   MET A C   1 
ATOM   27  O  O   . MET A 1 4   ? 4.079   -7.432  7.216   1.00 12.40 ? 4   MET A O   1 
ATOM   28  C  CB  . MET A 1 4   ? 3.703   -7.778  4.176   1.00 10.00 ? 4   MET A CB  1 
ATOM   29  C  CG  . MET A 1 4   ? 3.541   -8.771  3.036   1.00 11.28 ? 4   MET A CG  1 
ATOM   30  S  SD  . MET A 1 4   ? 4.965   -8.837  1.941   1.00 13.10 ? 4   MET A SD  1 
ATOM   31  C  CE  . MET A 1 4   ? 4.762   -7.221  1.077   1.00 12.30 ? 4   MET A CE  1 
ATOM   32  N  N   . THR A 1 5   ? 5.730   -6.161  6.392   1.00 13.20 ? 5   THR A N   1 
ATOM   33  C  CA  . THR A 1 5   ? 5.781   -5.297  7.562   1.00 13.21 ? 5   THR A CA  1 
ATOM   34  C  C   . THR A 1 5   ? 5.630   -3.842  7.162   1.00 12.65 ? 5   THR A C   1 
ATOM   35  O  O   . THR A 1 5   ? 6.445   -3.297  6.407   1.00 12.48 ? 5   THR A O   1 
ATOM   36  C  CB  . THR A 1 5   ? 7.114   -5.448  8.293   1.00 15.16 ? 5   THR A CB  1 
ATOM   37  O  OG1 . THR A 1 5   ? 7.351   -6.836  8.572   1.00 14.57 ? 5   THR A OG1 1 
ATOM   38  C  CG2 . THR A 1 5   ? 7.109   -4.640  9.596   1.00 14.43 ? 5   THR A CG2 1 
ATOM   39  N  N   . GLN A 1 6   ? 4.607   -3.205  7.705   1.00 11.10 ? 6   GLN A N   1 
ATOM   40  C  CA  . GLN A 1 6   ? 4.327   -1.823  7.395   1.00 10.48 ? 6   GLN A CA  1 
ATOM   41  C  C   . GLN A 1 6   ? 4.850   -0.862  8.438   1.00 12.62 ? 6   GLN A C   1 
ATOM   42  O  O   . GLN A 1 6   ? 4.953   -1.195  9.618   1.00 13.06 ? 6   GLN A O   1 
ATOM   43  C  CB  . GLN A 1 6   ? 2.840   -1.636  7.213   1.00 10.52 ? 6   GLN A CB  1 
ATOM   44  C  CG  . GLN A 1 6   ? 2.297   -2.413  6.032   1.00 9.17  ? 6   GLN A CG  1 
ATOM   45  C  CD  . GLN A 1 6   ? 0.823   -2.163  5.782   1.00 7.74  ? 6   GLN A CD  1 
ATOM   46  O  OE1 . GLN A 1 6   ? 0.076   -3.091  5.563   1.00 8.70  ? 6   GLN A OE1 1 
ATOM   47  N  NE2 . GLN A 1 6   ? 0.400   -0.908  5.840   1.00 10.25 ? 6   GLN A NE2 1 
ATOM   48  N  N   . SER A 1 7   ? 5.124   0.354   7.998   1.00 14.85 ? 7   SER A N   1 
ATOM   49  C  CA  . SER A 1 7   ? 5.632   1.387   8.876   1.00 16.73 ? 7   SER A CA  1 
ATOM   50  C  C   . SER A 1 7   ? 5.113   2.696   8.288   1.00 17.56 ? 7   SER A C   1 
ATOM   51  O  O   . SER A 1 7   ? 5.130   2.866   7.065   1.00 17.77 ? 7   SER A O   1 
ATOM   52  C  CB  . SER A 1 7   ? 7.161   1.348   8.862   1.00 16.27 ? 7   SER A CB  1 
ATOM   53  O  OG  . SER A 1 7   ? 7.715   1.801   10.083  1.00 20.40 ? 7   SER A OG  1 
ATOM   54  N  N   . PRO A 1 8   ? 4.511   3.567   9.123   1.00 17.55 ? 8   PRO A N   1 
ATOM   55  C  CA  . PRO A 1 8   ? 4.283   3.396   10.563  1.00 17.23 ? 8   PRO A CA  1 
ATOM   56  C  C   . PRO A 1 8   ? 2.993   2.623   10.785  1.00 18.12 ? 8   PRO A C   1 
ATOM   57  O  O   . PRO A 1 8   ? 2.303   2.268   9.826   1.00 18.96 ? 8   PRO A O   1 
ATOM   58  C  CB  . PRO A 1 8   ? 4.106   4.838   11.047  1.00 17.15 ? 8   PRO A CB  1 
ATOM   59  C  CG  . PRO A 1 8   ? 3.344   5.459   9.918   1.00 15.72 ? 8   PRO A CG  1 
ATOM   60  C  CD  . PRO A 1 8   ? 4.087   4.914   8.688   1.00 16.44 ? 8   PRO A CD  1 
ATOM   61  N  N   . ASP A 1 9   ? 2.659   2.404   12.048  1.00 17.86 ? 9   ASP A N   1 
ATOM   62  C  CA  . ASP A 1 9   ? 1.432   1.705   12.410  1.00 17.64 ? 9   ASP A CA  1 
ATOM   63  C  C   . ASP A 1 9   ? 0.273   2.700   12.301  1.00 18.21 ? 9   ASP A C   1 
ATOM   64  O  O   . ASP A 1 9   ? -0.858  2.325   11.967  1.00 18.29 ? 9   ASP A O   1 
ATOM   65  C  CB  . ASP A 1 9   ? 1.540   1.166   13.843  1.00 18.55 ? 9   ASP A CB  1 
ATOM   66  N  N   . SER A 1 10  ? 0.568   3.973   12.577  1.00 17.89 ? 10  SER A N   1 
ATOM   67  C  CA  . SER A 1 10  ? -0.427  5.037   12.540  1.00 17.87 ? 10  SER A CA  1 
ATOM   68  C  C   . SER A 1 10  ? 0.220   6.312   12.018  1.00 19.04 ? 10  SER A C   1 
ATOM   69  O  O   . SER A 1 10  ? 1.409   6.539   12.243  1.00 20.82 ? 10  SER A O   1 
ATOM   70  C  CB  . SER A 1 10  ? -0.978  5.276   13.938  1.00 15.76 ? 10  SER A CB  1 
ATOM   71  N  N   . LEU A 1 11  ? -0.556  7.137   11.321  1.00 19.84 ? 11  LEU A N   1 
ATOM   72  C  CA  . LEU A 1 11  ? -0.055  8.395   10.772  1.00 20.57 ? 11  LEU A CA  1 
ATOM   73  C  C   . LEU A 1 11  ? -1.182  9.428   10.752  1.00 21.01 ? 11  LEU A C   1 
ATOM   74  O  O   . LEU A 1 11  ? -2.292  9.142   10.284  1.00 22.39 ? 11  LEU A O   1 
ATOM   75  C  CB  . LEU A 1 11  ? 0.494   8.174   9.353   1.00 21.13 ? 11  LEU A CB  1 
ATOM   76  C  CG  . LEU A 1 11  ? 1.574   9.114   8.802   1.00 22.50 ? 11  LEU A CG  1 
ATOM   77  C  CD1 . LEU A 1 11  ? 0.996   10.413  8.252   1.00 21.69 ? 11  LEU A CD1 1 
ATOM   78  C  CD2 . LEU A 1 11  ? 2.604   9.377   9.892   1.00 23.00 ? 11  LEU A CD2 1 
ATOM   79  N  N   . ALA A 1 12  ? -0.921  10.599  11.321  1.00 20.22 ? 12  ALA A N   1 
ATOM   80  C  CA  . ALA A 1 12  ? -1.908  11.678  11.353  1.00 20.61 ? 12  ALA A CA  1 
ATOM   81  C  C   . ALA A 1 12  ? -1.306  12.790  10.502  1.00 20.75 ? 12  ALA A C   1 
ATOM   82  O  O   . ALA A 1 12  ? -0.354  13.452  10.920  1.00 22.84 ? 12  ALA A O   1 
ATOM   83  C  CB  . ALA A 1 12  ? -2.149  12.164  12.806  1.00 19.03 ? 12  ALA A CB  1 
ATOM   84  N  N   . VAL A 1 13  ? -1.812  12.951  9.286   1.00 21.33 ? 13  VAL A N   1 
ATOM   85  C  CA  . VAL A 1 13  ? -1.304  13.969  8.375   1.00 20.23 ? 13  VAL A CA  1 
ATOM   86  C  C   . VAL A 1 13  ? -2.331  15.090  8.238   1.00 19.80 ? 13  VAL A C   1 
ATOM   87  O  O   . VAL A 1 13  ? -3.528  14.868  8.390   1.00 20.69 ? 13  VAL A O   1 
ATOM   88  C  CB  . VAL A 1 13  ? -1.008  13.346  7.000   1.00 21.57 ? 13  VAL A CB  1 
ATOM   89  N  N   . SER A 1 14  ? -1.862  16.301  7.973   1.00 20.29 ? 14  SER A N   1 
ATOM   90  C  CA  . SER A 1 14  ? -2.765  17.430  7.814   1.00 20.72 ? 14  SER A CA  1 
ATOM   91  C  C   . SER A 1 14  ? -3.311  17.437  6.384   1.00 19.72 ? 14  SER A C   1 
ATOM   92  O  O   . SER A 1 14  ? -2.601  17.065  5.437   1.00 18.54 ? 14  SER A O   1 
ATOM   93  C  CB  . SER A 1 14  ? -2.031  18.740  8.116   1.00 22.84 ? 14  SER A CB  1 
ATOM   94  O  OG  . SER A 1 14  ? -2.934  19.829  8.217   1.00 26.35 ? 14  SER A OG  1 
ATOM   95  N  N   . LEU A 1 15  ? -4.569  17.855  6.235   1.00 18.83 ? 15  LEU A N   1 
ATOM   96  C  CA  . LEU A 1 15  ? -5.221  17.922  4.927   1.00 17.30 ? 15  LEU A CA  1 
ATOM   97  C  C   . LEU A 1 15  ? -4.341  18.642  3.925   1.00 14.91 ? 15  LEU A C   1 
ATOM   98  O  O   . LEU A 1 15  ? -3.717  19.646  4.256   1.00 16.02 ? 15  LEU A O   1 
ATOM   99  C  CB  . LEU A 1 15  ? -6.541  18.690  5.008   1.00 18.46 ? 15  LEU A CB  1 
ATOM   100 C  CG  . LEU A 1 15  ? -7.821  18.053  5.545   1.00 19.06 ? 15  LEU A CG  1 
ATOM   101 C  CD1 . LEU A 1 15  ? -8.951  19.049  5.337   1.00 20.47 ? 15  LEU A CD1 1 
ATOM   102 C  CD2 . LEU A 1 15  ? -8.149  16.728  4.849   1.00 17.44 ? 15  LEU A CD2 1 
ATOM   103 N  N   . GLY A 1 16  ? -4.304  18.133  2.701   1.00 14.43 ? 16  GLY A N   1 
ATOM   104 C  CA  . GLY A 1 16  ? -3.518  18.753  1.652   1.00 14.04 ? 16  GLY A CA  1 
ATOM   105 C  C   . GLY A 1 16  ? -2.055  18.390  1.693   1.00 14.60 ? 16  GLY A C   1 
ATOM   106 O  O   . GLY A 1 16  ? -1.323  18.668  0.752   1.00 14.99 ? 16  GLY A O   1 
ATOM   107 N  N   . GLU A 1 17  ? -1.611  17.760  2.770   1.00 15.44 ? 17  GLU A N   1 
ATOM   108 C  CA  . GLU A 1 17  ? -0.209  17.397  2.874   1.00 16.37 ? 17  GLU A CA  1 
ATOM   109 C  C   . GLU A 1 17  ? -0.001  15.946  2.439   1.00 15.98 ? 17  GLU A C   1 
ATOM   110 O  O   . GLU A 1 17  ? -0.961  15.194  2.291   1.00 16.18 ? 17  GLU A O   1 
ATOM   111 C  CB  . GLU A 1 17  ? 0.309   17.652  4.299   1.00 18.72 ? 17  GLU A CB  1 
ATOM   112 C  CG  . GLU A 1 17  ? 0.240   19.139  4.735   1.00 20.32 ? 17  GLU A CG  1 
ATOM   113 C  CD  . GLU A 1 17  ? 1.059   20.099  3.849   1.00 23.62 ? 17  GLU A CD  1 
ATOM   114 O  OE1 . GLU A 1 17  ? 2.137   19.707  3.336   1.00 25.01 ? 17  GLU A OE1 1 
ATOM   115 O  OE2 . GLU A 1 17  ? 0.631   21.264  3.668   1.00 24.89 ? 17  GLU A OE2 1 
ATOM   116 N  N   . ARG A 1 18  ? 1.252   15.568  2.218   1.00 15.48 ? 18  ARG A N   1 
ATOM   117 C  CA  . ARG A 1 18  ? 1.586   14.218  1.751   1.00 16.18 ? 18  ARG A CA  1 
ATOM   118 C  C   . ARG A 1 18  ? 1.744   13.172  2.856   1.00 15.63 ? 18  ARG A C   1 
ATOM   119 O  O   . ARG A 1 18  ? 2.328   13.437  3.911   1.00 16.02 ? 18  ARG A O   1 
ATOM   120 C  CB  . ARG A 1 18  ? 2.855   14.266  0.870   1.00 15.28 ? 18  ARG A CB  1 
ATOM   121 N  N   . ALA A 1 19  ? 1.190   11.989  2.625   1.00 15.81 ? 19  ALA A N   1 
ATOM   122 C  CA  . ALA A 1 19  ? 1.311   10.905  3.586   1.00 15.37 ? 19  ALA A CA  1 
ATOM   123 C  C   . ALA A 1 19  ? 2.117   9.811   2.910   1.00 15.29 ? 19  ALA A C   1 
ATOM   124 O  O   . ALA A 1 19  ? 1.862   9.462   1.743   1.00 14.45 ? 19  ALA A O   1 
ATOM   125 C  CB  . ALA A 1 19  ? -0.053  10.395  4.003   1.00 15.24 ? 19  ALA A CB  1 
ATOM   126 N  N   . THR A 1 20  ? 3.099   9.285   3.635   1.00 14.17 ? 20  THR A N   1 
ATOM   127 C  CA  . THR A 1 20  ? 3.978   8.243   3.122   1.00 14.94 ? 20  THR A CA  1 
ATOM   128 C  C   . THR A 1 20  ? 3.925   6.987   4.006   1.00 15.88 ? 20  THR A C   1 
ATOM   129 O  O   . THR A 1 20  ? 4.136   7.051   5.222   1.00 15.47 ? 20  THR A O   1 
ATOM   130 C  CB  . THR A 1 20  ? 5.423   8.790   2.999   1.00 15.08 ? 20  THR A CB  1 
ATOM   131 N  N   . ILE A 1 21  ? 3.617   5.851   3.383   1.00 14.66 ? 21  ILE A N   1 
ATOM   132 C  CA  . ILE A 1 21  ? 3.493   4.575   4.085   1.00 15.37 ? 21  ILE A CA  1 
ATOM   133 C  C   . ILE A 1 21  ? 4.470   3.566   3.486   1.00 14.29 ? 21  ILE A C   1 
ATOM   134 O  O   . ILE A 1 21  ? 4.529   3.379   2.264   1.00 14.28 ? 21  ILE A O   1 
ATOM   135 C  CB  . ILE A 1 21  ? 2.049   4.025   3.974   1.00 15.37 ? 21  ILE A CB  1 
ATOM   136 C  CG1 . ILE A 1 21  ? 1.066   5.024   4.588   1.00 15.55 ? 21  ILE A CG1 1 
ATOM   137 C  CG2 . ILE A 1 21  ? 1.946   2.673   4.672   1.00 17.56 ? 21  ILE A CG2 1 
ATOM   138 C  CD1 . ILE A 1 21  ? -0.401  4.613   4.459   1.00 17.11 ? 21  ILE A CD1 1 
ATOM   139 N  N   . ASN A 1 22  ? 5.249   2.935   4.346   1.00 12.73 ? 22  ASN A N   1 
ATOM   140 C  CA  . ASN A 1 22  ? 6.242   1.973   3.899   1.00 13.48 ? 22  ASN A CA  1 
ATOM   141 C  C   . ASN A 1 22  ? 5.784   0.545   4.140   1.00 11.79 ? 22  ASN A C   1 
ATOM   142 O  O   . ASN A 1 22  ? 4.993   0.285   5.033   1.00 10.28 ? 22  ASN A O   1 
ATOM   143 C  CB  . ASN A 1 22  ? 7.585   2.209   4.611   1.00 15.79 ? 22  ASN A CB  1 
ATOM   144 C  CG  . ASN A 1 22  ? 8.328   3.471   4.123   1.00 17.92 ? 22  ASN A CG  1 
ATOM   145 O  OD1 . ASN A 1 22  ? 9.462   3.719   4.544   1.00 19.69 ? 22  ASN A OD1 1 
ATOM   146 N  ND2 . ASN A 1 22  ? 7.715   4.241   3.231   1.00 19.12 ? 22  ASN A ND2 1 
ATOM   147 N  N   . CYS A 1 23  ? 6.277   -0.368  3.315   1.00 11.01 ? 23  CYS A N   1 
ATOM   148 C  CA  . CYS A 1 23  ? 5.958   -1.788  3.425   1.00 11.19 ? 23  CYS A CA  1 
ATOM   149 C  C   . CYS A 1 23  ? 7.202   -2.579  3.004   1.00 11.61 ? 23  CYS A C   1 
ATOM   150 O  O   . CYS A 1 23  ? 7.762   -2.350  1.939   1.00 11.80 ? 23  CYS A O   1 
ATOM   151 C  CB  . CYS A 1 23  ? 4.758   -2.122  2.533   1.00 11.98 ? 23  CYS A CB  1 
ATOM   152 S  SG  . CYS A 1 23  ? 4.434   -3.897  2.254   1.00 13.16 ? 23  CYS A SG  1 
ATOM   153 N  N   . LYS A 1 24  ? 7.639   -3.498  3.850   1.00 11.29 ? 24  LYS A N   1 
ATOM   154 C  CA  . LYS A 1 24  ? 8.823   -4.294  3.573   1.00 13.96 ? 24  LYS A CA  1 
ATOM   155 C  C   . LYS A 1 24  ? 8.444   -5.775  3.490   1.00 12.91 ? 24  LYS A C   1 
ATOM   156 O  O   . LYS A 1 24  ? 7.623   -6.250  4.266   1.00 12.55 ? 24  LYS A O   1 
ATOM   157 C  CB  . LYS A 1 24  ? 9.853   -4.049  4.698   1.00 16.40 ? 24  LYS A CB  1 
ATOM   158 C  CG  . LYS A 1 24  ? 11.307  -4.362  4.382   1.00 18.44 ? 24  LYS A CG  1 
ATOM   159 C  CD  . LYS A 1 24  ? 11.614  -5.854  4.282   1.00 20.03 ? 24  LYS A CD  1 
ATOM   160 C  CE  . LYS A 1 24  ? 13.121  -6.146  4.379   1.00 21.03 ? 24  LYS A CE  1 
ATOM   161 N  NZ  . LYS A 1 24  ? 13.978  -5.247  3.523   1.00 24.13 ? 24  LYS A NZ  1 
ATOM   162 N  N   . SER A 1 25  ? 8.969   -6.471  2.491   1.00 13.42 ? 25  SER A N   1 
ATOM   163 C  CA  . SER A 1 25  ? 8.710   -7.910  2.346   1.00 13.26 ? 25  SER A CA  1 
ATOM   164 C  C   . SER A 1 25  ? 9.984   -8.646  2.793   1.00 13.50 ? 25  SER A C   1 
ATOM   165 O  O   . SER A 1 25  ? 11.101  -8.136  2.597   1.00 13.54 ? 25  SER A O   1 
ATOM   166 C  CB  . SER A 1 25  ? 8.300   -8.279  0.908   1.00 13.15 ? 25  SER A CB  1 
ATOM   167 O  OG  . SER A 1 25  ? 9.269   -7.903  -0.056  1.00 11.24 ? 25  SER A OG  1 
ATOM   168 N  N   . SER A 1 26  ? 9.817   -9.795  3.451   1.00 12.36 ? 26  SER A N   1 
ATOM   169 C  CA  . SER A 1 26  ? 10.946  -10.563 3.965   1.00 12.93 ? 26  SER A CA  1 
ATOM   170 C  C   . SER A 1 26  ? 11.910  -11.048 2.887   1.00 13.26 ? 26  SER A C   1 
ATOM   171 O  O   . SER A 1 26  ? 13.096  -11.274 3.137   1.00 13.72 ? 26  SER A O   1 
ATOM   172 C  CB  . SER A 1 26  ? 10.451  -11.728 4.848   1.00 13.22 ? 26  SER A CB  1 
ATOM   173 O  OG  . SER A 1 26  ? 9.454   -12.509 4.213   1.00 12.27 ? 26  SER A OG  1 
ATOM   174 N  N   . GLN A 1 27  ? 11.392  -11.214 1.682   1.00 13.89 ? 27  GLN A N   1 
ATOM   175 C  CA  . GLN A 1 27  ? 12.214  -11.626 0.569   1.00 14.38 ? 27  GLN A CA  1 
ATOM   176 C  C   . GLN A 1 27  ? 11.680  -10.870 -0.629  1.00 12.44 ? 27  GLN A C   1 
ATOM   177 O  O   . GLN A 1 27  ? 10.552  -10.374 -0.585  1.00 12.69 ? 27  GLN A O   1 
ATOM   178 C  CB  . GLN A 1 27  ? 12.125  -13.139 0.361   1.00 15.67 ? 27  GLN A CB  1 
ATOM   179 C  CG  . GLN A 1 27  ? 10.753  -13.661 0.046   1.00 17.11 ? 27  GLN A CG  1 
ATOM   180 C  CD  . GLN A 1 27  ? 10.742  -15.177 -0.079  1.00 18.33 ? 27  GLN A CD  1 
ATOM   181 O  OE1 . GLN A 1 27  ? 10.789  -15.888 0.927   1.00 20.00 ? 27  GLN A OE1 1 
ATOM   182 N  NE2 . GLN A 1 27  ? 10.689  -15.677 -1.306  1.00 17.34 ? 27  GLN A NE2 1 
ATOM   183 N  N   . SER A 1 28  A 12.490  -10.767 -1.679  1.00 12.08 ? 27  SER A N   1 
ATOM   184 C  CA  . SER A 1 28  A 12.087  -10.054 -2.887  1.00 12.09 ? 27  SER A CA  1 
ATOM   185 C  C   . SER A 1 28  A 10.824  -10.614 -3.505  1.00 11.97 ? 27  SER A C   1 
ATOM   186 O  O   . SER A 1 28  A 10.676  -11.833 -3.632  1.00 13.16 ? 27  SER A O   1 
ATOM   187 C  CB  . SER A 1 28  A 13.201  -10.096 -3.938  1.00 13.47 ? 27  SER A CB  1 
ATOM   188 O  OG  . SER A 1 28  A 12.844  -9.361  -5.098  1.00 12.81 ? 27  SER A OG  1 
ATOM   189 N  N   . VAL A 1 29  B 9.925   -9.728  -3.913  1.00 10.98 ? 27  VAL A N   1 
ATOM   190 C  CA  . VAL A 1 29  B 8.696   -10.145 -4.564  1.00 12.16 ? 27  VAL A CA  1 
ATOM   191 C  C   . VAL A 1 29  B 8.732   -9.700  -6.026  1.00 13.38 ? 27  VAL A C   1 
ATOM   192 O  O   . VAL A 1 29  B 7.696   -9.591  -6.696  1.00 13.55 ? 27  VAL A O   1 
ATOM   193 C  CB  . VAL A 1 29  B 7.426   -9.640  -3.850  1.00 11.98 ? 27  VAL A CB  1 
ATOM   194 C  CG1 . VAL A 1 29  B 7.319   -10.298 -2.484  1.00 10.84 ? 27  VAL A CG1 1 
ATOM   195 C  CG2 . VAL A 1 29  B 7.440   -8.108  -3.721  1.00 12.70 ? 27  VAL A CG2 1 
ATOM   196 N  N   . LEU A 1 30  C 9.948   -9.433  -6.499  1.00 14.63 ? 27  LEU A N   1 
ATOM   197 C  CA  . LEU A 1 30  C 10.194  -9.043  -7.879  1.00 15.10 ? 27  LEU A CA  1 
ATOM   198 C  C   . LEU A 1 30  C 10.519  -10.320 -8.667  1.00 16.17 ? 27  LEU A C   1 
ATOM   199 O  O   . LEU A 1 30  C 11.536  -10.976 -8.417  1.00 16.79 ? 27  LEU A O   1 
ATOM   200 C  CB  . LEU A 1 30  C 11.368  -8.073  -7.940  1.00 14.33 ? 27  LEU A CB  1 
ATOM   201 C  CG  . LEU A 1 30  C 11.945  -7.750  -9.313  1.00 15.68 ? 27  LEU A CG  1 
ATOM   202 C  CD1 . LEU A 1 30  C 10.872  -7.216  -10.243 1.00 15.70 ? 27  LEU A CD1 1 
ATOM   203 C  CD2 . LEU A 1 30  C 13.083  -6.756  -9.130  1.00 14.15 ? 27  LEU A CD2 1 
ATOM   204 N  N   . TYR A 1 31  D 9.626   -10.697 -9.575  1.00 16.37 ? 27  TYR A N   1 
ATOM   205 C  CA  . TYR A 1 31  D 9.821   -11.882 -10.401 1.00 17.05 ? 27  TYR A CA  1 
ATOM   206 C  C   . TYR A 1 31  D 10.733  -11.508 -11.574 1.00 19.13 ? 27  TYR A C   1 
ATOM   207 O  O   . TYR A 1 31  D 10.408  -10.609 -12.352 1.00 20.02 ? 27  TYR A O   1 
ATOM   208 C  CB  . TYR A 1 31  D 8.468   -12.376 -10.890 1.00 16.14 ? 27  TYR A CB  1 
ATOM   209 C  CG  . TYR A 1 31  D 8.473   -13.699 -11.613 1.00 16.93 ? 27  TYR A CG  1 
ATOM   210 C  CD1 . TYR A 1 31  D 9.537   -14.610 -11.486 1.00 17.77 ? 27  TYR A CD1 1 
ATOM   211 C  CD2 . TYR A 1 31  D 7.416   -14.024 -12.454 1.00 16.17 ? 27  TYR A CD2 1 
ATOM   212 C  CE1 . TYR A 1 31  D 9.535   -15.814 -12.198 1.00 18.27 ? 27  TYR A CE1 1 
ATOM   213 C  CE2 . TYR A 1 31  D 7.397   -15.204 -13.157 1.00 17.97 ? 27  TYR A CE2 1 
ATOM   214 C  CZ  . TYR A 1 31  D 8.451   -16.091 -13.034 1.00 17.96 ? 27  TYR A CZ  1 
ATOM   215 O  OH  . TYR A 1 31  D 8.400   -17.225 -13.806 1.00 21.32 ? 27  TYR A OH  1 
ATOM   216 N  N   . SER A 1 32  E 11.870  -12.191 -11.698 1.00 20.80 ? 27  SER A N   1 
ATOM   217 C  CA  . SER A 1 32  E 12.821  -11.885 -12.769 1.00 21.80 ? 27  SER A CA  1 
ATOM   218 C  C   . SER A 1 32  E 12.384  -12.227 -14.194 1.00 21.97 ? 27  SER A C   1 
ATOM   219 O  O   . SER A 1 32  E 12.802  -11.562 -15.132 1.00 23.15 ? 27  SER A O   1 
ATOM   220 C  CB  . SER A 1 32  E 14.214  -12.470 -12.460 1.00 22.00 ? 27  SER A CB  1 
ATOM   221 O  OG  . SER A 1 32  E 14.203  -13.880 -12.313 1.00 21.16 ? 27  SER A OG  1 
ATOM   222 N  N   . SER A 1 33  F 11.547  -13.246 -14.367 1.00 22.07 ? 27  SER A N   1 
ATOM   223 C  CA  . SER A 1 33  F 11.078  -13.607 -15.705 1.00 22.04 ? 27  SER A CA  1 
ATOM   224 C  C   . SER A 1 33  F 10.132  -12.530 -16.252 1.00 22.49 ? 27  SER A C   1 
ATOM   225 O  O   . SER A 1 33  F 10.185  -12.183 -17.439 1.00 23.69 ? 27  SER A O   1 
ATOM   226 C  CB  . SER A 1 33  F 10.354  -14.962 -15.676 1.00 21.35 ? 27  SER A CB  1 
ATOM   227 O  OG  . SER A 1 33  F 11.156  -15.969 -15.072 1.00 21.11 ? 27  SER A OG  1 
ATOM   228 N  N   . ASN A 1 34  ? 9.305   -11.998 -15.352 1.00 21.86 ? 28  ASN A N   1 
ATOM   229 C  CA  . ASN A 1 34  ? 8.285   -10.980 -15.623 1.00 21.85 ? 28  ASN A CA  1 
ATOM   230 C  C   . ASN A 1 34  ? 8.746   -9.543  -15.429 1.00 21.57 ? 28  ASN A C   1 
ATOM   231 O  O   . ASN A 1 34  ? 8.195   -8.624  -16.039 1.00 22.13 ? 28  ASN A O   1 
ATOM   232 C  CB  . ASN A 1 34  ? 7.113   -11.173 -14.644 1.00 22.43 ? 28  ASN A CB  1 
ATOM   233 C  CG  . ASN A 1 34  ? 5.960   -11.942 -15.250 1.00 23.91 ? 28  ASN A CG  1 
ATOM   234 O  OD1 . ASN A 1 34  ? 6.115   -12.614 -16.261 1.00 27.42 ? 28  ASN A OD1 1 
ATOM   235 N  ND2 . ASN A 1 34  ? 4.792   -11.844 -14.636 1.00 23.67 ? 28  ASN A ND2 1 
ATOM   236 N  N   . SER A 1 35  ? 9.657   -9.364  -14.477 1.00 20.79 ? 29  SER A N   1 
ATOM   237 C  CA  . SER A 1 35  ? 10.171  -8.067  -14.066 1.00 20.62 ? 29  SER A CA  1 
ATOM   238 C  C   . SER A 1 35  ? 9.092   -7.321  -13.246 1.00 20.74 ? 29  SER A C   1 
ATOM   239 O  O   . SER A 1 35  ? 9.238   -6.130  -12.938 1.00 20.57 ? 29  SER A O   1 
ATOM   240 C  CB  . SER A 1 35  ? 10.629  -7.241  -15.273 1.00 21.05 ? 29  SER A CB  1 
ATOM   241 O  OG  . SER A 1 35  ? 11.833  -7.761  -15.811 1.00 21.27 ? 29  SER A OG  1 
ATOM   242 N  N   . LYS A 1 36  ? 8.055   -8.057  -12.833 1.00 19.67 ? 30  LYS A N   1 
ATOM   243 C  CA  . LYS A 1 36  ? 6.944   -7.494  -12.065 1.00 17.63 ? 30  LYS A CA  1 
ATOM   244 C  C   . LYS A 1 36  ? 6.991   -7.784  -10.577 1.00 16.60 ? 30  LYS A C   1 
ATOM   245 O  O   . LYS A 1 36  ? 7.353   -8.887  -10.162 1.00 15.72 ? 30  LYS A O   1 
ATOM   246 C  CB  . LYS A 1 36  ? 5.610   -8.005  -12.608 1.00 18.93 ? 30  LYS A CB  1 
ATOM   247 C  CG  . LYS A 1 36  ? 5.227   -7.439  -13.944 1.00 18.89 ? 30  LYS A CG  1 
ATOM   248 C  CD  . LYS A 1 36  ? 3.899   -7.999  -14.378 1.00 22.72 ? 30  LYS A CD  1 
ATOM   249 C  CE  . LYS A 1 36  ? 3.366   -7.233  -15.576 1.00 24.80 ? 30  LYS A CE  1 
ATOM   250 N  NZ  . LYS A 1 36  ? 2.447   -8.076  -16.363 1.00 25.66 ? 30  LYS A NZ  1 
ATOM   251 N  N   . ASN A 1 37  ? 6.623   -6.776  -9.789  1.00 13.44 ? 31  ASN A N   1 
ATOM   252 C  CA  . ASN A 1 37  ? 6.569   -6.883  -8.334  1.00 12.46 ? 31  ASN A CA  1 
ATOM   253 C  C   . ASN A 1 37  ? 5.142   -7.301  -7.966  1.00 10.96 ? 31  ASN A C   1 
ATOM   254 O  O   . ASN A 1 37  ? 4.172   -6.618  -8.286  1.00 8.70  ? 31  ASN A O   1 
ATOM   255 C  CB  . ASN A 1 37  ? 6.918   -5.546  -7.682  1.00 12.42 ? 31  ASN A CB  1 
ATOM   256 C  CG  . ASN A 1 37  ? 8.398   -5.215  -7.774  1.00 14.36 ? 31  ASN A CG  1 
ATOM   257 O  OD1 . ASN A 1 37  ? 9.211   -5.759  -7.023  1.00 16.39 ? 31  ASN A OD1 1 
ATOM   258 N  ND2 . ASN A 1 37  ? 8.755   -4.303  -8.677  1.00 15.40 ? 31  ASN A ND2 1 
ATOM   259 N  N   . TYR A 1 38  ? 5.023   -8.460  -7.336  1.00 10.48 ? 32  TYR A N   1 
ATOM   260 C  CA  . TYR A 1 38  ? 3.736   -9.012  -6.950  1.00 10.46 ? 32  TYR A CA  1 
ATOM   261 C  C   . TYR A 1 38  ? 3.352   -8.382  -5.622  1.00 9.22  ? 32  TYR A C   1 
ATOM   262 O  O   . TYR A 1 38  ? 3.276   -9.043  -4.587  1.00 7.37  ? 32  TYR A O   1 
ATOM   263 C  CB  . TYR A 1 38  ? 3.849   -10.542 -6.879  1.00 10.88 ? 32  TYR A CB  1 
ATOM   264 C  CG  . TYR A 1 38  ? 3.986   -11.180 -8.248  1.00 11.46 ? 32  TYR A CG  1 
ATOM   265 C  CD1 . TYR A 1 38  ? 5.063   -10.872 -9.079  1.00 13.53 ? 32  TYR A CD1 1 
ATOM   266 C  CD2 . TYR A 1 38  ? 3.004   -12.041 -8.740  1.00 13.06 ? 32  TYR A CD2 1 
ATOM   267 C  CE1 . TYR A 1 38  ? 5.161   -11.396 -10.369 1.00 11.96 ? 32  TYR A CE1 1 
ATOM   268 C  CE2 . TYR A 1 38  ? 3.093   -12.571 -10.025 1.00 12.67 ? 32  TYR A CE2 1 
ATOM   269 C  CZ  . TYR A 1 38  ? 4.175   -12.243 -10.832 1.00 13.13 ? 32  TYR A CZ  1 
ATOM   270 O  OH  . TYR A 1 38  ? 4.274   -12.762 -12.108 1.00 14.19 ? 32  TYR A OH  1 
ATOM   271 N  N   . LEU A 1 39  ? 3.077   -7.081  -5.698  1.00 10.13 ? 33  LEU A N   1 
ATOM   272 C  CA  . LEU A 1 39  ? 2.754   -6.256  -4.532  1.00 9.01  ? 33  LEU A CA  1 
ATOM   273 C  C   . LEU A 1 39  ? 1.507   -5.423  -4.799  1.00 9.39  ? 33  LEU A C   1 
ATOM   274 O  O   . LEU A 1 39  ? 1.389   -4.777  -5.848  1.00 9.83  ? 33  LEU A O   1 
ATOM   275 C  CB  . LEU A 1 39  ? 3.961   -5.344  -4.240  1.00 8.14  ? 33  LEU A CB  1 
ATOM   276 C  CG  . LEU A 1 39  ? 4.112   -4.599  -2.917  1.00 8.67  ? 33  LEU A CG  1 
ATOM   277 C  CD1 . LEU A 1 39  ? 3.133   -3.438  -2.787  1.00 5.58  ? 33  LEU A CD1 1 
ATOM   278 C  CD2 . LEU A 1 39  ? 3.940   -5.609  -1.784  1.00 9.02  ? 33  LEU A CD2 1 
ATOM   279 N  N   . ALA A 1 40  ? 0.577   -5.458  -3.856  1.00 7.77  ? 34  ALA A N   1 
ATOM   280 C  CA  . ALA A 1 40  ? -0.665  -4.717  -3.965  1.00 6.32  ? 34  ALA A CA  1 
ATOM   281 C  C   . ALA A 1 40  ? -0.910  -3.845  -2.730  1.00 5.04  ? 34  ALA A C   1 
ATOM   282 O  O   . ALA A 1 40  ? -0.394  -4.130  -1.642  1.00 6.08  ? 34  ALA A O   1 
ATOM   283 C  CB  . ALA A 1 40  ? -1.836  -5.688  -4.155  1.00 4.70  ? 34  ALA A CB  1 
ATOM   284 N  N   . TRP A 1 41  ? -1.691  -2.788  -2.910  1.00 5.29  ? 35  TRP A N   1 
ATOM   285 C  CA  . TRP A 1 41  ? -2.073  -1.899  -1.816  1.00 5.01  ? 35  TRP A CA  1 
ATOM   286 C  C   . TRP A 1 41  ? -3.605  -1.837  -1.776  1.00 5.45  ? 35  TRP A C   1 
ATOM   287 O  O   . TRP A 1 41  ? -4.269  -1.814  -2.813  1.00 8.42  ? 35  TRP A O   1 
ATOM   288 C  CB  . TRP A 1 41  ? -1.490  -0.484  -1.999  1.00 3.95  ? 35  TRP A CB  1 
ATOM   289 C  CG  . TRP A 1 41  ? -0.004  -0.340  -1.716  1.00 5.39  ? 35  TRP A CG  1 
ATOM   290 C  CD1 . TRP A 1 41  ? 0.997   -0.295  -2.656  1.00 6.72  ? 35  TRP A CD1 1 
ATOM   291 C  CD2 . TRP A 1 41  ? 0.632   -0.128  -0.451  1.00 6.24  ? 35  TRP A CD2 1 
ATOM   292 N  NE1 . TRP A 1 41  ? 2.210   -0.062  -2.049  1.00 7.71  ? 35  TRP A NE1 1 
ATOM   293 C  CE2 . TRP A 1 41  ? 2.017   0.043   -0.694  1.00 7.76  ? 35  TRP A CE2 1 
ATOM   294 C  CE3 . TRP A 1 41  ? 0.165   -0.058  0.873   1.00 8.98  ? 35  TRP A CE3 1 
ATOM   295 C  CZ2 . TRP A 1 41  ? 2.944   0.284   0.332   1.00 7.46  ? 35  TRP A CZ2 1 
ATOM   296 C  CZ3 . TRP A 1 41  ? 1.100   0.184   1.906   1.00 6.33  ? 35  TRP A CZ3 1 
ATOM   297 C  CH2 . TRP A 1 41  ? 2.468   0.351   1.619   1.00 8.18  ? 35  TRP A CH2 1 
ATOM   298 N  N   . TYR A 1 42  ? -4.168  -1.851  -0.578  1.00 6.40  ? 36  TYR A N   1 
ATOM   299 C  CA  . TYR A 1 42  ? -5.606  -1.787  -0.384  1.00 8.03  ? 36  TYR A CA  1 
ATOM   300 C  C   . TYR A 1 42  ? -5.945  -0.648  0.556   1.00 8.27  ? 36  TYR A C   1 
ATOM   301 O  O   . TYR A 1 42  ? -5.162  -0.316  1.459   1.00 8.47  ? 36  TYR A O   1 
ATOM   302 C  CB  . TYR A 1 42  ? -6.135  -3.071  0.278   1.00 7.72  ? 36  TYR A CB  1 
ATOM   303 C  CG  . TYR A 1 42  ? -6.016  -4.296  -0.579  1.00 7.74  ? 36  TYR A CG  1 
ATOM   304 C  CD1 . TYR A 1 42  ? -4.837  -5.045  -0.599  1.00 9.83  ? 36  TYR A CD1 1 
ATOM   305 C  CD2 . TYR A 1 42  ? -7.071  -4.693  -1.394  1.00 8.91  ? 36  TYR A CD2 1 
ATOM   306 C  CE1 . TYR A 1 42  ? -4.710  -6.168  -1.428  1.00 9.96  ? 36  TYR A CE1 1 
ATOM   307 C  CE2 . TYR A 1 42  ? -6.950  -5.808  -2.221  1.00 10.17 ? 36  TYR A CE2 1 
ATOM   308 C  CZ  . TYR A 1 42  ? -5.767  -6.532  -2.232  1.00 9.82  ? 36  TYR A CZ  1 
ATOM   309 O  OH  . TYR A 1 42  ? -5.628  -7.596  -3.092  1.00 14.19 ? 36  TYR A OH  1 
ATOM   310 N  N   . GLN A 1 43  ? -7.131  -0.090  0.356   1.00 8.19  ? 37  GLN A N   1 
ATOM   311 C  CA  . GLN A 1 43  ? -7.642  0.968   1.205   1.00 9.54  ? 37  GLN A CA  1 
ATOM   312 C  C   . GLN A 1 43  ? -8.869  0.386   1.902   1.00 10.06 ? 37  GLN A C   1 
ATOM   313 O  O   . GLN A 1 43  ? -9.819  -0.061  1.254   1.00 9.51  ? 37  GLN A O   1 
ATOM   314 C  CB  . GLN A 1 43  ? -8.043  2.157   0.359   1.00 10.18 ? 37  GLN A CB  1 
ATOM   315 C  CG  . GLN A 1 43  ? -8.590  3.312   1.139   1.00 10.20 ? 37  GLN A CG  1 
ATOM   316 C  CD  . GLN A 1 43  ? -9.160  4.362   0.224   1.00 11.07 ? 37  GLN A CD  1 
ATOM   317 O  OE1 . GLN A 1 43  ? -10.096 4.097   -0.528  1.00 13.81 ? 37  GLN A OE1 1 
ATOM   318 N  NE2 . GLN A 1 43  ? -8.586  5.545   0.253   1.00 12.18 ? 37  GLN A NE2 1 
ATOM   319 N  N   . ASP A 1 44  ? -8.836  0.370   3.225   1.00 12.76 ? 38  ASP A N   1 
ATOM   320 C  CA  . ASP A 1 44  ? -9.940  -0.181  3.991   1.00 14.49 ? 38  ASP A CA  1 
ATOM   321 C  C   . ASP A 1 44  ? -10.594 0.851   4.914   1.00 16.19 ? 38  ASP A C   1 
ATOM   322 O  O   . ASP A 1 44  ? -10.005 1.287   5.908   1.00 16.82 ? 38  ASP A O   1 
ATOM   323 C  CB  . ASP A 1 44  ? -9.460  -1.400  4.791   1.00 14.09 ? 38  ASP A CB  1 
ATOM   324 C  CG  . ASP A 1 44  ? -10.571 -2.062  5.525   1.00 14.85 ? 38  ASP A CG  1 
ATOM   325 O  OD1 . ASP A 1 44  ? -11.728 -1.786  5.149   1.00 15.70 ? 38  ASP A OD1 1 
ATOM   326 O  OD2 . ASP A 1 44  ? -10.302 -2.829  6.469   1.00 15.69 ? 38  ASP A OD2 1 
ATOM   327 N  N   . LYS A 1 45  ? -11.808 1.250   4.558   1.00 18.63 ? 39  LYS A N   1 
ATOM   328 C  CA  . LYS A 1 45  ? -12.549 2.233   5.341   1.00 20.55 ? 39  LYS A CA  1 
ATOM   329 C  C   . LYS A 1 45  ? -13.352 1.476   6.367   1.00 21.41 ? 39  LYS A C   1 
ATOM   330 O  O   . LYS A 1 45  ? -13.724 0.320   6.135   1.00 21.89 ? 39  LYS A O   1 
ATOM   331 C  CB  . LYS A 1 45  ? -13.467 3.066   4.441   1.00 20.70 ? 39  LYS A CB  1 
ATOM   332 C  CG  . LYS A 1 45  ? -12.732 3.722   3.280   1.00 20.72 ? 39  LYS A CG  1 
ATOM   333 C  CD  . LYS A 1 45  ? -13.549 4.803   2.636   1.00 21.88 ? 39  LYS A CD  1 
ATOM   334 C  CE  . LYS A 1 45  ? -12.706 5.531   1.626   1.00 21.07 ? 39  LYS A CE  1 
ATOM   335 N  NZ  . LYS A 1 45  ? -13.449 6.702   1.149   1.00 22.95 ? 39  LYS A NZ  1 
ATOM   336 N  N   . PRO A 1 46  ? -13.637 2.111   7.516   1.00 23.37 ? 40  PRO A N   1 
ATOM   337 C  CA  . PRO A 1 46  ? -14.406 1.492   8.603   1.00 23.56 ? 40  PRO A CA  1 
ATOM   338 C  C   . PRO A 1 46  ? -15.732 0.853   8.174   1.00 22.51 ? 40  PRO A C   1 
ATOM   339 O  O   . PRO A 1 46  ? -16.542 1.469   7.472   1.00 23.52 ? 40  PRO A O   1 
ATOM   340 C  CB  . PRO A 1 46  ? -14.595 2.651   9.599   1.00 23.53 ? 40  PRO A CB  1 
ATOM   341 C  CG  . PRO A 1 46  ? -14.493 3.878   8.751   1.00 22.60 ? 40  PRO A CG  1 
ATOM   342 C  CD  . PRO A 1 46  ? -13.344 3.519   7.831   1.00 24.47 ? 40  PRO A CD  1 
ATOM   343 N  N   . GLY A 1 47  ? -15.916 -0.406  8.566   1.00 22.82 ? 41  GLY A N   1 
ATOM   344 C  CA  . GLY A 1 47  ? -17.136 -1.128  8.232   1.00 22.45 ? 41  GLY A CA  1 
ATOM   345 C  C   . GLY A 1 47  ? -17.310 -1.507  6.770   1.00 21.27 ? 41  GLY A C   1 
ATOM   346 O  O   . GLY A 1 47  ? -18.192 -2.304  6.437   1.00 22.76 ? 41  GLY A O   1 
ATOM   347 N  N   . GLN A 1 48  ? -16.464 -0.942  5.907   1.00 19.53 ? 42  GLN A N   1 
ATOM   348 C  CA  . GLN A 1 48  ? -16.490 -1.190  4.469   1.00 18.77 ? 42  GLN A CA  1 
ATOM   349 C  C   . GLN A 1 48  ? -15.541 -2.282  4.029   1.00 17.05 ? 42  GLN A C   1 
ATOM   350 O  O   . GLN A 1 48  ? -14.511 -2.539  4.674   1.00 17.75 ? 42  GLN A O   1 
ATOM   351 C  CB  . GLN A 1 48  ? -16.079 0.069   3.708   1.00 20.88 ? 42  GLN A CB  1 
ATOM   352 C  CG  . GLN A 1 48  ? -17.024 1.234   3.811   1.00 23.50 ? 42  GLN A CG  1 
ATOM   353 C  CD  . GLN A 1 48  ? -16.608 2.392   2.907   1.00 25.04 ? 42  GLN A CD  1 
ATOM   354 O  OE1 . GLN A 1 48  ? -16.945 3.554   3.170   1.00 27.02 ? 42  GLN A OE1 1 
ATOM   355 N  NE2 . GLN A 1 48  ? -15.891 2.081   1.830   1.00 25.20 ? 42  GLN A NE2 1 
ATOM   356 N  N   . PRO A 1 49  ? -15.868 -2.950  2.917   1.00 15.02 ? 43  PRO A N   1 
ATOM   357 C  CA  . PRO A 1 49  ? -14.981 -4.004  2.430   1.00 14.28 ? 43  PRO A CA  1 
ATOM   358 C  C   . PRO A 1 49  ? -13.723 -3.278  1.918   1.00 13.25 ? 43  PRO A C   1 
ATOM   359 O  O   . PRO A 1 49  ? -13.802 -2.102  1.566   1.00 12.36 ? 43  PRO A O   1 
ATOM   360 C  CB  . PRO A 1 49  ? -15.783 -4.617  1.273   1.00 14.72 ? 43  PRO A CB  1 
ATOM   361 C  CG  . PRO A 1 49  ? -17.222 -4.256  1.577   1.00 13.29 ? 43  PRO A CG  1 
ATOM   362 C  CD  . PRO A 1 49  ? -17.084 -2.853  2.090   1.00 15.51 ? 43  PRO A CD  1 
ATOM   363 N  N   . PRO A 1 50  ? -12.563 -3.956  1.882   1.00 13.12 ? 44  PRO A N   1 
ATOM   364 C  CA  . PRO A 1 50  ? -11.337 -3.302  1.404   1.00 12.69 ? 44  PRO A CA  1 
ATOM   365 C  C   . PRO A 1 50  ? -11.387 -3.079  -0.096  1.00 12.33 ? 44  PRO A C   1 
ATOM   366 O  O   . PRO A 1 50  ? -11.977 -3.880  -0.815  1.00 12.90 ? 44  PRO A O   1 
ATOM   367 C  CB  . PRO A 1 50  ? -10.241 -4.315  1.754   1.00 13.01 ? 44  PRO A CB  1 
ATOM   368 C  CG  . PRO A 1 50  ? -10.917 -5.300  2.705   1.00 14.61 ? 44  PRO A CG  1 
ATOM   369 C  CD  . PRO A 1 50  ? -12.300 -5.370  2.194   1.00 13.00 ? 44  PRO A CD  1 
ATOM   370 N  N   . LYS A 1 51  ? -10.756 -2.008  -0.567  1.00 10.36 ? 45  LYS A N   1 
ATOM   371 C  CA  . LYS A 1 51  ? -10.737 -1.703  -1.982  1.00 10.47 ? 45  LYS A CA  1 
ATOM   372 C  C   . LYS A 1 51  ? -9.293  -1.762  -2.503  1.00 10.40 ? 45  LYS A C   1 
ATOM   373 O  O   . LYS A 1 51  ? -8.376  -1.197  -1.880  1.00 10.62 ? 45  LYS A O   1 
ATOM   374 C  CB  . LYS A 1 51  ? -11.322 -0.309  -2.214  1.00 11.37 ? 45  LYS A CB  1 
ATOM   375 C  CG  . LYS A 1 51  ? -11.349 0.126   -3.683  1.00 15.11 ? 45  LYS A CG  1 
ATOM   376 C  CD  . LYS A 1 51  ? -11.267 1.629   -3.803  1.00 15.99 ? 45  LYS A CD  1 
ATOM   377 C  CE  . LYS A 1 51  ? -11.575 2.115   -5.221  1.00 16.92 ? 45  LYS A CE  1 
ATOM   378 N  NZ  . LYS A 1 51  ? -10.698 1.484   -6.232  1.00 21.24 ? 45  LYS A NZ  1 
ATOM   379 N  N   . LEU A 1 52  ? -9.087  -2.442  -3.631  1.00 9.35  ? 46  LEU A N   1 
ATOM   380 C  CA  . LEU A 1 52  ? -7.762  -2.560  -4.221  1.00 8.24  ? 46  LEU A CA  1 
ATOM   381 C  C   . LEU A 1 52  ? -7.408  -1.218  -4.832  1.00 6.91  ? 46  LEU A C   1 
ATOM   382 O  O   . LEU A 1 52  ? -8.171  -0.677  -5.625  1.00 9.11  ? 46  LEU A O   1 
ATOM   383 C  CB  . LEU A 1 52  ? -7.751  -3.652  -5.298  1.00 7.73  ? 46  LEU A CB  1 
ATOM   384 C  CG  . LEU A 1 52  ? -6.468  -3.855  -6.105  1.00 9.34  ? 46  LEU A CG  1 
ATOM   385 C  CD1 . LEU A 1 52  ? -5.298  -4.280  -5.232  1.00 8.32  ? 46  LEU A CD1 1 
ATOM   386 C  CD2 . LEU A 1 52  ? -6.724  -4.882  -7.191  1.00 9.33  ? 46  LEU A CD2 1 
ATOM   387 N  N   . LEU A 1 53  ? -6.269  -0.664  -4.432  1.00 8.58  ? 47  LEU A N   1 
ATOM   388 C  CA  . LEU A 1 53  ? -5.824  0.644   -4.921  1.00 9.10  ? 47  LEU A CA  1 
ATOM   389 C  C   . LEU A 1 53  ? -4.734  0.619   -5.991  1.00 9.16  ? 47  LEU A C   1 
ATOM   390 O  O   . LEU A 1 53  ? -4.766  1.391   -6.969  1.00 8.72  ? 47  LEU A O   1 
ATOM   391 C  CB  . LEU A 1 53  ? -5.304  1.501   -3.760  1.00 10.67 ? 47  LEU A CB  1 
ATOM   392 C  CG  . LEU A 1 53  ? -6.210  2.256   -2.792  1.00 9.95  ? 47  LEU A CG  1 
ATOM   393 C  CD1 . LEU A 1 53  ? -5.292  3.077   -1.918  1.00 10.55 ? 47  LEU A CD1 1 
ATOM   394 C  CD2 . LEU A 1 53  ? -7.183  3.158   -3.513  1.00 11.45 ? 47  LEU A CD2 1 
ATOM   395 N  N   . ILE A 1 54  ? -3.749  -0.241  -5.774  1.00 8.31  ? 48  ILE A N   1 
ATOM   396 C  CA  . ILE A 1 54  ? -2.611  -0.341  -6.661  1.00 9.91  ? 48  ILE A CA  1 
ATOM   397 C  C   . ILE A 1 54  ? -2.142  -1.781  -6.687  1.00 8.90  ? 48  ILE A C   1 
ATOM   398 O  O   . ILE A 1 54  ? -2.166  -2.459  -5.661  1.00 9.62  ? 48  ILE A O   1 
ATOM   399 C  CB  . ILE A 1 54  ? -1.453  0.585   -6.140  1.00 10.99 ? 48  ILE A CB  1 
ATOM   400 C  CG1 . ILE A 1 54  ? -1.708  2.049   -6.528  1.00 11.72 ? 48  ILE A CG1 1 
ATOM   401 C  CG2 . ILE A 1 54  ? -0.097  0.135   -6.643  1.00 10.12 ? 48  ILE A CG2 1 
ATOM   402 C  CD1 . ILE A 1 54  ? -2.108  2.910   -5.382  1.00 15.66 ? 48  ILE A CD1 1 
ATOM   403 N  N   . TYR A 1 55  ? -1.733  -2.250  -7.859  1.00 7.09  ? 49  TYR A N   1 
ATOM   404 C  CA  . TYR A 1 55  ? -1.232  -3.614  -8.018  1.00 9.24  ? 49  TYR A CA  1 
ATOM   405 C  C   . TYR A 1 55  ? 0.056   -3.572  -8.848  1.00 9.40  ? 49  TYR A C   1 
ATOM   406 O  O   . TYR A 1 55  ? 0.349   -2.548  -9.480  1.00 8.85  ? 49  TYR A O   1 
ATOM   407 C  CB  . TYR A 1 55  ? -2.300  -4.548  -8.627  1.00 9.45  ? 49  TYR A CB  1 
ATOM   408 C  CG  . TYR A 1 55  ? -2.880  -4.071  -9.943  1.00 9.91  ? 49  TYR A CG  1 
ATOM   409 C  CD1 . TYR A 1 55  ? -3.873  -3.092  -9.984  1.00 9.70  ? 49  TYR A CD1 1 
ATOM   410 C  CD2 . TYR A 1 55  ? -2.452  -4.624  -11.146 1.00 12.69 ? 49  TYR A CD2 1 
ATOM   411 C  CE1 . TYR A 1 55  ? -4.430  -2.679  -11.193 1.00 10.36 ? 49  TYR A CE1 1 
ATOM   412 C  CE2 . TYR A 1 55  ? -3.005  -4.227  -12.365 1.00 12.52 ? 49  TYR A CE2 1 
ATOM   413 C  CZ  . TYR A 1 55  ? -3.991  -3.267  -12.383 1.00 11.91 ? 49  TYR A CZ  1 
ATOM   414 O  OH  . TYR A 1 55  ? -4.581  -2.968  -13.582 1.00 11.46 ? 49  TYR A OH  1 
ATOM   415 N  N   . TRP A 1 56  ? 0.785   -4.690  -8.904  1.00 8.97  ? 50  TRP A N   1 
ATOM   416 C  CA  . TRP A 1 56  ? 2.085   -4.749  -9.584  1.00 9.53  ? 50  TRP A CA  1 
ATOM   417 C  C   . TRP A 1 56  ? 2.975   -3.634  -9.023  1.00 9.25  ? 50  TRP A C   1 
ATOM   418 O  O   . TRP A 1 56  ? 3.823   -3.086  -9.724  1.00 9.85  ? 50  TRP A O   1 
ATOM   419 C  CB  . TRP A 1 56  ? 1.966   -4.618  -11.115 1.00 9.55  ? 50  TRP A CB  1 
ATOM   420 C  CG  . TRP A 1 56  ? 1.193   -5.707  -11.809 1.00 11.47 ? 50  TRP A CG  1 
ATOM   421 C  CD1 . TRP A 1 56  ? 0.213   -5.535  -12.745 1.00 11.71 ? 50  TRP A CD1 1 
ATOM   422 C  CD2 . TRP A 1 56  ? 1.339   -7.126  -11.643 1.00 12.29 ? 50  TRP A CD2 1 
ATOM   423 N  NE1 . TRP A 1 56  ? -0.262  -6.748  -13.164 1.00 12.94 ? 50  TRP A NE1 1 
ATOM   424 C  CE2 . TRP A 1 56  ? 0.411   -7.743  -12.511 1.00 12.40 ? 50  TRP A CE2 1 
ATOM   425 C  CE3 . TRP A 1 56  ? 2.167   -7.936  -10.854 1.00 11.99 ? 50  TRP A CE3 1 
ATOM   426 C  CZ2 . TRP A 1 56  ? 0.288   -9.137  -12.614 1.00 12.75 ? 50  TRP A CZ2 1 
ATOM   427 C  CZ3 . TRP A 1 56  ? 2.046   -9.313  -10.959 1.00 13.67 ? 50  TRP A CZ3 1 
ATOM   428 C  CH2 . TRP A 1 56  ? 1.114   -9.900  -11.835 1.00 12.26 ? 50  TRP A CH2 1 
ATOM   429 N  N   . ALA A 1 57  ? 2.739   -3.294  -7.753  1.00 10.15 ? 51  ALA A N   1 
ATOM   430 C  CA  . ALA A 1 57  ? 3.455   -2.248  -7.003  1.00 9.86  ? 51  ALA A CA  1 
ATOM   431 C  C   . ALA A 1 57  ? 3.251   -0.777  -7.429  1.00 9.37  ? 51  ALA A C   1 
ATOM   432 O  O   . ALA A 1 57  ? 3.310   0.107   -6.583  1.00 9.53  ? 51  ALA A O   1 
ATOM   433 C  CB  . ALA A 1 57  ? 4.948   -2.565  -6.924  1.00 9.81  ? 51  ALA A CB  1 
ATOM   434 N  N   . SER A 1 58  ? 2.954   -0.529  -8.706  1.00 9.69  ? 52  SER A N   1 
ATOM   435 C  CA  . SER A 1 58  ? 2.807   0.845   -9.209  1.00 11.18 ? 52  SER A CA  1 
ATOM   436 C  C   . SER A 1 58  ? 1.621   1.126   -10.118 1.00 11.65 ? 52  SER A C   1 
ATOM   437 O  O   . SER A 1 58  ? 1.448   2.263   -10.581 1.00 11.78 ? 52  SER A O   1 
ATOM   438 C  CB  . SER A 1 58  ? 4.075   1.263   -9.965  1.00 12.71 ? 52  SER A CB  1 
ATOM   439 O  OG  . SER A 1 58  ? 5.217   1.266   -9.125  1.00 20.66 ? 52  SER A OG  1 
ATOM   440 N  N   . THR A 1 59  ? 0.832   0.112   -10.431 1.00 9.84  ? 53  THR A N   1 
ATOM   441 C  CA  . THR A 1 59  ? -0.309  0.324   -11.292 1.00 10.27 ? 53  THR A CA  1 
ATOM   442 C  C   . THR A 1 59  ? -1.584  0.625   -10.506 1.00 10.87 ? 53  THR A C   1 
ATOM   443 O  O   . THR A 1 59  ? -2.011  -0.156  -9.653  1.00 9.96  ? 53  THR A O   1 
ATOM   444 C  CB  . THR A 1 59  ? -0.525  -0.875  -12.244 1.00 10.55 ? 53  THR A CB  1 
ATOM   445 O  OG1 . THR A 1 59  ? 0.690   -1.145  -12.956 1.00 9.91  ? 53  THR A OG1 1 
ATOM   446 C  CG2 . THR A 1 59  ? -1.635  -0.574  -13.233 1.00 8.40  ? 53  THR A CG2 1 
ATOM   447 N  N   . ARG A 1 60  ? -2.164  1.787   -10.767 1.00 9.88  ? 54  ARG A N   1 
ATOM   448 C  CA  . ARG A 1 60  ? -3.393  2.195   -10.121 1.00 9.77  ? 54  ARG A CA  1 
ATOM   449 C  C   . ARG A 1 60  ? -4.605  1.482   -10.697 1.00 12.01 ? 54  ARG A C   1 
ATOM   450 O  O   . ARG A 1 60  ? -4.717  1.275   -11.915 1.00 12.02 ? 54  ARG A O   1 
ATOM   451 C  CB  . ARG A 1 60  ? -3.604  3.706   -10.284 1.00 10.41 ? 54  ARG A CB  1 
ATOM   452 C  CG  . ARG A 1 60  ? -3.151  4.543   -9.119  1.00 9.85  ? 54  ARG A CG  1 
ATOM   453 C  CD  . ARG A 1 60  ? -3.439  6.011   -9.389  1.00 10.83 ? 54  ARG A CD  1 
ATOM   454 N  NE  . ARG A 1 60  ? -2.632  6.487   -10.509 1.00 11.23 ? 54  ARG A NE  1 
ATOM   455 C  CZ  . ARG A 1 60  ? -3.126  6.991   -11.634 1.00 12.80 ? 54  ARG A CZ  1 
ATOM   456 N  NH1 . ARG A 1 60  ? -4.434  7.103   -11.804 1.00 13.68 ? 54  ARG A NH1 1 
ATOM   457 N  NH2 . ARG A 1 60  ? -2.304  7.364   -12.605 1.00 13.28 ? 54  ARG A NH2 1 
ATOM   458 N  N   . GLU A 1 61  ? -5.536  1.146   -9.817  1.00 12.99 ? 55  GLU A N   1 
ATOM   459 C  CA  . GLU A 1 61  ? -6.783  0.506   -10.223 1.00 12.37 ? 55  GLU A CA  1 
ATOM   460 C  C   . GLU A 1 61  ? -7.657  1.561   -10.916 1.00 12.08 ? 55  GLU A C   1 
ATOM   461 O  O   . GLU A 1 61  ? -7.477  2.778   -10.725 1.00 12.29 ? 55  GLU A O   1 
ATOM   462 C  CB  . GLU A 1 61  ? -7.511  -0.060  -8.998  1.00 13.14 ? 55  GLU A CB  1 
ATOM   463 C  CG  . GLU A 1 61  ? -7.547  -1.578  -8.950  1.00 14.43 ? 55  GLU A CG  1 
ATOM   464 C  CD  . GLU A 1 61  ? -8.291  -2.212  -10.122 1.00 15.52 ? 55  GLU A CD  1 
ATOM   465 O  OE1 . GLU A 1 61  ? -9.107  -1.525  -10.779 1.00 14.92 ? 55  GLU A OE1 1 
ATOM   466 O  OE2 . GLU A 1 61  ? -8.053  -3.408  -10.379 1.00 17.63 ? 55  GLU A OE2 1 
ATOM   467 N  N   . SER A 1 62  ? -8.581  1.093   -11.747 1.00 12.35 ? 56  SER A N   1 
ATOM   468 C  CA  . SER A 1 62  ? -9.484  1.991   -12.466 1.00 13.05 ? 56  SER A CA  1 
ATOM   469 C  C   . SER A 1 62  ? -10.190 2.963   -11.512 1.00 14.31 ? 56  SER A C   1 
ATOM   470 O  O   . SER A 1 62  ? -10.669 2.560   -10.446 1.00 12.86 ? 56  SER A O   1 
ATOM   471 C  CB  . SER A 1 62  ? -10.532 1.174   -13.285 1.00 12.55 ? 56  SER A CB  1 
ATOM   472 N  N   . GLY A 1 63  ? -10.199 4.249   -11.873 1.00 15.07 ? 57  GLY A N   1 
ATOM   473 C  CA  . GLY A 1 63  ? -10.854 5.252   -11.049 1.00 15.07 ? 57  GLY A CA  1 
ATOM   474 C  C   . GLY A 1 63  ? -10.042 5.913   -9.943  1.00 13.92 ? 57  GLY A C   1 
ATOM   475 O  O   . GLY A 1 63  ? -10.361 7.022   -9.523  1.00 14.94 ? 57  GLY A O   1 
ATOM   476 N  N   . VAL A 1 64  ? -8.990  5.249   -9.479  1.00 13.06 ? 58  VAL A N   1 
ATOM   477 C  CA  . VAL A 1 64  ? -8.147  5.785   -8.414  1.00 12.05 ? 58  VAL A CA  1 
ATOM   478 C  C   . VAL A 1 64  ? -7.361  7.007   -8.898  1.00 11.90 ? 58  VAL A C   1 
ATOM   479 O  O   . VAL A 1 64  ? -6.619  6.918   -9.872  1.00 11.75 ? 58  VAL A O   1 
ATOM   480 C  CB  . VAL A 1 64  ? -7.185  4.699   -7.899  1.00 10.86 ? 58  VAL A CB  1 
ATOM   481 C  CG1 . VAL A 1 64  ? -6.318  5.237   -6.772  1.00 11.86 ? 58  VAL A CG1 1 
ATOM   482 C  CG2 . VAL A 1 64  ? -7.985  3.500   -7.419  1.00 9.40  ? 58  VAL A CG2 1 
ATOM   483 N  N   . PRO A 1 65  ? -7.542  8.173   -8.241  1.00 12.71 ? 59  PRO A N   1 
ATOM   484 C  CA  . PRO A 1 65  ? -6.842  9.417   -8.609  1.00 12.61 ? 59  PRO A CA  1 
ATOM   485 C  C   . PRO A 1 65  ? -5.321  9.306   -8.487  1.00 13.18 ? 59  PRO A C   1 
ATOM   486 O  O   . PRO A 1 65  ? -4.806  8.643   -7.570  1.00 12.86 ? 59  PRO A O   1 
ATOM   487 C  CB  . PRO A 1 65  ? -7.410  10.436  -7.625  1.00 14.08 ? 59  PRO A CB  1 
ATOM   488 C  CG  . PRO A 1 65  ? -7.821  9.590   -6.443  1.00 12.78 ? 59  PRO A CG  1 
ATOM   489 C  CD  . PRO A 1 65  ? -8.443  8.407   -7.101  1.00 12.42 ? 59  PRO A CD  1 
ATOM   490 N  N   . ASP A 1 66  ? -4.598  9.974   -9.385  1.00 11.24 ? 60  ASP A N   1 
ATOM   491 C  CA  . ASP A 1 66  ? -3.141  9.893   -9.346  1.00 11.27 ? 60  ASP A CA  1 
ATOM   492 C  C   . ASP A 1 66  ? -2.387  10.469  -8.177  1.00 9.84  ? 60  ASP A C   1 
ATOM   493 O  O   . ASP A 1 66  ? -1.166  10.410  -8.164  1.00 10.26 ? 60  ASP A O   1 
ATOM   494 C  CB  . ASP A 1 66  ? -2.457  10.263  -10.676 1.00 11.48 ? 60  ASP A CB  1 
ATOM   495 C  CG  . ASP A 1 66  ? -2.683  11.692  -11.115 1.00 12.16 ? 60  ASP A CG  1 
ATOM   496 O  OD1 . ASP A 1 66  ? -3.076  12.591  -10.339 1.00 9.79  ? 60  ASP A OD1 1 
ATOM   497 O  OD2 . ASP A 1 66  ? -2.399  11.902  -12.305 1.00 12.48 ? 60  ASP A OD2 1 
ATOM   498 N  N   . ARG A 1 67  ? -3.092  11.035  -7.201  1.00 11.15 ? 61  ARG A N   1 
ATOM   499 C  CA  . ARG A 1 67  ? -2.410  11.530  -6.013  1.00 11.56 ? 61  ARG A CA  1 
ATOM   500 C  C   . ARG A 1 67  ? -1.942  10.317  -5.214  1.00 11.50 ? 61  ARG A C   1 
ATOM   501 O  O   . ARG A 1 67  ? -1.089  10.429  -4.360  1.00 11.61 ? 61  ARG A O   1 
ATOM   502 C  CB  . ARG A 1 67  ? -3.282  12.465  -5.174  1.00 12.73 ? 61  ARG A CB  1 
ATOM   503 C  CG  . ARG A 1 67  ? -4.519  11.865  -4.567  1.00 14.28 ? 61  ARG A CG  1 
ATOM   504 C  CD  . ARG A 1 67  ? -5.188  12.886  -3.638  1.00 15.70 ? 61  ARG A CD  1 
ATOM   505 N  NE  . ARG A 1 67  ? -6.286  12.304  -2.866  1.00 17.30 ? 61  ARG A NE  1 
ATOM   506 C  CZ  . ARG A 1 67  ? -7.542  12.233  -3.298  1.00 17.79 ? 61  ARG A CZ  1 
ATOM   507 N  NH1 . ARG A 1 67  ? -7.867  12.712  -4.499  1.00 19.85 ? 61  ARG A NH1 1 
ATOM   508 N  NH2 . ARG A 1 67  ? -8.462  11.639  -2.564  1.00 16.45 ? 61  ARG A NH2 1 
ATOM   509 N  N   . PHE A 1 68  ? -2.544  9.163   -5.488  1.00 11.87 ? 62  PHE A N   1 
ATOM   510 C  CA  . PHE A 1 68  ? -2.141  7.899   -4.873  1.00 11.18 ? 62  PHE A CA  1 
ATOM   511 C  C   . PHE A 1 68  ? -1.077  7.318   -5.814  1.00 11.61 ? 62  PHE A C   1 
ATOM   512 O  O   . PHE A 1 68  ? -1.364  7.073   -6.991  1.00 12.06 ? 62  PHE A O   1 
ATOM   513 C  CB  . PHE A 1 68  ? -3.300  6.885   -4.834  1.00 9.95  ? 62  PHE A CB  1 
ATOM   514 C  CG  . PHE A 1 68  ? -4.364  7.189   -3.805  1.00 8.06  ? 62  PHE A CG  1 
ATOM   515 C  CD1 . PHE A 1 68  ? -5.435  8.027   -4.103  1.00 8.39  ? 62  PHE A CD1 1 
ATOM   516 C  CD2 . PHE A 1 68  ? -4.293  6.637   -2.537  1.00 7.83  ? 62  PHE A CD2 1 
ATOM   517 C  CE1 . PHE A 1 68  ? -6.412  8.306   -3.150  1.00 8.09  ? 62  PHE A CE1 1 
ATOM   518 C  CE2 . PHE A 1 68  ? -5.275  6.915   -1.578  1.00 5.74  ? 62  PHE A CE2 1 
ATOM   519 C  CZ  . PHE A 1 68  ? -6.322  7.741   -1.885  1.00 5.81  ? 62  PHE A CZ  1 
ATOM   520 N  N   . SER A 1 69  ? 0.130   7.086   -5.310  1.00 12.50 ? 63  SER A N   1 
ATOM   521 C  CA  . SER A 1 69  ? 1.196   6.491   -6.115  1.00 14.05 ? 63  SER A CA  1 
ATOM   522 C  C   . SER A 1 69  ? 1.960   5.412   -5.347  1.00 14.02 ? 63  SER A C   1 
ATOM   523 O  O   . SER A 1 69  ? 2.313   5.593   -4.171  1.00 14.52 ? 63  SER A O   1 
ATOM   524 C  CB  . SER A 1 69  ? 2.164   7.552   -6.615  1.00 17.09 ? 63  SER A CB  1 
ATOM   525 O  OG  . SER A 1 69  ? 2.613   8.374   -5.559  1.00 19.73 ? 63  SER A OG  1 
ATOM   526 N  N   . GLY A 1 70  ? 2.163   4.271   -5.993  1.00 12.84 ? 64  GLY A N   1 
ATOM   527 C  CA  . GLY A 1 70  ? 2.887   3.197   -5.352  1.00 11.17 ? 64  GLY A CA  1 
ATOM   528 C  C   . GLY A 1 70  ? 4.238   3.080   -6.023  1.00 11.20 ? 64  GLY A C   1 
ATOM   529 O  O   . GLY A 1 70  ? 4.338   3.273   -7.243  1.00 11.10 ? 64  GLY A O   1 
ATOM   530 N  N   . SER A 1 71  ? 5.273   2.792   -5.247  1.00 10.76 ? 65  SER A N   1 
ATOM   531 C  CA  . SER A 1 71  ? 6.593   2.663   -5.823  1.00 11.66 ? 65  SER A CA  1 
ATOM   532 C  C   . SER A 1 71  ? 7.432   1.645   -5.064  1.00 12.62 ? 65  SER A C   1 
ATOM   533 O  O   . SER A 1 71  ? 7.001   1.127   -4.026  1.00 8.87  ? 65  SER A O   1 
ATOM   534 C  CB  . SER A 1 71  ? 7.280   4.022   -5.856  1.00 14.00 ? 65  SER A CB  1 
ATOM   535 O  OG  . SER A 1 71  ? 7.479   4.517   -4.557  1.00 16.40 ? 65  SER A OG  1 
ATOM   536 N  N   . GLY A 1 72  ? 8.602   1.330   -5.618  1.00 11.59 ? 66  GLY A N   1 
ATOM   537 C  CA  . GLY A 1 72  ? 9.503   0.379   -5.005  1.00 10.37 ? 66  GLY A CA  1 
ATOM   538 C  C   . GLY A 1 72  ? 9.660   -0.880  -5.825  1.00 11.16 ? 66  GLY A C   1 
ATOM   539 O  O   . GLY A 1 72  ? 8.846   -1.163  -6.692  1.00 12.07 ? 66  GLY A O   1 
ATOM   540 N  N   . SER A 1 73  ? 10.708  -1.644  -5.541  1.00 11.32 ? 67  SER A N   1 
ATOM   541 C  CA  . SER A 1 73  ? 10.972  -2.894  -6.245  1.00 13.71 ? 67  SER A CA  1 
ATOM   542 C  C   . SER A 1 73  ? 11.725  -3.826  -5.302  1.00 12.80 ? 67  SER A C   1 
ATOM   543 O  O   . SER A 1 73  ? 12.456  -3.361  -4.413  1.00 14.67 ? 67  SER A O   1 
ATOM   544 C  CB  . SER A 1 73  ? 11.814  -2.657  -7.511  1.00 14.29 ? 67  SER A CB  1 
ATOM   545 O  OG  . SER A 1 73  ? 11.870  -3.828  -8.311  1.00 15.57 ? 67  SER A OG  1 
ATOM   546 N  N   . GLY A 1 74  ? 11.527  -5.129  -5.489  1.00 12.51 ? 68  GLY A N   1 
ATOM   547 C  CA  . GLY A 1 74  ? 12.196  -6.115  -4.658  1.00 12.47 ? 68  GLY A CA  1 
ATOM   548 C  C   . GLY A 1 74  ? 11.599  -6.279  -3.268  1.00 10.99 ? 68  GLY A C   1 
ATOM   549 O  O   . GLY A 1 74  ? 10.592  -6.976  -3.105  1.00 9.32  ? 68  GLY A O   1 
ATOM   550 N  N   . THR A 1 75  ? 12.187  -5.605  -2.282  1.00 12.62 ? 69  THR A N   1 
ATOM   551 C  CA  . THR A 1 75  ? 11.730  -5.712  -0.903  1.00 12.62 ? 69  THR A CA  1 
ATOM   552 C  C   . THR A 1 75  ? 11.176  -4.461  -0.222  1.00 11.91 ? 69  THR A C   1 
ATOM   553 O  O   . THR A 1 75  ? 10.519  -4.564  0.816   1.00 12.59 ? 69  THR A O   1 
ATOM   554 C  CB  . THR A 1 75  ? 12.856  -6.257  -0.005  1.00 13.83 ? 69  THR A CB  1 
ATOM   555 O  OG1 . THR A 1 75  ? 13.932  -5.316  0.031   1.00 15.50 ? 69  THR A OG1 1 
ATOM   556 C  CG2 . THR A 1 75  ? 13.382  -7.590  -0.549  1.00 13.48 ? 69  THR A CG2 1 
ATOM   557 N  N   . ASP A 1 76  ? 11.423  -3.288  -0.779  1.00 10.70 ? 70  ASP A N   1 
ATOM   558 C  CA  . ASP A 1 76  ? 10.960  -2.063  -0.136  1.00 12.04 ? 70  ASP A CA  1 
ATOM   559 C  C   . ASP A 1 76  ? 9.972   -1.333  -1.010  1.00 11.16 ? 70  ASP A C   1 
ATOM   560 O  O   . ASP A 1 76  ? 10.312  -0.927  -2.111  1.00 10.72 ? 70  ASP A O   1 
ATOM   561 C  CB  . ASP A 1 76  ? 12.146  -1.138  0.185   1.00 15.41 ? 70  ASP A CB  1 
ATOM   562 C  CG  . ASP A 1 76  ? 13.136  -1.759  1.161   1.00 16.67 ? 70  ASP A CG  1 
ATOM   563 O  OD1 . ASP A 1 76  ? 12.740  -2.604  1.978   1.00 19.21 ? 70  ASP A OD1 1 
ATOM   564 O  OD2 . ASP A 1 76  ? 14.321  -1.395  1.118   1.00 19.38 ? 70  ASP A OD2 1 
ATOM   565 N  N   . PHE A 1 77  ? 8.769   -1.129  -0.488  1.00 9.89  ? 71  PHE A N   1 
ATOM   566 C  CA  . PHE A 1 77  ? 7.699   -0.466  -1.211  1.00 10.61 ? 71  PHE A CA  1 
ATOM   567 C  C   . PHE A 1 77  ? 7.077   0.693   -0.433  1.00 11.49 ? 71  PHE A C   1 
ATOM   568 O  O   . PHE A 1 77  ? 7.122   0.734   0.797   1.00 10.60 ? 71  PHE A O   1 
ATOM   569 C  CB  . PHE A 1 77  ? 6.630   -1.494  -1.555  1.00 10.22 ? 71  PHE A CB  1 
ATOM   570 C  CG  . PHE A 1 77  ? 7.160   -2.672  -2.333  1.00 11.35 ? 71  PHE A CG  1 
ATOM   571 C  CD1 . PHE A 1 77  ? 7.274   -2.609  -3.718  1.00 10.44 ? 71  PHE A CD1 1 
ATOM   572 C  CD2 . PHE A 1 77  ? 7.576   -3.831  -1.679  1.00 9.90  ? 71  PHE A CD2 1 
ATOM   573 C  CE1 . PHE A 1 77  ? 7.788   -3.676  -4.436  1.00 11.21 ? 71  PHE A CE1 1 
ATOM   574 C  CE2 . PHE A 1 77  ? 8.096   -4.907  -2.400  1.00 10.48 ? 71  PHE A CE2 1 
ATOM   575 C  CZ  . PHE A 1 77  ? 8.199   -4.824  -3.783  1.00 9.41  ? 71  PHE A CZ  1 
ATOM   576 N  N   . THR A 1 78  ? 6.470   1.625   -1.155  1.00 12.61 ? 72  THR A N   1 
ATOM   577 C  CA  . THR A 1 78  ? 5.865   2.793   -0.528  1.00 12.94 ? 72  THR A CA  1 
ATOM   578 C  C   . THR A 1 78  ? 4.544   3.226   -1.167  1.00 12.29 ? 72  THR A C   1 
ATOM   579 O  O   . THR A 1 78  ? 4.345   3.056   -2.375  1.00 13.62 ? 72  THR A O   1 
ATOM   580 C  CB  . THR A 1 78  ? 6.828   3.997   -0.614  1.00 15.01 ? 72  THR A CB  1 
ATOM   581 O  OG1 . THR A 1 78  ? 7.095   4.291   -1.991  1.00 18.61 ? 72  THR A OG1 1 
ATOM   582 C  CG2 . THR A 1 78  ? 8.158   3.680   0.069   1.00 15.26 ? 72  THR A CG2 1 
ATOM   583 N  N   . LEU A 1 79  ? 3.630   3.725   -0.342  1.00 10.02 ? 73  LEU A N   1 
ATOM   584 C  CA  . LEU A 1 79  ? 2.362   4.263   -0.819  1.00 10.14 ? 73  LEU A CA  1 
ATOM   585 C  C   . LEU A 1 79  ? 2.391   5.733   -0.410  1.00 11.17 ? 73  LEU A C   1 
ATOM   586 O  O   . LEU A 1 79  ? 2.514   6.054   0.782   1.00 10.44 ? 73  LEU A O   1 
ATOM   587 C  CB  . LEU A 1 79  ? 1.144   3.590   -0.176  1.00 9.82  ? 73  LEU A CB  1 
ATOM   588 C  CG  . LEU A 1 79  ? -0.196  4.149   -0.700  1.00 8.58  ? 73  LEU A CG  1 
ATOM   589 C  CD1 . LEU A 1 79  ? -0.378  3.838   -2.179  1.00 9.22  ? 73  LEU A CD1 1 
ATOM   590 C  CD2 . LEU A 1 79  ? -1.350  3.585   0.085   1.00 11.85 ? 73  LEU A CD2 1 
ATOM   591 N  N   . THR A 1 80  ? 2.367   6.622   -1.396  1.00 11.29 ? 74  THR A N   1 
ATOM   592 C  CA  . THR A 1 80  ? 2.383   8.045   -1.100  1.00 12.92 ? 74  THR A CA  1 
ATOM   593 C  C   . THR A 1 80  ? 1.099   8.683   -1.588  1.00 12.76 ? 74  THR A C   1 
ATOM   594 O  O   . THR A 1 80  ? 0.731   8.513   -2.754  1.00 12.46 ? 74  THR A O   1 
ATOM   595 C  CB  . THR A 1 80  ? 3.586   8.773   -1.777  1.00 13.82 ? 74  THR A CB  1 
ATOM   596 O  OG1 . THR A 1 80  ? 3.403   8.802   -3.192  1.00 19.18 ? 74  THR A OG1 1 
ATOM   597 C  CG2 . THR A 1 80  ? 4.879   8.055   -1.498  1.00 13.65 ? 74  THR A CG2 1 
ATOM   598 N  N   . ILE A 1 81  ? 0.378   9.333   -0.676  1.00 11.41 ? 75  ILE A N   1 
ATOM   599 C  CA  . ILE A 1 81  ? -0.840  10.038  -1.029  1.00 14.15 ? 75  ILE A CA  1 
ATOM   600 C  C   . ILE A 1 81  ? -0.460  11.514  -1.048  1.00 15.17 ? 75  ILE A C   1 
ATOM   601 O  O   . ILE A 1 81  ? -0.114  12.072  -0.007  1.00 15.70 ? 75  ILE A O   1 
ATOM   602 C  CB  . ILE A 1 81  ? -1.966  9.901   0.017   1.00 14.27 ? 75  ILE A CB  1 
ATOM   603 C  CG1 . ILE A 1 81  ? -2.126  8.461   0.515   1.00 16.40 ? 75  ILE A CG1 1 
ATOM   604 C  CG2 . ILE A 1 81  ? -3.246  10.455  -0.551  1.00 12.75 ? 75  ILE A CG2 1 
ATOM   605 C  CD1 . ILE A 1 81  ? -1.973  7.399   -0.521  1.00 18.28 ? 75  ILE A CD1 1 
ATOM   606 N  N   . SER A 1 82  ? -0.440  12.116  -2.230  1.00 17.51 ? 76  SER A N   1 
ATOM   607 C  CA  . SER A 1 82  ? -0.111  13.531  -2.354  1.00 20.48 ? 76  SER A CA  1 
ATOM   608 C  C   . SER A 1 82  ? -1.383  14.312  -2.023  1.00 21.50 ? 76  SER A C   1 
ATOM   609 O  O   . SER A 1 82  ? -2.426  14.126  -2.669  1.00 25.91 ? 76  SER A O   1 
ATOM   610 C  CB  . SER A 1 82  ? 0.362   13.858  -3.775  1.00 20.91 ? 76  SER A CB  1 
ATOM   611 O  OG  . SER A 1 82  ? -0.611  14.612  -4.505  1.00 22.42 ? 76  SER A OG  1 
ATOM   612 N  N   . SER A 1 83  ? -1.299  15.183  -1.032  1.00 20.29 ? 77  SER A N   1 
ATOM   613 C  CA  . SER A 1 83  ? -2.446  15.964  -0.623  1.00 17.83 ? 77  SER A CA  1 
ATOM   614 C  C   . SER A 1 83  ? -3.587  15.081  -0.132  1.00 16.58 ? 77  SER A C   1 
ATOM   615 O  O   . SER A 1 83  ? -4.553  14.820  -0.853  1.00 14.04 ? 77  SER A O   1 
ATOM   616 C  CB  . SER A 1 83  ? -2.915  16.881  -1.749  1.00 18.39 ? 77  SER A CB  1 
ATOM   617 O  OG  . SER A 1 83  ? -4.095  17.582  -1.379  1.00 19.68 ? 77  SER A OG  1 
ATOM   618 N  N   . LEU A 1 84  ? -3.485  14.684  1.131   1.00 15.99 ? 78  LEU A N   1 
ATOM   619 C  CA  . LEU A 1 84  ? -4.485  13.854  1.778   1.00 15.84 ? 78  LEU A CA  1 
ATOM   620 C  C   . LEU A 1 84  ? -5.809  14.608  1.849   1.00 16.27 ? 78  LEU A C   1 
ATOM   621 O  O   . LEU A 1 84  ? -5.843  15.783  2.224   1.00 17.05 ? 78  LEU A O   1 
ATOM   622 C  CB  . LEU A 1 84  ? -4.021  13.462  3.183   1.00 17.25 ? 78  LEU A CB  1 
ATOM   623 N  N   . GLN A 1 85  ? -6.887  13.935  1.440   1.00 16.08 ? 79  GLN A N   1 
ATOM   624 C  CA  . GLN A 1 85  ? -8.243  14.482  1.441   1.00 15.56 ? 79  GLN A CA  1 
ATOM   625 C  C   . GLN A 1 85  ? -8.998  13.755  2.531   1.00 16.27 ? 79  GLN A C   1 
ATOM   626 O  O   . GLN A 1 85  ? -8.661  12.621  2.880   1.00 17.17 ? 79  GLN A O   1 
ATOM   627 C  CB  . GLN A 1 85  ? -8.937  14.202  0.109   1.00 16.57 ? 79  GLN A CB  1 
ATOM   628 C  CG  . GLN A 1 85  ? -8.230  14.767  -1.075  1.00 17.45 ? 79  GLN A CG  1 
ATOM   629 C  CD  . GLN A 1 85  ? -8.263  16.288  -1.095  1.00 19.99 ? 79  GLN A CD  1 
ATOM   630 O  OE1 . GLN A 1 85  ? -9.331  16.898  -1.189  1.00 19.70 ? 79  GLN A OE1 1 
ATOM   631 N  NE2 . GLN A 1 85  ? -7.096  16.903  -1.009  1.00 18.24 ? 79  GLN A NE2 1 
ATOM   632 N  N   . ALA A 1 86  ? -10.056 14.371  3.031   1.00 15.89 ? 80  ALA A N   1 
ATOM   633 C  CA  . ALA A 1 86  ? -10.841 13.750  4.091   1.00 17.16 ? 80  ALA A CA  1 
ATOM   634 C  C   . ALA A 1 86  ? -11.293 12.306  3.788   1.00 17.59 ? 80  ALA A C   1 
ATOM   635 O  O   . ALA A 1 86  ? -11.271 11.453  4.677   1.00 16.20 ? 80  ALA A O   1 
ATOM   636 C  CB  . ALA A 1 86  ? -12.038 14.635  4.443   1.00 17.75 ? 80  ALA A CB  1 
ATOM   637 N  N   . GLU A 1 87  ? -11.652 12.018  2.536   1.00 16.91 ? 81  GLU A N   1 
ATOM   638 C  CA  . GLU A 1 87  ? -12.095 10.672  2.181   1.00 17.93 ? 81  GLU A CA  1 
ATOM   639 C  C   . GLU A 1 87  ? -10.968 9.642   2.144   1.00 17.40 ? 81  GLU A C   1 
ATOM   640 O  O   . GLU A 1 87  ? -11.229 8.459   1.908   1.00 18.30 ? 81  GLU A O   1 
ATOM   641 C  CB  . GLU A 1 87  ? -12.858 10.637  0.845   1.00 19.74 ? 81  GLU A CB  1 
ATOM   642 C  CG  . GLU A 1 87  ? -12.020 10.890  -0.413  1.00 22.72 ? 81  GLU A CG  1 
ATOM   643 C  CD  . GLU A 1 87  ? -11.969 12.354  -0.813  1.00 25.94 ? 81  GLU A CD  1 
ATOM   644 O  OE1 . GLU A 1 87  ? -12.429 13.226  -0.035  1.00 27.61 ? 81  GLU A OE1 1 
ATOM   645 O  OE2 . GLU A 1 87  ? -11.470 12.638  -1.922  1.00 27.65 ? 81  GLU A OE2 1 
ATOM   646 N  N   . ASP A 1 88  ? -9.729  10.085  2.358   1.00 15.16 ? 82  ASP A N   1 
ATOM   647 C  CA  . ASP A 1 88  ? -8.580  9.180   2.351   1.00 13.94 ? 82  ASP A CA  1 
ATOM   648 C  C   . ASP A 1 88  ? -8.373  8.490   3.711   1.00 14.38 ? 82  ASP A C   1 
ATOM   649 O  O   . ASP A 1 88  ? -7.541  7.592   3.842   1.00 13.71 ? 82  ASP A O   1 
ATOM   650 C  CB  . ASP A 1 88  ? -7.306  9.929   1.920   1.00 12.82 ? 82  ASP A CB  1 
ATOM   651 C  CG  . ASP A 1 88  ? -7.365  10.423  0.471   1.00 11.67 ? 82  ASP A CG  1 
ATOM   652 O  OD1 . ASP A 1 88  ? -8.271  10.012  -0.282  1.00 10.26 ? 82  ASP A OD1 1 
ATOM   653 O  OD2 . ASP A 1 88  ? -6.503  11.242  0.078   1.00 13.80 ? 82  ASP A OD2 1 
ATOM   654 N  N   . VAL A 1 89  ? -9.142  8.903   4.715   1.00 14.65 ? 83  VAL A N   1 
ATOM   655 C  CA  . VAL A 1 89  ? -9.027  8.316   6.050   1.00 15.77 ? 83  VAL A CA  1 
ATOM   656 C  C   . VAL A 1 89  ? -9.465  6.846   6.054   1.00 16.38 ? 83  VAL A C   1 
ATOM   657 O  O   . VAL A 1 89  ? -10.648 6.517   5.843   1.00 16.95 ? 83  VAL A O   1 
ATOM   658 C  CB  . VAL A 1 89  ? -9.812  9.136   7.117   1.00 16.28 ? 83  VAL A CB  1 
ATOM   659 C  CG1 . VAL A 1 89  ? -9.839  8.390   8.448   1.00 15.20 ? 83  VAL A CG1 1 
ATOM   660 C  CG2 . VAL A 1 89  ? -9.152  10.510  7.304   1.00 16.76 ? 83  VAL A CG2 1 
ATOM   661 N  N   . ALA A 1 90  ? -8.501  5.973   6.333   1.00 14.82 ? 84  ALA A N   1 
ATOM   662 C  CA  . ALA A 1 90  ? -8.715  4.533   6.341   1.00 13.28 ? 84  ALA A CA  1 
ATOM   663 C  C   . ALA A 1 90  ? -7.443  3.847   6.787   1.00 10.23 ? 84  ALA A C   1 
ATOM   664 O  O   . ALA A 1 90  ? -6.450  4.498   7.119   1.00 10.55 ? 84  ALA A O   1 
ATOM   665 C  CB  . ALA A 1 90  ? -9.035  4.069   4.931   1.00 12.99 ? 84  ALA A CB  1 
ATOM   666 N  N   . VAL A 1 91  ? -7.509  2.526   6.867   1.00 8.29  ? 85  VAL A N   1 
ATOM   667 C  CA  . VAL A 1 91  ? -6.328  1.748   7.186   1.00 10.08 ? 85  VAL A CA  1 
ATOM   668 C  C   . VAL A 1 91  ? -5.869  1.198   5.825   1.00 8.52  ? 85  VAL A C   1 
ATOM   669 O  O   . VAL A 1 91  ? -6.688  0.747   5.028   1.00 9.40  ? 85  VAL A O   1 
ATOM   670 C  CB  . VAL A 1 91  ? -6.621  0.599   8.181   1.00 11.47 ? 85  VAL A CB  1 
ATOM   671 C  CG1 . VAL A 1 91  ? -5.346  -0.220  8.429   1.00 11.42 ? 85  VAL A CG1 1 
ATOM   672 C  CG2 . VAL A 1 91  ? -7.148  1.188   9.517   1.00 11.05 ? 85  VAL A CG2 1 
ATOM   673 N  N   . TYR A 1 92  ? -4.581  1.343   5.537   1.00 7.34  ? 86  TYR A N   1 
ATOM   674 C  CA  . TYR A 1 92  ? -3.992  0.899   4.275   1.00 7.37  ? 86  TYR A CA  1 
ATOM   675 C  C   . TYR A 1 92  ? -3.150  -0.332  4.512   1.00 5.97  ? 86  TYR A C   1 
ATOM   676 O  O   . TYR A 1 92  ? -2.412  -0.420  5.497   1.00 6.08  ? 86  TYR A O   1 
ATOM   677 C  CB  . TYR A 1 92  ? -3.144  2.016   3.655   1.00 7.55  ? 86  TYR A CB  1 
ATOM   678 C  CG  . TYR A 1 92  ? -3.983  3.178   3.167   1.00 7.21  ? 86  TYR A CG  1 
ATOM   679 C  CD1 . TYR A 1 92  ? -4.437  4.154   4.056   1.00 6.68  ? 86  TYR A CD1 1 
ATOM   680 C  CD2 . TYR A 1 92  ? -4.391  3.261   1.836   1.00 6.85  ? 86  TYR A CD2 1 
ATOM   681 C  CE1 . TYR A 1 92  ? -5.293  5.183   3.635   1.00 6.96  ? 86  TYR A CE1 1 
ATOM   682 C  CE2 . TYR A 1 92  ? -5.240  4.291   1.407   1.00 6.71  ? 86  TYR A CE2 1 
ATOM   683 C  CZ  . TYR A 1 92  ? -5.689  5.238   2.313   1.00 6.38  ? 86  TYR A CZ  1 
ATOM   684 O  OH  . TYR A 1 92  ? -6.554  6.221   1.902   1.00 9.00  ? 86  TYR A OH  1 
ATOM   685 N  N   . TYR A 1 93  ? -3.300  -1.299  3.623   1.00 7.43  ? 87  TYR A N   1 
ATOM   686 C  CA  . TYR A 1 93  ? -2.582  -2.570  3.720   1.00 7.37  ? 87  TYR A CA  1 
ATOM   687 C  C   . TYR A 1 93  ? -1.826  -2.915  2.449   1.00 7.50  ? 87  TYR A C   1 
ATOM   688 O  O   . TYR A 1 93  ? -2.319  -2.652  1.358   1.00 7.21  ? 87  TYR A O   1 
ATOM   689 C  CB  . TYR A 1 93  ? -3.565  -3.728  3.928   1.00 8.22  ? 87  TYR A CB  1 
ATOM   690 C  CG  . TYR A 1 93  ? -4.321  -3.720  5.225   1.00 9.46  ? 87  TYR A CG  1 
ATOM   691 C  CD1 . TYR A 1 93  ? -5.498  -2.993  5.351   1.00 8.43  ? 87  TYR A CD1 1 
ATOM   692 C  CD2 . TYR A 1 93  ? -3.868  -4.462  6.321   1.00 7.92  ? 87  TYR A CD2 1 
ATOM   693 C  CE1 . TYR A 1 93  ? -6.216  -3.003  6.526   1.00 8.25  ? 87  TYR A CE1 1 
ATOM   694 C  CE2 . TYR A 1 93  ? -4.576  -4.479  7.504   1.00 8.69  ? 87  TYR A CE2 1 
ATOM   695 C  CZ  . TYR A 1 93  ? -5.751  -3.745  7.602   1.00 9.31  ? 87  TYR A CZ  1 
ATOM   696 O  OH  . TYR A 1 93  ? -6.468  -3.711  8.791   1.00 11.82 ? 87  TYR A OH  1 
ATOM   697 N  N   . CYS A 1 94  ? -0.671  -3.560  2.599   1.00 8.80  ? 88  CYS A N   1 
ATOM   698 C  CA  . CYS A 1 94  ? 0.082   -4.036  1.452   1.00 9.04  ? 88  CYS A CA  1 
ATOM   699 C  C   . CYS A 1 94  ? -0.074  -5.547  1.512   1.00 9.13  ? 88  CYS A C   1 
ATOM   700 O  O   . CYS A 1 94  ? -0.392  -6.110  2.570   1.00 8.95  ? 88  CYS A O   1 
ATOM   701 C  CB  . CYS A 1 94  ? 1.551   -3.621  1.479   1.00 11.83 ? 88  CYS A CB  1 
ATOM   702 S  SG  . CYS A 1 94  ? 2.527   -4.157  2.911   1.00 11.86 ? 88  CYS A SG  1 
ATOM   703 N  N   . GLN A 1 95  ? 0.045   -6.181  0.358   1.00 8.99  ? 89  GLN A N   1 
ATOM   704 C  CA  . GLN A 1 95  ? -0.101  -7.620  0.235   1.00 8.27  ? 89  GLN A CA  1 
ATOM   705 C  C   . GLN A 1 95  ? 0.831   -8.103  -0.849  1.00 10.10 ? 89  GLN A C   1 
ATOM   706 O  O   . GLN A 1 95  ? 1.015   -7.417  -1.868  1.00 8.46  ? 89  GLN A O   1 
ATOM   707 C  CB  . GLN A 1 95  ? -1.541  -7.965  -0.196  1.00 9.83  ? 89  GLN A CB  1 
ATOM   708 C  CG  . GLN A 1 95  ? -1.741  -9.428  -0.642  1.00 9.62  ? 89  GLN A CG  1 
ATOM   709 C  CD  . GLN A 1 95  ? -2.901  -9.614  -1.629  1.00 13.09 ? 89  GLN A CD  1 
ATOM   710 O  OE1 . GLN A 1 95  ? -3.100  -8.808  -2.538  1.00 12.62 ? 89  GLN A OE1 1 
ATOM   711 N  NE2 . GLN A 1 95  ? -3.652  -10.706 -1.469  1.00 14.41 ? 89  GLN A NE2 1 
ATOM   712 N  N   . GLN A 1 96  ? 1.428   -9.271  -0.623  1.00 9.74  ? 90  GLN A N   1 
ATOM   713 C  CA  . GLN A 1 96  ? 2.287   -9.876  -1.628  1.00 9.07  ? 90  GLN A CA  1 
ATOM   714 C  C   . GLN A 1 96  ? 1.496   -11.072 -2.133  1.00 9.30  ? 90  GLN A C   1 
ATOM   715 O  O   . GLN A 1 96  ? 0.751   -11.697 -1.371  1.00 11.05 ? 90  GLN A O   1 
ATOM   716 C  CB  . GLN A 1 96  ? 3.639   -10.329 -1.049  1.00 8.58  ? 90  GLN A CB  1 
ATOM   717 C  CG  . GLN A 1 96  ? 3.597   -11.517 -0.088  1.00 8.92  ? 90  GLN A CG  1 
ATOM   718 C  CD  . GLN A 1 96  ? 3.514   -12.896 -0.766  1.00 9.30  ? 90  GLN A CD  1 
ATOM   719 O  OE1 . GLN A 1 96  ? 3.868   -13.071 -1.933  1.00 9.95  ? 90  GLN A OE1 1 
ATOM   720 N  NE2 . GLN A 1 96  ? 3.026   -13.876 -0.020  1.00 10.10 ? 90  GLN A NE2 1 
ATOM   721 N  N   . TYR A 1 97  ? 1.579   -11.316 -3.433  1.00 10.61 ? 91  TYR A N   1 
ATOM   722 C  CA  . TYR A 1 97  ? 0.909   -12.451 -4.050  1.00 9.26  ? 91  TYR A CA  1 
ATOM   723 C  C   . TYR A 1 97  ? 1.929   -13.105 -4.961  1.00 9.30  ? 91  TYR A C   1 
ATOM   724 O  O   . TYR A 1 97  ? 1.605   -13.600 -6.031  1.00 9.47  ? 91  TYR A O   1 
ATOM   725 C  CB  . TYR A 1 97  ? -0.380  -12.035 -4.786  1.00 9.88  ? 91  TYR A CB  1 
ATOM   726 C  CG  . TYR A 1 97  ? -0.240  -10.867 -5.736  1.00 12.53 ? 91  TYR A CG  1 
ATOM   727 C  CD1 . TYR A 1 97  ? -0.257  -9.544  -5.263  1.00 13.35 ? 91  TYR A CD1 1 
ATOM   728 C  CD2 . TYR A 1 97  ? -0.093  -11.070 -7.111  1.00 11.14 ? 91  TYR A CD2 1 
ATOM   729 C  CE1 . TYR A 1 97  ? -0.129  -8.458  -6.148  1.00 11.97 ? 91  TYR A CE1 1 
ATOM   730 C  CE2 . TYR A 1 97  ? 0.034   -9.987  -7.996  1.00 11.77 ? 91  TYR A CE2 1 
ATOM   731 C  CZ  . TYR A 1 97  ? 0.013   -8.695  -7.508  1.00 11.83 ? 91  TYR A CZ  1 
ATOM   732 O  OH  . TYR A 1 97  ? 0.096   -7.620  -8.367  1.00 11.02 ? 91  TYR A OH  1 
ATOM   733 N  N   . TYR A 1 98  ? 3.186   -13.029 -4.532  1.00 8.75  ? 92  TYR A N   1 
ATOM   734 C  CA  . TYR A 1 98  ? 4.310   -13.629 -5.231  1.00 11.25 ? 92  TYR A CA  1 
ATOM   735 C  C   . TYR A 1 98  ? 4.176   -15.159 -5.135  1.00 13.16 ? 92  TYR A C   1 
ATOM   736 O  O   . TYR A 1 98  ? 4.345   -15.876 -6.118  1.00 12.38 ? 92  TYR A O   1 
ATOM   737 C  CB  . TYR A 1 98  ? 5.617   -13.184 -4.578  1.00 11.52 ? 92  TYR A CB  1 
ATOM   738 C  CG  . TYR A 1 98  ? 6.900   -13.617 -5.281  1.00 12.75 ? 92  TYR A CG  1 
ATOM   739 C  CD1 . TYR A 1 98  ? 7.407   -12.890 -6.370  1.00 13.73 ? 92  TYR A CD1 1 
ATOM   740 C  CD2 . TYR A 1 98  ? 7.635   -14.718 -4.827  1.00 12.00 ? 92  TYR A CD2 1 
ATOM   741 C  CE1 . TYR A 1 98  ? 8.601   -13.242 -6.975  1.00 14.07 ? 92  TYR A CE1 1 
ATOM   742 C  CE2 . TYR A 1 98  ? 8.838   -15.079 -5.447  1.00 14.35 ? 92  TYR A CE2 1 
ATOM   743 C  CZ  . TYR A 1 98  ? 9.312   -14.332 -6.519  1.00 14.26 ? 92  TYR A CZ  1 
ATOM   744 O  OH  . TYR A 1 98  ? 10.498  -14.688 -7.137  1.00 15.38 ? 92  TYR A OH  1 
ATOM   745 N  N   . SER A 1 99  ? 3.917   -15.651 -3.931  1.00 12.94 ? 93  SER A N   1 
ATOM   746 C  CA  . SER A 1 99  ? 3.762   -17.082 -3.729  1.00 13.67 ? 93  SER A CA  1 
ATOM   747 C  C   . SER A 1 99  ? 2.816   -17.334 -2.564  1.00 14.97 ? 93  SER A C   1 
ATOM   748 O  O   . SER A 1 99  ? 2.697   -16.510 -1.643  1.00 14.67 ? 93  SER A O   1 
ATOM   749 C  CB  . SER A 1 99  ? 5.124   -17.750 -3.492  1.00 11.83 ? 93  SER A CB  1 
ATOM   750 O  OG  . SER A 1 99  ? 5.889   -17.091 -2.489  1.00 13.06 ? 93  SER A OG  1 
ATOM   751 N  N   . THR A 1 100 ? 2.096   -18.442 -2.639  1.00 16.10 ? 94  THR A N   1 
ATOM   752 C  CA  . THR A 1 100 ? 1.148   -18.822 -1.601  1.00 16.49 ? 94  THR A CA  1 
ATOM   753 C  C   . THR A 1 100 ? 1.942   -19.314 -0.381  1.00 16.93 ? 94  THR A C   1 
ATOM   754 O  O   . THR A 1 100 ? 3.031   -19.861 -0.526  1.00 17.27 ? 94  THR A O   1 
ATOM   755 C  CB  . THR A 1 100 ? 0.180   -19.897 -2.166  1.00 16.17 ? 94  THR A CB  1 
ATOM   756 O  OG1 . THR A 1 100 ? -0.567  -19.325 -3.242  1.00 15.78 ? 94  THR A OG1 1 
ATOM   757 C  CG2 . THR A 1 100 ? -0.795  -20.411 -1.112  1.00 20.17 ? 94  THR A CG2 1 
ATOM   758 N  N   . PRO A 1 101 ? 1.464   -19.022 0.835   1.00 17.18 ? 95  PRO A N   1 
ATOM   759 C  CA  . PRO A 1 101 ? 0.249   -18.270 1.157   1.00 15.86 ? 95  PRO A CA  1 
ATOM   760 C  C   . PRO A 1 101 ? 0.463   -16.766 0.946   1.00 14.67 ? 95  PRO A C   1 
ATOM   761 O  O   . PRO A 1 101 ? 1.482   -16.227 1.363   1.00 14.45 ? 95  PRO A O   1 
ATOM   762 C  CB  . PRO A 1 101 ? 0.039   -18.571 2.649   1.00 17.05 ? 95  PRO A CB  1 
ATOM   763 C  CG  . PRO A 1 101 ? 0.926   -19.775 2.931   1.00 18.09 ? 95  PRO A CG  1 
ATOM   764 C  CD  . PRO A 1 101 ? 2.106   -19.525 2.064   1.00 17.69 ? 95  PRO A CD  1 
ATOM   765 N  N   . TYR A 1 102 ? -0.497  -16.111 0.295   1.00 15.21 ? 96  TYR A N   1 
ATOM   766 C  CA  . TYR A 1 102 ? -0.435  -14.671 0.062   1.00 14.26 ? 96  TYR A CA  1 
ATOM   767 C  C   . TYR A 1 102 ? -0.564  -14.052 1.451   1.00 14.78 ? 96  TYR A C   1 
ATOM   768 O  O   . TYR A 1 102 ? -1.334  -14.537 2.298   1.00 15.98 ? 96  TYR A O   1 
ATOM   769 C  CB  . TYR A 1 102 ? -1.597  -14.215 -0.821  1.00 13.91 ? 96  TYR A CB  1 
ATOM   770 C  CG  . TYR A 1 102 ? -1.595  -14.778 -2.227  1.00 15.28 ? 96  TYR A CG  1 
ATOM   771 C  CD1 . TYR A 1 102 ? -0.444  -15.338 -2.781  1.00 15.73 ? 96  TYR A CD1 1 
ATOM   772 C  CD2 . TYR A 1 102 ? -2.736  -14.698 -3.026  1.00 17.37 ? 96  TYR A CD2 1 
ATOM   773 C  CE1 . TYR A 1 102 ? -0.424  -15.798 -4.093  1.00 17.15 ? 96  TYR A CE1 1 
ATOM   774 C  CE2 . TYR A 1 102 ? -2.726  -15.157 -4.346  1.00 17.89 ? 96  TYR A CE2 1 
ATOM   775 C  CZ  . TYR A 1 102 ? -1.570  -15.701 -4.872  1.00 19.03 ? 96  TYR A CZ  1 
ATOM   776 O  OH  . TYR A 1 102 ? -1.564  -16.119 -6.192  1.00 22.37 ? 96  TYR A OH  1 
ATOM   777 N  N   . SER A 1 103 ? 0.173   -12.979 1.688   1.00 13.75 ? 97  SER A N   1 
ATOM   778 C  CA  . SER A 1 103 ? 0.158   -12.357 3.002   1.00 12.42 ? 97  SER A CA  1 
ATOM   779 C  C   . SER A 1 103 ? 0.021   -10.852 2.945   1.00 13.28 ? 97  SER A C   1 
ATOM   780 O  O   . SER A 1 103 ? 0.335   -10.232 1.917   1.00 10.94 ? 97  SER A O   1 
ATOM   781 C  CB  . SER A 1 103 ? 1.425   -12.732 3.738   1.00 12.44 ? 97  SER A CB  1 
ATOM   782 O  OG  . SER A 1 103 ? 2.553   -12.482 2.929   1.00 12.92 ? 97  SER A OG  1 
ATOM   783 N  N   . PHE A 1 104 ? -0.455  -10.284 4.052   1.00 13.24 ? 98  PHE A N   1 
ATOM   784 C  CA  . PHE A 1 104 ? -0.682  -8.853  4.172   1.00 13.86 ? 98  PHE A CA  1 
ATOM   785 C  C   . PHE A 1 104 ? 0.121   -8.237  5.306   1.00 12.99 ? 98  PHE A C   1 
ATOM   786 O  O   . PHE A 1 104 ? 0.625   -8.944  6.178   1.00 11.66 ? 98  PHE A O   1 
ATOM   787 C  CB  . PHE A 1 104 ? -2.159  -8.565  4.486   1.00 16.39 ? 98  PHE A CB  1 
ATOM   788 C  CG  . PHE A 1 104 ? -3.120  -9.036  3.436   1.00 20.14 ? 98  PHE A CG  1 
ATOM   789 C  CD1 . PHE A 1 104 ? -3.570  -10.367 3.415   1.00 21.29 ? 98  PHE A CD1 1 
ATOM   790 C  CD2 . PHE A 1 104 ? -3.625  -8.145  2.486   1.00 19.87 ? 98  PHE A CD2 1 
ATOM   791 C  CE1 . PHE A 1 104 ? -4.516  -10.798 2.459   1.00 20.26 ? 98  PHE A CE1 1 
ATOM   792 C  CE2 . PHE A 1 104 ? -4.564  -8.571  1.537   1.00 19.13 ? 98  PHE A CE2 1 
ATOM   793 C  CZ  . PHE A 1 104 ? -5.008  -9.893  1.527   1.00 19.51 ? 98  PHE A CZ  1 
ATOM   794 N  N   . GLY A 1 105 ? 0.210   -6.908  5.297   1.00 10.67 ? 99  GLY A N   1 
ATOM   795 C  CA  . GLY A 1 105 ? 0.875   -6.217  6.380   1.00 10.73 ? 99  GLY A CA  1 
ATOM   796 C  C   . GLY A 1 105 ? -0.154  -6.032  7.491   1.00 10.39 ? 99  GLY A C   1 
ATOM   797 O  O   . GLY A 1 105 ? -1.335  -6.323  7.288   1.00 10.76 ? 99  GLY A O   1 
ATOM   798 N  N   . GLN A 1 106 ? 0.264   -5.540  8.656   1.00 12.32 ? 100 GLN A N   1 
ATOM   799 C  CA  . GLN A 1 106 ? -0.674  -5.330  9.765   1.00 13.01 ? 100 GLN A CA  1 
ATOM   800 C  C   . GLN A 1 106 ? -1.509  -4.068  9.543   1.00 12.60 ? 100 GLN A C   1 
ATOM   801 O  O   . GLN A 1 106 ? -2.436  -3.789  10.303  1.00 12.67 ? 100 GLN A O   1 
ATOM   802 C  CB  . GLN A 1 106 ? 0.056   -5.212  11.116  1.00 15.68 ? 100 GLN A CB  1 
ATOM   803 C  CG  . GLN A 1 106 ? 1.105   -6.289  11.417  1.00 20.54 ? 100 GLN A CG  1 
ATOM   804 C  CD  . GLN A 1 106 ? 0.527   -7.643  11.847  1.00 23.14 ? 100 GLN A CD  1 
ATOM   805 O  OE1 . GLN A 1 106 ? -0.432  -8.155  11.255  1.00 26.62 ? 100 GLN A OE1 1 
ATOM   806 N  NE2 . GLN A 1 106 ? 1.150   -8.251  12.852  1.00 22.70 ? 100 GLN A NE2 1 
ATOM   807 N  N   . GLY A 1 107 ? -1.195  -3.323  8.487   1.00 11.34 ? 101 GLY A N   1 
ATOM   808 C  CA  . GLY A 1 107 ? -1.916  -2.103  8.192   1.00 11.50 ? 101 GLY A CA  1 
ATOM   809 C  C   . GLY A 1 107 ? -1.319  -0.841  8.807   1.00 12.82 ? 101 GLY A C   1 
ATOM   810 O  O   . GLY A 1 107 ? -0.487  -0.913  9.714   1.00 12.52 ? 101 GLY A O   1 
ATOM   811 N  N   . THR A 1 108 ? -1.699  0.307   8.250   1.00 11.68 ? 102 THR A N   1 
ATOM   812 C  CA  . THR A 1 108 ? -1.277  1.612   8.745   1.00 11.61 ? 102 THR A CA  1 
ATOM   813 C  C   . THR A 1 108 ? -2.541  2.466   8.762   1.00 12.24 ? 102 THR A C   1 
ATOM   814 O  O   . THR A 1 108 ? -3.201  2.636   7.739   1.00 10.93 ? 102 THR A O   1 
ATOM   815 C  CB  . THR A 1 108 ? -0.217  2.289   7.848   1.00 11.42 ? 102 THR A CB  1 
ATOM   816 O  OG1 . THR A 1 108 ? 0.977   1.497   7.832   1.00 10.69 ? 102 THR A OG1 1 
ATOM   817 C  CG2 . THR A 1 108 ? 0.104   3.690   8.368   1.00 9.56  ? 102 THR A CG2 1 
ATOM   818 N  N   . LYS A 1 109 ? -2.925  2.910   9.954   1.00 14.02 ? 103 LYS A N   1 
ATOM   819 C  CA  . LYS A 1 109 ? -4.105  3.747   10.131  1.00 16.92 ? 103 LYS A CA  1 
ATOM   820 C  C   . LYS A 1 109 ? -3.754  5.205   9.817   1.00 16.51 ? 103 LYS A C   1 
ATOM   821 O  O   . LYS A 1 109 ? -2.931  5.833   10.492  1.00 16.59 ? 103 LYS A O   1 
ATOM   822 C  CB  . LYS A 1 109 ? -4.664  3.584   11.559  1.00 19.58 ? 103 LYS A CB  1 
ATOM   823 C  CG  . LYS A 1 109 ? -3.643  3.817   12.681  1.00 23.64 ? 103 LYS A CG  1 
ATOM   824 C  CD  . LYS A 1 109 ? -4.161  3.399   14.080  1.00 26.27 ? 103 LYS A CD  1 
ATOM   825 C  CE  . LYS A 1 109 ? -3.931  1.902   14.380  1.00 27.06 ? 103 LYS A CE  1 
ATOM   826 N  NZ  . LYS A 1 109 ? -2.505  1.547   14.691  1.00 26.82 ? 103 LYS A NZ  1 
ATOM   827 N  N   . LEU A 1 110 ? -4.344  5.709   8.746   1.00 16.82 ? 104 LEU A N   1 
ATOM   828 C  CA  . LEU A 1 110 ? -4.105  7.069   8.297   1.00 16.93 ? 104 LEU A CA  1 
ATOM   829 C  C   . LEU A 1 110 ? -5.261  7.959   8.723   1.00 17.15 ? 104 LEU A C   1 
ATOM   830 O  O   . LEU A 1 110 ? -6.418  7.735   8.347   1.00 16.77 ? 104 LEU A O   1 
ATOM   831 C  CB  . LEU A 1 110 ? -3.929  7.090   6.775   1.00 18.46 ? 104 LEU A CB  1 
ATOM   832 C  CG  . LEU A 1 110 ? -3.439  8.408   6.183   1.00 19.25 ? 104 LEU A CG  1 
ATOM   833 C  CD1 . LEU A 1 110 ? -2.053  8.733   6.746   1.00 17.29 ? 104 LEU A CD1 1 
ATOM   834 C  CD2 . LEU A 1 110 ? -3.404  8.314   4.648   1.00 19.23 ? 104 LEU A CD2 1 
ATOM   835 N  N   . GLU A 1 111 ? -4.932  8.986   9.495   1.00 17.61 ? 105 GLU A N   1 
ATOM   836 C  CA  . GLU A 1 111 ? -5.928  9.901   10.009  1.00 18.49 ? 105 GLU A CA  1 
ATOM   837 C  C   . GLU A 1 111 ? -5.646  11.353  9.705   1.00 18.16 ? 105 GLU A C   1 
ATOM   838 O  O   . GLU A 1 111 ? -4.511  11.739  9.405   1.00 18.85 ? 105 GLU A O   1 
ATOM   839 C  CB  . GLU A 1 111 ? -6.031  9.735   11.517  1.00 18.55 ? 105 GLU A CB  1 
ATOM   840 C  CG  . GLU A 1 111 ? -6.466  8.348   11.961  1.00 19.93 ? 105 GLU A CG  1 
ATOM   841 C  CD  . GLU A 1 111 ? -5.991  8.037   13.359  1.00 22.43 ? 105 GLU A CD  1 
ATOM   842 O  OE1 . GLU A 1 111 ? -4.854  8.439   13.715  1.00 22.79 ? 105 GLU A OE1 1 
ATOM   843 O  OE2 . GLU A 1 111 ? -6.748  7.376   14.102  1.00 25.56 ? 105 GLU A OE2 1 
ATOM   844 N  N   . ILE A 1 112 ? -6.697  12.162  9.772   1.00 17.89 ? 106 ILE A N   1 
ATOM   845 C  CA  . ILE A 1 112 ? -6.557  13.590  9.548   1.00 18.88 ? 106 ILE A CA  1 
ATOM   846 C  C   . ILE A 1 112 ? -6.047  14.218  10.852  1.00 18.62 ? 106 ILE A C   1 
ATOM   847 O  O   . ILE A 1 112 ? -6.536  13.891  11.952  1.00 18.48 ? 106 ILE A O   1 
ATOM   848 C  CB  . ILE A 1 112 ? -7.891  14.198  9.125   1.00 17.63 ? 106 ILE A CB  1 
ATOM   849 N  N   . LYS A 1 113 ? -4.982  15.003  10.739  1.00 18.76 ? 107 LYS A N   1 
ATOM   850 C  CA  . LYS A 1 113 ? -4.422  15.664  11.905  1.00 20.52 ? 107 LYS A CA  1 
ATOM   851 C  C   . LYS A 1 113 ? -5.282  16.876  12.219  1.00 20.84 ? 107 LYS A C   1 
ATOM   852 O  O   . LYS A 1 113 ? -5.967  16.838  13.264  1.00 23.17 ? 107 LYS A O   1 
ATOM   853 C  CB  . LYS A 1 113 ? -2.970  16.093  11.665  1.00 19.05 ? 107 LYS A CB  1 
ATOM   854 C  CG  . LYS A 1 113 ? -2.374  16.824  12.876  1.00 19.69 ? 107 LYS A CG  1 
ATOM   855 C  CD  . LYS A 1 113 ? -0.871  17.005  12.786  1.00 21.50 ? 107 LYS A CD  1 
ATOM   856 C  CE  . LYS A 1 113 ? -0.321  17.546  14.100  1.00 23.58 ? 107 LYS A CE  1 
ATOM   857 N  NZ  . LYS A 1 113 ? -0.692  16.667  15.259  1.00 24.63 ? 107 LYS A NZ  1 
HETATM 858 U  U   . IUM B 2 .   ? -12.837 -3.518  6.396   0.50 12.03 ? 199 IUM A U   1 
HETATM 859 O  O1  . IUM B 2 .   ? -13.604 -2.034  7.207   0.50 11.46 ? 199 IUM A O1  1 
HETATM 860 O  O2  . IUM B 2 .   ? -12.090 -4.999  5.552   0.50 8.99  ? 199 IUM A O2  1 
HETATM 861 ZN ZN  . ZN  C 3 .   ? -2.115  13.901  -12.745 1.00 14.06 ? 200 ZN  A ZN  1 
HETATM 862 O  O   . HOH D 4 .   ? 3.989   -16.463 2.123   1.00 18.63 ? 201 HOH A O   1 
HETATM 863 O  O   . HOH D 4 .   ? 4.864   -17.959 0.271   1.00 21.61 ? 202 HOH A O   1 
HETATM 864 O  O   . HOH D 4 .   ? 7.563   -19.113 1.705   1.00 22.91 ? 203 HOH A O   1 
HETATM 865 O  O   . HOH D 4 .   ? 6.313   -21.543 0.538   1.00 22.96 ? 204 HOH A O   1 
HETATM 866 O  O   . HOH D 4 .   ? 8.035   -19.229 -1.621  1.00 16.23 ? 205 HOH A O   1 
HETATM 867 O  O   . HOH D 4 .   ? 10.970  -18.559 -1.612  1.00 17.31 ? 206 HOH A O   1 
HETATM 868 O  O   . HOH D 4 .   ? 13.392  -19.027 -0.324  1.00 29.06 ? 207 HOH A O   1 
HETATM 869 O  O   . HOH D 4 .   ? 2.402   -15.758 4.136   1.00 31.09 ? 208 HOH A O   1 
HETATM 870 O  O   . HOH D 4 .   ? 2.903   -13.734 6.748   1.00 26.07 ? 209 HOH A O   1 
HETATM 871 O  O   . HOH D 4 .   ? 2.924   -10.852 6.594   1.00 16.83 ? 210 HOH A O   1 
HETATM 872 O  O   . HOH D 4 .   ? 2.811   -7.547  9.312   1.00 30.06 ? 211 HOH A O   1 
HETATM 873 O  O   . HOH D 4 .   ? 9.167   -8.120  6.550   1.00 20.76 ? 212 HOH A O   1 
HETATM 874 O  O   . HOH D 4 .   ? 8.373   -1.211  6.969   1.00 21.52 ? 213 HOH A O   1 
HETATM 875 O  O   . HOH D 4 .   ? 9.472   0.979   2.054   1.00 19.21 ? 214 HOH A O   1 
HETATM 876 O  O   . HOH D 4 .   ? 10.466  -14.834 3.388   1.00 21.96 ? 215 HOH A O   1 
HETATM 877 O  O   . HOH D 4 .   ? 12.557  -13.791 -9.387  1.00 18.62 ? 216 HOH A O   1 
HETATM 878 O  O   . HOH D 4 .   ? 5.186   -8.610  -17.426 1.00 18.42 ? 217 HOH A O   1 
HETATM 879 O  O   . HOH D 4 .   ? 5.698   -4.218  -10.921 1.00 16.55 ? 218 HOH A O   1 
HETATM 880 O  O   . HOH D 4 .   ? 2.478   -14.894 -12.570 1.00 19.12 ? 219 HOH A O   1 
HETATM 881 O  O   . HOH D 4 .   ? 6.973   -14.842 -17.133 1.00 26.35 ? 220 HOH A O   1 
HETATM 882 O  O   . HOH D 4 .   ? 4.124   -13.942 -16.861 1.00 30.96 ? 221 HOH A O   1 
HETATM 883 O  O   . HOH D 4 .   ? 4.521   -14.563 -19.464 1.00 23.17 ? 222 HOH A O   1 
HETATM 884 O  O   . HOH D 4 .   ? 12.857  -13.333 -19.001 1.00 20.63 ? 223 HOH A O   1 
HETATM 885 O  O   . HOH D 4 .   ? -11.780 -7.935  4.763   1.00 28.02 ? 224 HOH A O   1 
HETATM 886 O  O   . HOH D 4 .   ? 4.334   -0.219  -4.011  1.00 12.28 ? 225 HOH A O   1 
HETATM 887 O  O   . HOH D 4 .   ? -12.357 2.428   -0.093  1.00 17.27 ? 226 HOH A O   1 
HETATM 888 O  O   . HOH D 4 .   ? -13.007 0.576   1.878   1.00 13.65 ? 227 HOH A O   1 
HETATM 889 O  O   . HOH D 4 .   ? -15.209 -1.220  -0.545  1.00 19.06 ? 228 HOH A O   1 
HETATM 890 O  O   . HOH D 4 .   ? -14.781 0.987   -2.684  1.00 18.04 ? 229 HOH A O   1 
HETATM 891 O  O   . HOH D 4 .   ? -8.959  -2.682  8.732   1.00 12.74 ? 230 HOH A O   1 
HETATM 892 O  O   . HOH D 4 .   ? -10.893 -0.278  8.409   1.00 24.63 ? 231 HOH A O   1 
HETATM 893 O  O   . HOH D 4 .   ? -11.444 1.157   10.636  1.00 28.28 ? 232 HOH A O   1 
HETATM 894 O  O   . HOH D 4 .   ? -6.475  -1.047  -13.536 1.00 13.04 ? 233 HOH A O   1 
HETATM 895 O  O   . HOH D 4 .   ? 6.495   -0.930  -11.231 1.00 28.88 ? 234 HOH A O   1 
HETATM 896 O  O   . HOH D 4 .   ? 1.388   4.413   -8.832  1.00 20.13 ? 235 HOH A O   1 
HETATM 897 O  O   . HOH D 4 .   ? -0.009  6.816   -9.469  1.00 16.29 ? 236 HOH A O   1 
HETATM 898 O  O   . HOH D 4 .   ? 1.051   6.538   -12.584 1.00 25.32 ? 237 HOH A O   1 
HETATM 899 O  O   . HOH D 4 .   ? 1.194   9.203   -10.127 1.00 16.57 ? 238 HOH A O   1 
HETATM 900 O  O   . HOH D 4 .   ? -1.442  3.277   -13.072 1.00 18.66 ? 239 HOH A O   1 
HETATM 901 O  O   . HOH D 4 .   ? -7.809  -4.825  -12.770 1.00 27.03 ? 240 HOH A O   1 
HETATM 902 O  O   . HOH D 4 .   ? 5.349   5.859   -3.544  1.00 13.28 ? 241 HOH A O   1 
HETATM 903 O  O   . HOH D 4 .   ? 5.070   7.643   -6.214  1.00 26.93 ? 242 HOH A O   1 
HETATM 904 O  O   . HOH D 4 .   ? 14.759  -4.664  -2.811  1.00 32.12 ? 243 HOH A O   1 
HETATM 905 O  O   . HOH D 4 .   ? 12.547  -0.392  -3.676  1.00 18.07 ? 244 HOH A O   1 
HETATM 906 O  O   . HOH D 4 .   ? 14.908  -0.992  -2.784  1.00 28.47 ? 245 HOH A O   1 
HETATM 907 O  O   . HOH D 4 .   ? -15.645 -1.302  11.721  1.00 28.05 ? 246 HOH A O   1 
HETATM 908 O  O   . HOH D 4 .   ? -9.803  7.892   -1.160  1.00 11.83 ? 247 HOH A O   1 
HETATM 909 O  O   . HOH D 4 .   ? -12.683 7.592   -1.440  1.00 27.27 ? 248 HOH A O   1 
HETATM 910 O  O   . HOH D 4 .   ? -1.009  -14.029 -8.768  1.00 30.21 ? 249 HOH A O   1 
HETATM 911 O  O   . HOH D 4 .   ? 1.368   -16.196 6.416   1.00 27.64 ? 250 HOH A O   1 
HETATM 912 O  O   . HOH D 4 .   ? -0.655  -15.236 5.100   1.00 27.57 ? 251 HOH A O   1 
HETATM 913 O  O   . HOH D 4 .   ? 8.531   -16.472 7.328   1.00 19.55 ? 252 HOH A O   1 
HETATM 914 O  O   . HOH D 4 .   ? 6.384   -16.472 8.849   1.00 22.27 ? 253 HOH A O   1 
HETATM 915 O  O   . HOH D 4 .   ? 2.817   -4.624  9.480   1.00 12.72 ? 254 HOH A O   1 
HETATM 916 O  O   . HOH D 4 .   ? 9.380   -0.764  9.458   1.00 31.15 ? 255 HOH A O   1 
HETATM 917 O  O   . HOH D 4 .   ? 10.512  1.347   11.015  1.00 30.51 ? 256 HOH A O   1 
HETATM 918 O  O   . HOH D 4 .   ? 9.830   3.752   8.137   1.00 29.50 ? 257 HOH A O   1 
HETATM 919 O  O   . HOH D 4 .   ? -1.653  22.149  4.892   1.00 23.78 ? 258 HOH A O   1 
HETATM 920 O  O   . HOH D 4 .   ? 2.595   15.021  6.103   1.00 22.08 ? 259 HOH A O   1 
HETATM 921 O  O   . HOH D 4 .   ? 4.098   10.820  6.105   1.00 16.65 ? 260 HOH A O   1 
HETATM 922 O  O   . HOH D 4 .   ? 4.280   12.832  8.287   1.00 31.79 ? 261 HOH A O   1 
HETATM 923 O  O   . HOH D 4 .   ? 12.248  -14.232 -3.942  1.00 23.58 ? 262 HOH A O   1 
HETATM 924 O  O   . HOH D 4 .   ? 12.341  -12.924 -6.666  1.00 24.12 ? 263 HOH A O   1 
HETATM 925 O  O   . HOH D 4 .   ? 14.813  -12.331 -1.694  1.00 21.58 ? 264 HOH A O   1 
HETATM 926 O  O   . HOH D 4 .   ? -11.916 -4.566  8.461   0.50 17.08 ? 265 HOH A O   1 
HETATM 927 O  O   . HOH D 4 .   ? 15.533  -15.912 -12.482 1.00 33.00 ? 266 HOH A O   1 
HETATM 928 O  O   . HOH D 4 .   ? 16.301  -14.104 -10.757 1.00 24.14 ? 267 HOH A O   1 
HETATM 929 O  O   . HOH D 4 .   ? -11.926 4.774   -2.597  1.00 25.85 ? 268 HOH A O   1 
HETATM 930 O  O   . HOH D 4 .   ? -9.826  6.263   -4.594  1.00 20.42 ? 269 HOH A O   1 
HETATM 931 O  O   . HOH D 4 .   ? -14.357 3.620   -2.115  1.00 24.22 ? 270 HOH A O   1 
HETATM 932 O  O   . HOH D 4 .   ? -10.561 -6.442  -1.407  1.00 19.46 ? 271 HOH A O   1 
HETATM 933 O  O   . HOH D 4 .   ? 14.078  -19.274 -6.838  1.00 24.47 ? 272 HOH A O   1 
HETATM 934 O  O   . HOH D 4 .   ? 12.588  -16.460 -7.298  1.00 26.53 ? 273 HOH A O   1 
HETATM 935 O  O   . HOH D 4 .   ? -8.614  -9.947  -2.957  1.00 24.44 ? 274 HOH A O   1 
HETATM 936 O  O   . HOH D 4 .   ? -5.946  -11.598 -3.270  1.00 25.92 ? 275 HOH A O   1 
HETATM 937 O  O   . HOH D 4 .   ? -3.509  -9.550  -6.517  1.00 23.16 ? 276 HOH A O   1 
HETATM 938 O  O   . HOH D 4 .   ? -4.641  -7.872  -8.100  1.00 27.29 ? 277 HOH A O   1 
HETATM 939 O  O   . HOH D 4 .   ? 14.894  -17.748 1.391   1.00 35.95 ? 278 HOH A O   1 
HETATM 940 O  O   . HOH D 4 .   ? 7.076   -0.705  -8.703  1.00 24.76 ? 279 HOH A O   1 
HETATM 941 O  O   . HOH D 4 .   ? 2.636   2.434   -12.807 1.00 30.16 ? 280 HOH A O   1 
HETATM 942 O  O   . HOH D 4 .   ? 4.470   4.801   -13.117 1.00 27.08 ? 281 HOH A O   1 
HETATM 943 O  O   . HOH D 4 .   ? 0.444   3.141   -14.938 1.00 32.90 ? 282 HOH A O   1 
HETATM 944 O  O   . HOH D 4 .   ? -6.282  4.154   -12.965 1.00 26.51 ? 283 HOH A O   1 
HETATM 945 O  O   . HOH D 4 .   ? -5.884  1.998   -15.646 1.00 30.14 ? 284 HOH A O   1 
HETATM 946 O  O   . HOH D 4 .   ? -6.168  11.618  -11.554 1.00 23.18 ? 285 HOH A O   1 
HETATM 947 O  O   . HOH D 4 .   ? -9.688  9.177   -11.020 1.00 29.63 ? 286 HOH A O   1 
HETATM 948 O  O   . HOH D 4 .   ? -11.753 3.266   -8.104  1.00 17.17 ? 287 HOH A O   1 
HETATM 949 O  O   . HOH D 4 .   ? -13.994 4.010   -9.434  1.00 25.25 ? 288 HOH A O   1 
HETATM 950 O  O   . HOH D 4 .   ? -11.941 5.388   -6.713  1.00 23.06 ? 289 HOH A O   1 
HETATM 951 O  O   . HOH D 4 .   ? 1.554   10.661  -4.520  1.00 20.32 ? 290 HOH A O   1 
HETATM 952 O  O   . HOH D 4 .   ? 4.382   5.169   -9.469  1.00 23.10 ? 291 HOH A O   1 
HETATM 953 O  O   . HOH D 4 .   ? 14.645  -4.725  -7.175  1.00 26.48 ? 292 HOH A O   1 
HETATM 954 O  O   . HOH D 4 .   ? -12.895 7.813   4.252   1.00 22.18 ? 293 HOH A O   1 
HETATM 955 O  O   . HOH D 4 .   ? -6.122  -6.520  10.572  1.00 31.29 ? 294 HOH A O   1 
HETATM 956 O  O   . HOH D 4 .   ? -3.391  -5.443  12.780  1.00 26.25 ? 295 HOH A O   1 
HETATM 957 O  O   . HOH D 4 .   ? -5.348  -8.068  8.298   1.00 31.89 ? 296 HOH A O   1 
HETATM 958 O  O   . HOH D 4 .   ? -2.609  -8.473  9.164   1.00 30.49 ? 297 HOH A O   1 
HETATM 959 O  O   . HOH D 4 .   ? 0.074   -9.486  9.163   1.00 24.90 ? 298 HOH A O   1 
HETATM 960 O  O   . HOH D 4 .   ? -1.197  -12.432 5.947   1.00 26.06 ? 299 HOH A O   1 
HETATM 961 O  O   . HOH D 4 .   ? -3.822  -13.285 5.692   1.00 26.83 ? 300 HOH A O   1 
HETATM 962 O  O   . HOH D 4 .   ? -0.693  -14.827 7.752   1.00 34.08 ? 301 HOH A O   1 
# 
